data_3T3Z
#
_entry.id   3T3Z
#
_cell.length_a   100.638
_cell.length_b   100.638
_cell.length_c   259.453
_cell.angle_alpha   90.00
_cell.angle_beta   90.00
_cell.angle_gamma   90.00
#
_symmetry.space_group_name_H-M   'P 41'
#
loop_
_entity.id
_entity.type
_entity.pdbx_description
1 polymer 'Cytochrome P450 2E1'
2 branched beta-D-fructofuranose-(2-1)-alpha-D-glucopyranose
3 non-polymer 'PROTOPORPHYRIN IX CONTAINING FE'
4 non-polymer (3S,4R)-3-ethyl-4-[(1-methyl-1H-imidazol-5-yl)methyl]dihydrofuran-2(3H)-one
5 water water
#
_entity_poly.entity_id   1
_entity_poly.type   'polypeptide(L)'
_entity_poly.pdbx_seq_one_letter_code
;MAKKTSSKGKLPPGPFPLPIIGNLFQLELKNIPKSFTRLAQRFGPVFTLYVGSQRMVVMHGYKAVKEALLDYKDEFSGRG
DLPAFHAHRDRGIIFNNGPTWKDIRRFSLTTLRNYGMGKQGNESRIQREAHFLLEALRKTQGQPFDPTFLIGCAPCNVIA
DILFRKHFDYNDEKFLRLMYLFNENFHLLSTPWLQLYNNFPSFLHYLPGSHRKVIKNVAEVKEYVSERVKEHHQSLDPNC
PRDLTDCLLVEMEKEKHSAERLYTMDGITVTVADLFFAGTETTSTTLRYGLLILMKYPEIEEKLHEEIDRVIGPSRIPAI
KDRQEMPYMDAVVHEIQRFITLVPSNLPHEATRDTIFRGYLIPKGTVVVPTLDSVLYDNQEFPDPEKFKPEHFLNENGKF
KYSDYFKPFSTGKRVCAGEGLARMELFLLLCAILQHFNLKPLVDPKDIDLSPIHIGFGCIPPRYKLCVIPRSHHHH
;
_entity_poly.pdbx_strand_id   A,B,C,D
#
loop_
_chem_comp.id
_chem_comp.type
_chem_comp.name
_chem_comp.formula
9PL non-polymer (3S,4R)-3-ethyl-4-[(1-methyl-1H-imidazol-5-yl)methyl]dihydrofuran-2(3H)-one 'C11 H16 N2 O2'
FRU D-saccharide, beta linking beta-D-fructofuranose 'C6 H12 O6'
GLC D-saccharide, alpha linking alpha-D-glucopyranose 'C6 H12 O6'
HEM non-polymer 'PROTOPORPHYRIN IX CONTAINING FE' 'C34 H32 Fe N4 O4'
#
# COMPACT_ATOMS: atom_id res chain seq x y z
N LYS A 10 52.90 45.69 18.07
CA LYS A 10 53.28 44.28 17.71
C LYS A 10 52.07 43.40 17.34
N LEU A 11 52.23 42.62 16.29
CA LEU A 11 51.20 41.70 15.82
C LEU A 11 51.22 40.41 16.64
N PRO A 12 50.09 39.67 16.69
CA PRO A 12 50.11 38.34 17.30
C PRO A 12 51.22 37.48 16.69
N PRO A 13 51.82 36.58 17.47
CA PRO A 13 52.94 35.77 16.96
C PRO A 13 52.51 34.90 15.78
N GLY A 14 53.46 34.47 14.95
CA GLY A 14 53.18 33.57 13.84
C GLY A 14 54.41 33.26 13.00
N PRO A 15 54.25 32.39 11.98
CA PRO A 15 55.38 31.96 11.14
C PRO A 15 55.97 33.05 10.25
N PHE A 16 57.28 33.00 10.05
CA PHE A 16 57.94 33.96 9.16
C PHE A 16 57.47 33.74 7.71
N PRO A 17 56.91 34.78 7.08
CA PRO A 17 56.36 34.66 5.71
C PRO A 17 57.39 34.87 4.58
N LEU A 18 57.11 34.29 3.42
CA LEU A 18 57.98 34.45 2.26
C LEU A 18 57.43 35.46 1.27
N PRO A 19 58.31 36.02 0.41
CA PRO A 19 57.85 36.91 -0.67
C PRO A 19 56.79 36.25 -1.55
N ILE A 20 55.80 37.05 -1.94
CA ILE A 20 54.66 36.62 -2.78
C ILE A 20 53.69 35.63 -2.11
N ILE A 21 54.20 34.48 -1.67
CA ILE A 21 53.31 33.42 -1.15
C ILE A 21 52.94 33.54 0.33
N GLY A 22 53.73 34.30 1.10
CA GLY A 22 53.53 34.44 2.53
C GLY A 22 53.78 33.12 3.23
N ASN A 23 52.82 32.71 4.04
CA ASN A 23 52.86 31.46 4.81
C ASN A 23 52.15 30.27 4.11
N LEU A 24 52.20 30.23 2.80
CA LEU A 24 51.53 29.15 2.05
C LEU A 24 52.11 27.75 2.35
N PHE A 25 53.41 27.66 2.62
CA PHE A 25 54.04 26.38 3.01
C PHE A 25 53.56 25.84 4.36
N GLN A 26 53.09 26.74 5.23
CA GLN A 26 52.53 26.35 6.53
C GLN A 26 51.07 25.88 6.44
N LEU A 27 50.51 25.86 5.24
CA LEU A 27 49.11 25.46 5.06
C LEU A 27 48.96 24.24 4.16
N GLU A 28 48.15 23.29 4.59
CA GLU A 28 47.71 22.19 3.73
C GLU A 28 46.41 22.66 3.06
N LEU A 29 46.44 22.88 1.75
CA LEU A 29 45.29 23.44 1.04
C LEU A 29 44.01 22.62 1.21
N LYS A 30 44.17 21.29 1.33
CA LYS A 30 43.00 20.44 1.42
C LYS A 30 42.43 20.28 2.83
N ASN A 31 43.13 20.86 3.82
CA ASN A 31 42.67 20.84 5.20
C ASN A 31 43.22 22.03 6.01
N ILE A 32 42.75 23.23 5.64
CA ILE A 32 43.13 24.47 6.34
C ILE A 32 42.82 24.40 7.84
N PRO A 33 41.63 23.87 8.24
CA PRO A 33 41.34 23.77 9.67
C PRO A 33 42.39 23.00 10.47
N LYS A 34 42.84 21.86 9.93
CA LYS A 34 43.93 21.08 10.55
C LYS A 34 45.22 21.88 10.67
N SER A 35 45.54 22.68 9.65
CA SER A 35 46.74 23.51 9.66
C SER A 35 46.66 24.61 10.72
N PHE A 36 45.46 25.19 10.89
CA PHE A 36 45.20 26.19 11.93
C PHE A 36 45.47 25.59 13.30
N THR A 37 44.96 24.38 13.51
CA THR A 37 45.12 23.66 14.76
C THR A 37 46.61 23.35 15.06
N ARG A 38 47.34 22.86 14.06
CA ARG A 38 48.80 22.67 14.15
C ARG A 38 49.54 23.97 14.51
N LEU A 39 49.14 25.07 13.88
CA LEU A 39 49.71 26.38 14.15
C LEU A 39 49.39 26.91 15.56
N ALA A 40 48.24 26.50 16.09
CA ALA A 40 47.82 26.87 17.46
C ALA A 40 48.71 26.25 18.55
N GLN A 41 49.13 24.98 18.39
CA GLN A 41 50.04 24.34 19.33
C GLN A 41 51.38 25.08 19.37
N ARG A 42 51.76 25.57 18.20
CA ARG A 42 53.05 26.20 17.98
C ARG A 42 53.09 27.67 18.45
N PHE A 43 52.04 28.43 18.18
CA PHE A 43 52.05 29.88 18.43
C PHE A 43 51.04 30.38 19.48
N GLY A 44 50.07 29.55 19.84
CA GLY A 44 49.03 29.91 20.82
C GLY A 44 47.67 30.22 20.18
N PRO A 45 46.69 30.63 21.01
CA PRO A 45 45.28 30.78 20.62
C PRO A 45 44.96 31.99 19.73
N VAL A 46 45.98 32.81 19.46
CA VAL A 46 45.86 33.93 18.52
C VAL A 46 47.18 34.13 17.77
N PHE A 47 47.13 33.94 16.45
CA PHE A 47 48.34 33.98 15.63
C PHE A 47 48.16 34.68 14.26
N THR A 48 49.24 35.25 13.77
CA THR A 48 49.22 35.97 12.50
C THR A 48 49.62 35.02 11.36
N LEU A 49 49.02 35.24 10.20
CA LEU A 49 49.29 34.46 9.02
C LEU A 49 49.18 35.38 7.81
N TYR A 50 50.01 35.13 6.81
CA TYR A 50 49.83 35.75 5.52
C TYR A 50 49.57 34.64 4.51
N VAL A 51 48.42 34.69 3.86
CA VAL A 51 48.23 33.81 2.73
C VAL A 51 48.20 34.71 1.49
N GLY A 52 49.32 34.72 0.79
CA GLY A 52 49.56 35.70 -0.26
C GLY A 52 49.98 37.01 0.37
N SER A 53 49.31 38.09 -0.01
CA SER A 53 49.56 39.38 0.61
C SER A 53 48.42 39.81 1.53
N GLN A 54 47.49 38.89 1.81
CA GLN A 54 46.42 39.17 2.78
C GLN A 54 46.78 38.65 4.17
N ARG A 55 46.93 39.60 5.10
CA ARG A 55 47.25 39.35 6.49
C ARG A 55 45.98 38.92 7.21
N MET A 56 46.08 37.83 7.99
CA MET A 56 44.98 37.41 8.81
C MET A 56 45.38 37.05 10.23
N VAL A 57 44.43 37.22 11.13
CA VAL A 57 44.59 36.79 12.51
C VAL A 57 43.54 35.71 12.78
N VAL A 58 44.01 34.60 13.33
CA VAL A 58 43.17 33.44 13.60
C VAL A 58 42.97 33.33 15.11
N MET A 59 41.71 33.26 15.52
CA MET A 59 41.37 32.87 16.89
C MET A 59 41.13 31.38 16.95
N HIS A 60 41.71 30.73 17.96
CA HIS A 60 41.61 29.29 18.11
C HIS A 60 41.32 28.92 19.55
N GLY A 61 40.25 28.16 19.74
CA GLY A 61 39.83 27.75 21.08
C GLY A 61 38.72 28.61 21.62
N TYR A 62 37.97 28.07 22.57
CA TYR A 62 36.77 28.73 23.09
C TYR A 62 37.07 30.14 23.64
N LYS A 63 38.04 30.25 24.54
CA LYS A 63 38.32 31.56 25.17
C LYS A 63 38.61 32.65 24.13
N ALA A 64 39.54 32.37 23.21
CA ALA A 64 39.93 33.34 22.19
C ALA A 64 38.76 33.69 21.28
N VAL A 65 38.01 32.69 20.85
CA VAL A 65 36.89 32.90 19.91
C VAL A 65 35.78 33.67 20.60
N LYS A 66 35.43 33.25 21.81
CA LYS A 66 34.39 33.94 22.57
C LYS A 66 34.75 35.40 22.87
N GLU A 67 35.99 35.64 23.29
CA GLU A 67 36.46 37.00 23.57
C GLU A 67 36.40 37.86 22.31
N ALA A 68 36.87 37.30 21.19
CA ALA A 68 36.87 38.01 19.91
C ALA A 68 35.47 38.44 19.49
N LEU A 69 34.52 37.52 19.58
CA LEU A 69 33.15 37.77 19.13
C LEU A 69 32.25 38.50 20.15
N LEU A 70 32.57 38.38 21.44
CA LEU A 70 31.68 38.91 22.47
C LEU A 70 32.20 40.15 23.24
N ASP A 71 33.51 40.21 23.47
CA ASP A 71 34.13 41.39 24.12
C ASP A 71 34.64 42.42 23.10
N TYR A 72 34.84 42.00 21.86
CA TYR A 72 35.30 42.89 20.80
C TYR A 72 34.27 42.93 19.66
N LYS A 73 33.01 43.12 20.04
CA LYS A 73 31.86 43.02 19.13
C LYS A 73 31.99 43.88 17.88
N ASP A 74 32.13 45.19 18.06
CA ASP A 74 32.16 46.11 16.94
C ASP A 74 33.51 46.12 16.22
N GLU A 75 34.57 45.77 16.95
CA GLU A 75 35.91 45.79 16.37
C GLU A 75 36.14 44.74 15.30
N PHE A 76 35.46 43.59 15.42
CA PHE A 76 35.66 42.50 14.48
C PHE A 76 34.37 42.09 13.74
N SER A 77 33.42 43.04 13.63
CA SER A 77 32.12 42.78 13.01
C SER A 77 32.10 42.98 11.49
N GLY A 78 33.27 43.18 10.92
CA GLY A 78 33.40 43.28 9.48
C GLY A 78 33.43 41.92 8.82
N ARG A 79 33.21 41.92 7.51
CA ARG A 79 33.20 40.68 6.73
C ARG A 79 34.37 40.61 5.74
N GLY A 80 35.21 39.59 5.89
CA GLY A 80 36.37 39.40 5.02
C GLY A 80 35.97 39.17 3.57
N ASP A 81 36.81 39.61 2.64
CA ASP A 81 36.49 39.45 1.22
C ASP A 81 36.52 37.99 0.75
N LEU A 82 35.59 37.65 -0.15
CA LEU A 82 35.51 36.31 -0.72
C LEU A 82 35.26 36.42 -2.24
N PRO A 83 36.35 36.48 -3.03
CA PRO A 83 36.38 36.71 -4.47
C PRO A 83 35.36 35.91 -5.28
N ALA A 84 35.09 34.67 -4.89
CA ALA A 84 34.14 33.82 -5.60
C ALA A 84 32.74 34.42 -5.57
N PHE A 85 32.45 35.15 -4.50
CA PHE A 85 31.16 35.80 -4.32
C PHE A 85 31.24 37.31 -4.53
N HIS A 86 32.15 37.74 -5.41
CA HIS A 86 32.29 39.16 -5.73
C HIS A 86 31.02 39.83 -6.25
N ALA A 87 30.14 39.05 -6.88
CA ALA A 87 28.83 39.53 -7.31
C ALA A 87 27.83 39.86 -6.17
N HIS A 88 28.23 39.59 -4.92
CA HIS A 88 27.44 39.91 -3.73
C HIS A 88 28.12 40.93 -2.83
N ARG A 89 29.43 41.11 -3.00
CA ARG A 89 30.23 41.92 -2.06
C ARG A 89 29.58 43.27 -1.73
N ASP A 90 29.58 43.61 -0.44
CA ASP A 90 29.09 44.88 0.08
C ASP A 90 27.61 45.16 -0.25
N ARG A 91 26.87 44.08 -0.40
CA ARG A 91 25.43 44.10 -0.65
C ARG A 91 24.78 42.97 0.16
N GLY A 92 23.46 43.02 0.33
CA GLY A 92 22.75 41.97 1.07
C GLY A 92 23.29 41.79 2.48
N ILE A 93 23.51 40.54 2.88
CA ILE A 93 23.91 40.21 4.26
C ILE A 93 25.26 39.51 4.39
N ILE A 94 25.37 38.31 3.82
CA ILE A 94 26.51 37.41 4.06
C ILE A 94 27.86 38.03 3.72
N PHE A 95 27.96 38.61 2.52
CA PHE A 95 29.24 39.12 2.00
C PHE A 95 29.33 40.65 2.08
N ASN A 96 28.51 41.23 2.98
CA ASN A 96 28.39 42.68 3.10
C ASN A 96 29.30 43.28 4.18
N ASN A 97 30.38 43.91 3.73
CA ASN A 97 31.34 44.55 4.63
C ASN A 97 31.19 46.09 4.62
N GLY A 98 30.05 46.55 4.10
CA GLY A 98 29.79 47.97 3.91
C GLY A 98 28.89 48.63 4.94
N PRO A 99 28.48 49.89 4.67
CA PRO A 99 27.67 50.65 5.62
C PRO A 99 26.18 50.30 5.61
N THR A 100 25.73 49.51 4.61
CA THR A 100 24.33 49.04 4.57
C THR A 100 24.08 47.74 5.34
N TRP A 101 25.14 47.00 5.67
CA TRP A 101 25.02 45.72 6.37
C TRP A 101 24.10 45.77 7.60
N LYS A 102 24.42 46.64 8.56
CA LYS A 102 23.72 46.72 9.85
C LYS A 102 22.19 46.80 9.74
N ASP A 103 21.71 47.73 8.92
CA ASP A 103 20.27 47.97 8.73
C ASP A 103 19.55 46.89 7.91
N ILE A 104 20.18 46.40 6.84
CA ILE A 104 19.60 45.31 6.03
C ILE A 104 19.50 44.02 6.83
N ARG A 105 20.55 43.69 7.59
CA ARG A 105 20.52 42.55 8.49
C ARG A 105 19.38 42.69 9.50
N ARG A 106 19.36 43.80 10.25
CA ARG A 106 18.36 44.07 11.28
C ARG A 106 16.93 43.89 10.74
N PHE A 107 16.66 44.46 9.56
CA PHE A 107 15.35 44.37 8.94
C PHE A 107 15.01 42.94 8.47
N SER A 108 15.99 42.24 7.90
CA SER A 108 15.84 40.84 7.50
C SER A 108 15.60 39.89 8.69
N LEU A 109 16.33 40.08 9.78
CA LEU A 109 16.07 39.33 11.01
C LEU A 109 14.66 39.54 11.56
N THR A 110 14.25 40.81 11.70
CA THR A 110 12.88 41.15 12.12
C THR A 110 11.81 40.52 11.21
N THR A 111 12.03 40.52 9.90
CA THR A 111 11.07 39.99 8.95
C THR A 111 10.97 38.46 9.05
N LEU A 112 12.13 37.80 9.09
CA LEU A 112 12.21 36.35 9.33
C LEU A 112 11.50 35.93 10.60
N ARG A 113 11.63 36.73 11.66
CA ARG A 113 10.95 36.46 12.92
C ARG A 113 9.42 36.60 12.78
N ASN A 114 8.98 37.60 12.03
CA ASN A 114 7.56 37.82 11.77
C ASN A 114 6.93 36.62 11.05
N TYR A 115 7.65 36.08 10.06
CA TYR A 115 7.18 34.91 9.30
C TYR A 115 7.35 33.60 10.06
N GLY A 116 8.18 33.61 11.09
CA GLY A 116 8.37 32.44 11.95
C GLY A 116 7.42 32.32 13.13
N MET A 117 6.89 33.47 13.57
CA MET A 117 5.94 33.57 14.69
C MET A 117 4.53 33.17 14.25
N GLY A 118 3.69 32.81 15.21
CA GLY A 118 2.27 32.57 14.95
C GLY A 118 1.92 31.17 14.50
N LYS A 119 0.65 30.94 14.22
CA LYS A 119 0.15 29.63 13.80
C LYS A 119 0.44 29.33 12.33
N GLN A 120 0.82 30.36 11.57
CA GLN A 120 1.30 30.18 10.19
C GLN A 120 2.84 30.27 10.17
N GLY A 121 3.46 30.11 11.34
CA GLY A 121 4.90 30.27 11.52
C GLY A 121 5.77 29.12 11.02
N ASN A 122 7.01 29.10 11.48
CA ASN A 122 8.01 28.11 11.05
C ASN A 122 7.68 26.65 11.35
N GLU A 123 7.13 26.40 12.52
CA GLU A 123 6.74 25.05 12.89
C GLU A 123 5.76 24.45 11.87
N SER A 124 4.66 25.16 11.63
CA SER A 124 3.62 24.75 10.70
C SER A 124 4.13 24.59 9.26
N ARG A 125 4.98 25.51 8.85
CA ARG A 125 5.60 25.52 7.52
C ARG A 125 6.43 24.25 7.31
N ILE A 126 7.24 23.91 8.32
CA ILE A 126 8.08 22.73 8.28
C ILE A 126 7.24 21.45 8.31
N GLN A 127 6.17 21.46 9.11
CA GLN A 127 5.27 20.31 9.22
C GLN A 127 4.59 20.00 7.88
N ARG A 128 4.06 21.01 7.22
CA ARG A 128 3.45 20.84 5.90
C ARG A 128 4.44 20.23 4.91
N GLU A 129 5.66 20.77 4.88
CA GLU A 129 6.72 20.29 4.01
C GLU A 129 7.14 18.84 4.28
N ALA A 130 7.00 18.40 5.52
CA ALA A 130 7.29 17.02 5.89
C ALA A 130 6.42 16.05 5.09
N HIS A 131 5.18 16.44 4.84
CA HIS A 131 4.25 15.64 4.04
C HIS A 131 4.88 15.28 2.67
N PHE A 132 5.32 16.29 1.93
CA PHE A 132 5.97 16.08 0.63
C PHE A 132 7.27 15.27 0.71
N LEU A 133 8.05 15.52 1.75
CA LEU A 133 9.29 14.79 2.00
C LEU A 133 9.04 13.29 2.21
N LEU A 134 8.07 12.99 3.06
CA LEU A 134 7.68 11.60 3.38
C LEU A 134 7.12 10.89 2.15
N GLU A 135 6.35 11.65 1.36
CA GLU A 135 5.79 11.17 0.09
C GLU A 135 6.91 10.77 -0.89
N ALA A 136 7.92 11.62 -1.03
CA ALA A 136 9.08 11.32 -1.89
C ALA A 136 9.90 10.12 -1.41
N LEU A 137 10.06 9.98 -0.10
CA LEU A 137 10.78 8.84 0.46
C LEU A 137 10.05 7.51 0.21
N ARG A 138 8.71 7.52 0.38
CA ARG A 138 7.91 6.34 0.08
C ARG A 138 8.02 5.95 -1.39
N LYS A 139 7.96 6.94 -2.27
CA LYS A 139 8.04 6.69 -3.71
C LYS A 139 9.34 6.02 -4.14
N THR A 140 10.31 5.86 -3.24
CA THR A 140 11.54 5.15 -3.58
C THR A 140 11.42 3.63 -3.46
N GLN A 141 10.27 3.17 -2.94
CA GLN A 141 9.91 1.74 -2.89
C GLN A 141 10.93 0.85 -2.16
N GLY A 142 11.66 1.43 -1.21
CA GLY A 142 12.71 0.70 -0.53
C GLY A 142 13.87 0.31 -1.44
N GLN A 143 13.98 0.97 -2.59
CA GLN A 143 15.09 0.74 -3.53
C GLN A 143 16.22 1.75 -3.29
N PRO A 144 17.47 1.39 -3.67
CA PRO A 144 18.61 2.31 -3.55
C PRO A 144 18.41 3.65 -4.28
N PHE A 145 18.73 4.75 -3.59
CA PHE A 145 18.66 6.10 -4.15
C PHE A 145 19.67 7.02 -3.48
N ASP A 146 20.06 8.08 -4.20
CA ASP A 146 20.93 9.14 -3.67
C ASP A 146 20.05 10.18 -2.98
N PRO A 147 20.24 10.38 -1.66
CA PRO A 147 19.42 11.30 -0.87
C PRO A 147 19.61 12.79 -1.20
N THR A 148 20.75 13.13 -1.79
CA THR A 148 21.22 14.52 -1.96
C THR A 148 20.15 15.48 -2.43
N PHE A 149 19.48 15.14 -3.54
CA PHE A 149 18.48 16.03 -4.13
C PHE A 149 17.04 15.57 -3.87
N LEU A 150 16.88 14.72 -2.86
CA LEU A 150 15.54 14.45 -2.35
C LEU A 150 15.37 15.25 -1.07
N ILE A 151 16.14 14.90 -0.05
CA ILE A 151 16.00 15.56 1.24
C ILE A 151 16.28 17.07 1.18
N GLY A 152 17.13 17.50 0.24
CA GLY A 152 17.43 18.92 0.04
C GLY A 152 16.24 19.79 -0.36
N CYS A 153 15.22 19.14 -0.93
CA CYS A 153 13.97 19.79 -1.33
C CYS A 153 13.23 20.37 -0.14
N ALA A 154 13.32 19.69 1.00
CA ALA A 154 12.60 20.11 2.19
C ALA A 154 13.00 21.52 2.69
N PRO A 155 14.30 21.74 3.06
CA PRO A 155 14.65 23.13 3.42
C PRO A 155 14.55 24.12 2.26
N CYS A 156 14.74 23.66 1.02
CA CYS A 156 14.69 24.57 -0.12
C CYS A 156 13.29 25.16 -0.25
N ASN A 157 12.27 24.30 -0.16
CA ASN A 157 10.87 24.72 -0.18
C ASN A 157 10.47 25.55 1.04
N VAL A 158 11.02 25.20 2.20
CA VAL A 158 10.70 25.97 3.40
C VAL A 158 11.12 27.43 3.25
N ILE A 159 12.35 27.67 2.83
CA ILE A 159 12.82 29.05 2.67
C ILE A 159 12.19 29.75 1.44
N ALA A 160 11.91 28.99 0.39
CA ALA A 160 11.20 29.52 -0.79
C ALA A 160 9.81 30.06 -0.40
N ASP A 161 9.13 29.39 0.53
CA ASP A 161 7.85 29.86 1.03
C ASP A 161 7.97 31.22 1.68
N ILE A 162 9.01 31.40 2.50
CA ILE A 162 9.25 32.68 3.17
C ILE A 162 9.67 33.77 2.18
N LEU A 163 10.48 33.40 1.19
CA LEU A 163 11.03 34.36 0.25
C LEU A 163 10.11 34.73 -0.91
N PHE A 164 9.41 33.74 -1.45
CA PHE A 164 8.64 33.89 -2.68
C PHE A 164 7.19 33.39 -2.57
N ARG A 165 6.80 32.92 -1.38
CA ARG A 165 5.55 32.16 -1.21
C ARG A 165 5.33 31.17 -2.36
N LYS A 166 6.39 30.43 -2.68
CA LYS A 166 6.39 29.47 -3.79
C LYS A 166 6.70 28.06 -3.30
N HIS A 167 6.00 27.10 -3.86
CA HIS A 167 6.27 25.71 -3.58
C HIS A 167 6.60 24.94 -4.87
N PHE A 168 7.70 24.22 -4.85
CA PHE A 168 8.12 23.47 -6.03
C PHE A 168 7.73 22.02 -5.86
N ASP A 169 7.35 21.37 -6.96
CA ASP A 169 7.25 19.91 -7.00
C ASP A 169 8.68 19.37 -6.92
N TYR A 170 8.86 18.24 -6.23
CA TYR A 170 10.19 17.68 -5.95
C TYR A 170 11.08 17.35 -7.16
N ASN A 171 10.50 17.17 -8.35
CA ASN A 171 11.30 17.03 -9.58
C ASN A 171 11.00 18.05 -10.70
N ASP A 172 10.59 19.24 -10.28
CA ASP A 172 10.58 20.41 -11.16
C ASP A 172 12.02 20.68 -11.58
N GLU A 173 12.22 20.79 -12.89
CA GLU A 173 13.56 20.94 -13.50
C GLU A 173 14.31 22.20 -13.02
N LYS A 174 13.58 23.31 -12.86
CA LYS A 174 14.18 24.56 -12.39
C LYS A 174 14.67 24.39 -10.94
N PHE A 175 13.79 23.82 -10.12
CA PHE A 175 14.03 23.50 -8.72
C PHE A 175 15.29 22.65 -8.51
N LEU A 176 15.40 21.57 -9.29
CA LEU A 176 16.55 20.69 -9.20
C LEU A 176 17.84 21.41 -9.60
N ARG A 177 17.72 22.29 -10.60
CA ARG A 177 18.87 23.06 -11.10
C ARG A 177 19.44 23.99 -10.03
N LEU A 178 18.58 24.74 -9.35
CA LEU A 178 18.98 25.60 -8.25
C LEU A 178 19.70 24.82 -7.13
N MET A 179 19.09 23.73 -6.67
CA MET A 179 19.71 22.87 -5.66
C MET A 179 21.05 22.29 -6.13
N TYR A 180 21.12 21.87 -7.40
CA TYR A 180 22.38 21.44 -8.03
C TYR A 180 23.47 22.52 -7.89
N LEU A 181 23.10 23.76 -8.21
CA LEU A 181 24.02 24.89 -8.14
C LEU A 181 24.53 25.15 -6.71
N PHE A 182 23.59 25.17 -5.76
CA PHE A 182 23.93 25.31 -4.34
C PHE A 182 24.92 24.22 -3.92
N ASN A 183 24.64 22.99 -4.34
CA ASN A 183 25.43 21.83 -3.97
C ASN A 183 26.84 21.89 -4.55
N GLU A 184 26.94 22.20 -5.84
CA GLU A 184 28.23 22.35 -6.51
C GLU A 184 29.09 23.45 -5.88
N ASN A 185 28.49 24.60 -5.62
CA ASN A 185 29.20 25.72 -5.01
C ASN A 185 29.80 25.40 -3.65
N PHE A 186 28.99 24.87 -2.75
CA PHE A 186 29.42 24.47 -1.41
C PHE A 186 30.52 23.39 -1.49
N HIS A 187 30.37 22.48 -2.45
CA HIS A 187 31.36 21.43 -2.72
C HIS A 187 32.69 22.04 -3.20
N LEU A 188 32.62 22.85 -4.25
CA LEU A 188 33.80 23.40 -4.88
C LEU A 188 34.52 24.40 -3.96
N LEU A 189 33.74 25.17 -3.20
CA LEU A 189 34.29 26.09 -2.19
C LEU A 189 35.01 25.38 -1.05
N SER A 190 34.87 24.06 -0.97
CA SER A 190 35.58 23.23 -0.01
C SER A 190 36.79 22.50 -0.58
N THR A 191 37.16 22.83 -1.83
CA THR A 191 38.29 22.17 -2.49
C THR A 191 39.57 23.03 -2.50
N PRO A 192 40.74 22.38 -2.56
CA PRO A 192 42.05 23.06 -2.56
C PRO A 192 42.23 24.16 -3.64
N TRP A 193 41.72 23.93 -4.86
CA TRP A 193 41.79 24.95 -5.92
C TRP A 193 41.08 26.25 -5.56
N LEU A 194 39.85 26.16 -5.08
CA LEU A 194 39.12 27.36 -4.67
C LEU A 194 39.71 28.06 -3.45
N GLN A 195 40.38 27.29 -2.60
CA GLN A 195 41.10 27.84 -1.45
C GLN A 195 42.27 28.71 -1.93
N LEU A 196 43.01 28.20 -2.92
CA LEU A 196 44.07 28.97 -3.56
C LEU A 196 43.53 30.24 -4.25
N TYR A 197 42.45 30.10 -5.01
CA TYR A 197 41.83 31.23 -5.69
C TYR A 197 41.35 32.30 -4.71
N ASN A 198 40.71 31.88 -3.63
CA ASN A 198 40.23 32.78 -2.58
C ASN A 198 41.36 33.73 -2.14
N ASN A 199 42.60 33.24 -2.13
CA ASN A 199 43.72 34.02 -1.62
C ASN A 199 44.64 34.66 -2.66
N PHE A 200 44.53 34.21 -3.91
CA PHE A 200 45.30 34.76 -5.02
C PHE A 200 44.36 35.00 -6.20
N PRO A 201 43.29 35.78 -5.97
CA PRO A 201 42.30 35.88 -7.04
C PRO A 201 42.83 36.48 -8.35
N SER A 202 43.68 37.50 -8.28
CA SER A 202 44.12 38.18 -9.48
C SER A 202 45.16 37.37 -10.30
N PHE A 203 45.96 36.56 -9.61
CA PHE A 203 46.89 35.64 -10.29
C PHE A 203 46.15 34.54 -11.05
N LEU A 204 44.96 34.18 -10.57
CA LEU A 204 44.33 32.92 -10.93
C LEU A 204 43.02 33.04 -11.70
N HIS A 205 42.37 34.20 -11.58
CA HIS A 205 41.01 34.38 -12.09
C HIS A 205 40.82 34.03 -13.56
N TYR A 206 41.72 34.51 -14.42
CA TYR A 206 41.58 34.32 -15.88
C TYR A 206 42.36 33.12 -16.44
N LEU A 207 42.71 32.22 -15.54
CA LEU A 207 43.24 30.91 -15.89
C LEU A 207 42.06 29.94 -15.96
N PRO A 208 42.23 28.80 -16.66
CA PRO A 208 41.18 27.78 -16.55
C PRO A 208 41.17 27.15 -15.15
N GLY A 209 40.02 26.61 -14.76
CA GLY A 209 39.85 26.03 -13.44
C GLY A 209 38.41 26.05 -12.93
N SER A 210 38.18 25.30 -11.86
CA SER A 210 36.84 25.11 -11.30
C SER A 210 36.28 26.39 -10.66
N HIS A 211 37.13 27.40 -10.45
CA HIS A 211 36.69 28.70 -9.95
C HIS A 211 35.69 29.35 -10.89
N ARG A 212 35.87 29.16 -12.20
CA ARG A 212 34.95 29.69 -13.23
C ARG A 212 33.52 29.17 -13.08
N LYS A 213 33.40 27.89 -12.80
CA LYS A 213 32.11 27.26 -12.53
C LYS A 213 31.40 27.86 -11.31
N VAL A 214 32.12 28.03 -10.20
CA VAL A 214 31.56 28.68 -9.01
C VAL A 214 31.01 30.08 -9.37
N ILE A 215 31.85 30.88 -10.02
CA ILE A 215 31.47 32.24 -10.42
C ILE A 215 30.26 32.24 -11.37
N LYS A 216 30.28 31.35 -12.36
CA LYS A 216 29.15 31.17 -13.27
C LYS A 216 27.91 30.77 -12.48
N ASN A 217 28.07 29.83 -11.56
CA ASN A 217 26.98 29.32 -10.75
C ASN A 217 26.33 30.38 -9.86
N VAL A 218 27.15 31.24 -9.27
CA VAL A 218 26.67 32.32 -8.40
C VAL A 218 25.84 33.34 -9.20
N ALA A 219 26.35 33.68 -10.39
CA ALA A 219 25.67 34.59 -11.31
C ALA A 219 24.34 34.02 -11.79
N GLU A 220 24.27 32.70 -11.95
CA GLU A 220 23.04 32.03 -12.38
C GLU A 220 21.95 32.00 -11.29
N VAL A 221 22.36 31.82 -10.03
CA VAL A 221 21.39 31.87 -8.91
C VAL A 221 20.87 33.30 -8.74
N LYS A 222 21.77 34.28 -8.87
CA LYS A 222 21.44 35.69 -8.74
C LYS A 222 20.46 36.12 -9.84
N GLU A 223 20.73 35.69 -11.08
CA GLU A 223 19.86 36.00 -12.21
CA GLU A 223 19.87 35.94 -12.24
C GLU A 223 18.44 35.45 -11.97
N TYR A 224 18.32 34.23 -11.45
CA TYR A 224 17.01 33.64 -11.14
C TYR A 224 16.30 34.43 -10.05
N VAL A 225 17.04 34.86 -9.02
CA VAL A 225 16.44 35.65 -7.94
C VAL A 225 16.02 37.02 -8.49
N SER A 226 16.86 37.58 -9.37
CA SER A 226 16.58 38.88 -9.98
C SER A 226 15.23 38.93 -10.72
N GLU A 227 14.94 37.87 -11.47
CA GLU A 227 13.67 37.78 -12.21
C GLU A 227 12.48 37.68 -11.27
N ARG A 228 12.63 36.90 -10.21
CA ARG A 228 11.62 36.78 -9.17
C ARG A 228 11.37 38.11 -8.47
N VAL A 229 12.42 38.88 -8.23
CA VAL A 229 12.29 40.18 -7.58
C VAL A 229 11.53 41.12 -8.50
N LYS A 230 11.87 41.09 -9.79
CA LYS A 230 11.18 41.89 -10.80
C LYS A 230 9.70 41.54 -10.96
N GLU A 231 9.37 40.25 -10.97
CA GLU A 231 7.96 39.80 -11.01
C GLU A 231 7.15 40.20 -9.77
N HIS A 232 7.83 40.26 -8.64
CA HIS A 232 7.21 40.73 -7.41
C HIS A 232 6.95 42.23 -7.48
N HIS A 233 7.90 42.99 -8.03
CA HIS A 233 7.74 44.44 -8.19
C HIS A 233 6.63 44.86 -9.16
N GLN A 234 6.39 44.07 -10.20
CA GLN A 234 5.30 44.32 -11.16
C GLN A 234 3.90 44.01 -10.64
N SER A 235 3.78 43.03 -9.73
CA SER A 235 2.49 42.60 -9.19
C SER A 235 2.33 42.86 -7.68
N LEU A 236 3.07 43.85 -7.18
CA LEU A 236 3.07 44.20 -5.75
C LEU A 236 1.78 44.85 -5.28
N ASP A 237 1.44 44.60 -4.01
CA ASP A 237 0.35 45.26 -3.31
C ASP A 237 0.88 45.64 -1.92
N PRO A 238 1.35 46.90 -1.75
CA PRO A 238 1.96 47.37 -0.49
C PRO A 238 1.08 47.24 0.76
N ASN A 239 -0.22 47.00 0.57
CA ASN A 239 -1.13 46.77 1.70
C ASN A 239 -1.14 45.31 2.16
N CYS A 240 -0.93 44.40 1.20
CA CYS A 240 -0.89 42.96 1.49
C CYS A 240 0.43 42.30 1.03
N PRO A 241 1.50 42.39 1.87
CA PRO A 241 2.77 41.72 1.57
C PRO A 241 2.63 40.20 1.47
N ARG A 242 3.18 39.62 0.42
CA ARG A 242 3.09 38.18 0.19
C ARG A 242 4.23 37.42 0.87
N ASP A 243 5.44 37.97 0.82
CA ASP A 243 6.63 37.25 1.26
C ASP A 243 7.73 38.21 1.68
N LEU A 244 8.92 37.68 1.95
CA LEU A 244 10.05 38.51 2.40
C LEU A 244 10.51 39.50 1.34
N THR A 245 10.44 39.12 0.06
CA THR A 245 10.86 40.04 -0.99
C THR A 245 9.92 41.23 -1.06
N ASP A 246 8.61 40.96 -1.00
CA ASP A 246 7.60 42.03 -0.91
C ASP A 246 7.93 43.05 0.19
N CYS A 247 8.20 42.57 1.41
CA CYS A 247 8.58 43.42 2.55
C CYS A 247 9.80 44.30 2.28
N LEU A 248 10.79 43.73 1.59
CA LEU A 248 12.02 44.44 1.19
C LEU A 248 11.73 45.48 0.11
N LEU A 249 10.91 45.09 -0.87
CA LEU A 249 10.45 45.99 -1.92
C LEU A 249 9.64 47.16 -1.36
N VAL A 250 8.77 46.87 -0.40
CA VAL A 250 7.95 47.88 0.27
C VAL A 250 8.84 48.86 1.05
N GLU A 251 9.86 48.32 1.70
CA GLU A 251 10.83 49.12 2.45
C GLU A 251 11.62 50.06 1.53
N MET A 252 11.82 49.63 0.28
CA MET A 252 12.51 50.45 -0.73
C MET A 252 11.70 51.68 -1.19
N GLU A 253 10.39 51.51 -1.34
CA GLU A 253 9.50 52.63 -1.72
C GLU A 253 9.38 53.65 -0.59
N LYS A 254 9.35 53.16 0.65
CA LYS A 254 9.24 54.00 1.83
C LYS A 254 10.45 54.92 2.10
N GLU A 255 11.48 54.82 1.25
CA GLU A 255 12.68 55.66 1.40
C GLU A 255 13.07 56.42 0.13
N LYS A 256 12.21 56.38 -0.88
CA LYS A 256 12.49 56.96 -2.22
C LYS A 256 12.87 58.45 -2.26
N HIS A 257 12.68 59.16 -1.15
CA HIS A 257 12.98 60.60 -1.09
C HIS A 257 14.07 60.96 -0.06
N SER A 258 14.89 59.98 0.31
CA SER A 258 15.95 60.17 1.31
C SER A 258 17.33 60.46 0.71
N ALA A 259 18.25 60.93 1.56
CA ALA A 259 19.62 61.28 1.14
C ALA A 259 20.46 60.06 0.75
N GLU A 260 20.55 59.08 1.66
CA GLU A 260 21.27 57.83 1.40
C GLU A 260 20.34 56.62 1.34
N ARG A 261 20.66 55.70 0.43
CA ARG A 261 19.77 54.61 0.09
C ARG A 261 20.33 53.28 0.59
N LEU A 262 19.51 52.55 1.33
CA LEU A 262 19.88 51.21 1.78
C LEU A 262 19.48 50.15 0.76
N TYR A 263 18.41 50.41 0.00
CA TYR A 263 17.83 49.39 -0.88
C TYR A 263 17.91 49.70 -2.36
N THR A 264 18.68 48.88 -3.08
CA THR A 264 18.69 48.85 -4.54
C THR A 264 17.93 47.58 -4.97
N MET A 265 17.49 47.54 -6.23
CA MET A 265 16.96 46.31 -6.81
C MET A 265 18.03 45.20 -6.78
N ASP A 266 19.29 45.57 -7.01
CA ASP A 266 20.41 44.65 -6.94
C ASP A 266 20.71 44.25 -5.48
N GLY A 267 20.59 45.20 -4.57
CA GLY A 267 20.78 44.92 -3.15
C GLY A 267 19.78 43.90 -2.64
N ILE A 268 18.58 43.94 -3.19
CA ILE A 268 17.52 43.07 -2.75
C ILE A 268 17.69 41.66 -3.31
N THR A 269 18.14 41.54 -4.55
CA THR A 269 18.33 40.20 -5.12
C THR A 269 19.52 39.51 -4.47
N VAL A 270 20.57 40.27 -4.17
CA VAL A 270 21.68 39.76 -3.38
C VAL A 270 21.20 39.28 -1.99
N THR A 271 20.44 40.12 -1.29
CA THR A 271 19.86 39.78 0.03
C THR A 271 19.04 38.50 -0.01
N VAL A 272 18.21 38.35 -1.04
CA VAL A 272 17.32 37.20 -1.17
C VAL A 272 18.05 35.96 -1.67
N ALA A 273 19.06 36.14 -2.52
CA ALA A 273 19.87 35.03 -2.97
C ALA A 273 20.75 34.53 -1.81
N ASP A 274 21.16 35.44 -0.93
CA ASP A 274 21.85 35.08 0.30
C ASP A 274 21.00 34.11 1.12
N LEU A 275 19.78 34.53 1.45
CA LEU A 275 18.86 33.72 2.24
C LEU A 275 18.50 32.41 1.56
N PHE A 276 18.29 32.45 0.26
CA PHE A 276 17.90 31.30 -0.52
C PHE A 276 18.96 30.21 -0.46
N PHE A 277 20.21 30.59 -0.79
CA PHE A 277 21.36 29.69 -0.76
C PHE A 277 21.65 29.20 0.66
N ALA A 278 21.74 30.16 1.59
CA ALA A 278 22.05 29.85 2.98
C ALA A 278 20.94 29.07 3.70
N GLY A 279 19.70 29.29 3.26
CA GLY A 279 18.54 28.63 3.86
C GLY A 279 18.36 27.20 3.39
N THR A 280 19.03 26.87 2.27
CA THR A 280 18.93 25.55 1.67
C THR A 280 20.09 24.64 2.06
N GLU A 281 21.31 25.07 1.71
CA GLU A 281 22.45 24.17 1.58
C GLU A 281 23.01 23.59 2.86
N THR A 282 23.10 24.41 3.90
CA THR A 282 23.69 23.94 5.15
C THR A 282 22.76 22.98 5.91
N THR A 283 21.46 23.28 5.95
CA THR A 283 20.45 22.36 6.49
C THR A 283 20.44 21.02 5.71
N SER A 284 20.40 21.09 4.39
CA SER A 284 20.41 19.88 3.57
C SER A 284 21.63 18.99 3.82
N THR A 285 22.80 19.61 3.89
CA THR A 285 24.04 18.89 4.13
C THR A 285 24.07 18.26 5.52
N THR A 286 23.56 18.97 6.52
CA THR A 286 23.54 18.45 7.89
C THR A 286 22.68 17.20 8.01
N LEU A 287 21.47 17.26 7.44
CA LEU A 287 20.55 16.12 7.42
C LEU A 287 21.17 14.93 6.71
N ARG A 288 21.74 15.19 5.54
CA ARG A 288 22.36 14.16 4.73
C ARG A 288 23.49 13.50 5.50
N TYR A 289 24.30 14.30 6.18
CA TYR A 289 25.41 13.82 6.98
C TYR A 289 24.85 13.03 8.16
N GLY A 290 23.73 13.51 8.71
CA GLY A 290 23.05 12.82 9.82
C GLY A 290 22.60 11.42 9.48
N LEU A 291 22.06 11.24 8.28
CA LEU A 291 21.60 9.93 7.84
C LEU A 291 22.77 8.94 7.71
N LEU A 292 23.87 9.39 7.12
CA LEU A 292 25.09 8.58 7.01
C LEU A 292 25.59 8.14 8.38
N ILE A 293 25.67 9.10 9.31
CA ILE A 293 26.09 8.83 10.68
C ILE A 293 25.23 7.77 11.37
N LEU A 294 23.92 7.93 11.34
CA LEU A 294 23.02 6.97 11.98
C LEU A 294 23.14 5.57 11.37
N MET A 295 23.46 5.50 10.07
CA MET A 295 23.64 4.20 9.43
C MET A 295 24.89 3.47 9.91
N LYS A 296 25.93 4.23 10.27
CA LYS A 296 27.14 3.61 10.83
C LYS A 296 26.88 3.09 12.24
N TYR A 297 25.92 3.71 12.92
CA TYR A 297 25.58 3.34 14.30
C TYR A 297 24.09 2.93 14.44
N PRO A 298 23.74 1.69 14.04
CA PRO A 298 22.33 1.27 14.04
C PRO A 298 21.70 1.22 15.42
N GLU A 299 22.51 0.98 16.44
CA GLU A 299 22.02 1.00 17.83
C GLU A 299 21.52 2.39 18.24
N ILE A 300 22.18 3.43 17.73
CA ILE A 300 21.74 4.81 17.93
C ILE A 300 20.41 5.07 17.21
N GLU A 301 20.29 4.62 15.96
CA GLU A 301 19.03 4.72 15.22
C GLU A 301 17.86 4.04 15.97
N GLU A 302 18.14 2.87 16.52
CA GLU A 302 17.17 2.08 17.29
C GLU A 302 16.64 2.78 18.56
N LYS A 303 17.56 3.37 19.34
CA LYS A 303 17.18 4.14 20.52
C LYS A 303 16.30 5.35 20.14
N LEU A 304 16.63 5.98 19.01
CA LEU A 304 15.82 7.08 18.47
C LEU A 304 14.43 6.59 18.07
N HIS A 305 14.37 5.44 17.40
CA HIS A 305 13.09 4.82 17.05
C HIS A 305 12.23 4.55 18.30
N GLU A 306 12.87 4.09 19.37
CA GLU A 306 12.18 3.80 20.63
C GLU A 306 11.60 5.08 21.23
N GLU A 307 12.41 6.13 21.33
CA GLU A 307 11.99 7.42 21.88
C GLU A 307 10.83 8.06 21.10
N ILE A 308 10.91 8.06 19.77
CA ILE A 308 9.83 8.57 18.93
C ILE A 308 8.50 7.83 19.18
N ASP A 309 8.56 6.50 19.20
CA ASP A 309 7.35 5.70 19.35
C ASP A 309 6.74 5.78 20.75
N ARG A 310 7.60 5.97 21.74
CA ARG A 310 7.15 6.15 23.12
C ARG A 310 6.54 7.53 23.32
N VAL A 311 7.20 8.57 22.80
CA VAL A 311 6.81 9.96 23.08
C VAL A 311 5.78 10.50 22.09
N ILE A 312 6.08 10.42 20.80
CA ILE A 312 5.21 10.93 19.74
C ILE A 312 4.21 9.88 19.26
N GLY A 313 4.64 8.63 19.22
CA GLY A 313 3.84 7.55 18.66
C GLY A 313 4.04 7.49 17.15
N PRO A 314 3.44 6.47 16.49
CA PRO A 314 3.72 6.29 15.06
C PRO A 314 3.01 7.24 14.09
N SER A 315 2.00 8.00 14.52
CA SER A 315 1.19 8.75 13.56
C SER A 315 1.25 10.28 13.64
N ARG A 316 1.14 10.85 14.84
CA ARG A 316 1.08 12.30 15.01
C ARG A 316 2.32 12.98 14.43
N ILE A 317 2.11 14.12 13.75
CA ILE A 317 3.21 14.91 13.23
C ILE A 317 4.11 15.44 14.39
N PRO A 318 5.44 15.35 14.23
CA PRO A 318 6.36 15.95 15.20
C PRO A 318 6.16 17.45 15.36
N ALA A 319 6.36 17.94 16.59
CA ALA A 319 6.23 19.35 16.90
C ALA A 319 7.48 19.78 17.68
N ILE A 320 7.83 21.07 17.62
CA ILE A 320 9.05 21.55 18.29
C ILE A 320 9.11 21.27 19.80
N LYS A 321 7.98 21.33 20.48
CA LYS A 321 7.95 21.13 21.92
C LYS A 321 8.24 19.68 22.30
N ASP A 322 8.14 18.77 21.33
CA ASP A 322 8.51 17.37 21.55
C ASP A 322 9.97 17.24 21.99
N ARG A 323 10.82 18.15 21.52
CA ARG A 323 12.23 18.22 21.91
C ARG A 323 12.41 18.18 23.43
N GLN A 324 11.51 18.84 24.16
CA GLN A 324 11.58 18.92 25.61
C GLN A 324 11.36 17.57 26.30
N GLU A 325 10.68 16.65 25.62
CA GLU A 325 10.42 15.31 26.15
C GLU A 325 11.18 14.19 25.41
N MET A 326 12.14 14.59 24.57
CA MET A 326 12.95 13.64 23.80
C MET A 326 14.44 13.95 23.97
N PRO A 327 14.99 13.69 25.19
CA PRO A 327 16.37 14.07 25.47
C PRO A 327 17.40 13.41 24.54
N TYR A 328 17.13 12.17 24.10
CA TYR A 328 18.08 11.43 23.26
C TYR A 328 18.14 11.98 21.82
N MET A 329 16.97 12.25 21.23
CA MET A 329 16.91 12.96 19.94
C MET A 329 17.59 14.34 20.00
N ASP A 330 17.31 15.09 21.08
CA ASP A 330 17.93 16.40 21.33
C ASP A 330 19.44 16.28 21.34
N ALA A 331 19.96 15.30 22.08
CA ALA A 331 21.40 15.07 22.16
C ALA A 331 21.98 14.69 20.80
N VAL A 332 21.27 13.82 20.08
CA VAL A 332 21.68 13.37 18.74
C VAL A 332 21.72 14.50 17.72
N VAL A 333 20.70 15.36 17.73
CA VAL A 333 20.63 16.50 16.80
C VAL A 333 21.75 17.51 17.10
N HIS A 334 22.03 17.72 18.38
CA HIS A 334 23.15 18.56 18.80
C HIS A 334 24.47 17.91 18.37
N GLU A 335 24.60 16.59 18.58
CA GLU A 335 25.87 15.89 18.29
C GLU A 335 26.19 15.82 16.79
N ILE A 336 25.16 15.69 15.95
CA ILE A 336 25.35 15.79 14.50
C ILE A 336 25.99 17.13 14.10
N GLN A 337 25.41 18.23 14.56
CA GLN A 337 25.97 19.55 14.28
C GLN A 337 27.38 19.79 14.86
N ARG A 338 27.63 19.29 16.07
CA ARG A 338 28.96 19.42 16.69
C ARG A 338 30.03 18.61 15.93
N PHE A 339 29.72 17.34 15.71
CA PHE A 339 30.62 16.37 15.10
C PHE A 339 31.02 16.73 13.66
N ILE A 340 30.11 17.32 12.89
CA ILE A 340 30.42 17.57 11.48
C ILE A 340 31.19 18.87 11.23
N THR A 341 31.20 19.78 12.22
CA THR A 341 31.87 21.10 12.09
C THR A 341 31.67 21.65 10.67
N LEU A 342 30.41 21.87 10.30
CA LEU A 342 30.04 22.09 8.90
C LEU A 342 30.69 23.30 8.24
N VAL A 343 30.93 24.34 9.04
CA VAL A 343 31.59 25.55 8.59
C VAL A 343 32.77 25.75 9.56
N PRO A 344 33.82 24.91 9.41
CA PRO A 344 34.79 24.69 10.47
C PRO A 344 35.71 25.89 10.78
N SER A 345 35.89 26.78 9.80
CA SER A 345 36.66 28.02 10.00
C SER A 345 35.77 29.24 10.13
N ASN A 346 34.46 29.03 10.28
CA ASN A 346 33.50 30.13 10.33
C ASN A 346 33.44 30.80 8.96
N LEU A 347 32.83 31.98 8.93
CA LEU A 347 33.00 32.90 7.84
C LEU A 347 34.01 33.95 8.30
N PRO A 348 34.86 34.43 7.38
CA PRO A 348 35.93 35.32 7.80
C PRO A 348 35.40 36.68 8.24
N HIS A 349 35.88 37.14 9.39
CA HIS A 349 35.57 38.47 9.89
C HIS A 349 36.66 39.44 9.45
N GLU A 350 36.47 40.72 9.77
CA GLU A 350 37.45 41.77 9.47
C GLU A 350 37.45 42.86 10.55
N ALA A 351 38.64 43.32 10.91
CA ALA A 351 38.78 44.41 11.86
C ALA A 351 38.25 45.72 11.24
N THR A 352 37.34 46.37 11.94
CA THR A 352 36.70 47.59 11.45
C THR A 352 37.55 48.83 11.72
N ARG A 353 38.49 48.68 12.66
CA ARG A 353 39.43 49.73 13.06
C ARG A 353 40.67 49.09 13.68
N ASP A 354 41.73 49.88 13.85
CA ASP A 354 42.89 49.45 14.62
C ASP A 354 42.43 49.04 16.03
N THR A 355 42.75 47.81 16.41
CA THR A 355 42.29 47.22 17.66
C THR A 355 43.48 46.59 18.38
N ILE A 356 43.52 46.70 19.71
CA ILE A 356 44.51 46.01 20.50
C ILE A 356 43.82 44.87 21.26
N PHE A 357 44.21 43.64 20.91
CA PHE A 357 43.57 42.42 21.41
C PHE A 357 44.63 41.61 22.15
N ARG A 358 44.39 41.34 23.43
CA ARG A 358 45.39 40.68 24.29
C ARG A 358 46.79 41.35 24.21
N GLY A 359 46.81 42.68 24.16
CA GLY A 359 48.05 43.44 23.94
C GLY A 359 48.66 43.39 22.54
N TYR A 360 48.04 42.65 21.62
CA TYR A 360 48.50 42.58 20.24
C TYR A 360 47.77 43.60 19.36
N LEU A 361 48.52 44.24 18.47
CA LEU A 361 47.92 45.08 17.44
C LEU A 361 47.23 44.25 16.35
N ILE A 362 46.00 44.61 16.05
CA ILE A 362 45.28 44.07 14.91
C ILE A 362 44.78 45.26 14.07
N PRO A 363 45.51 45.58 12.98
CA PRO A 363 45.20 46.75 12.15
C PRO A 363 43.88 46.61 11.40
N LYS A 364 43.21 47.73 11.18
CA LYS A 364 42.02 47.81 10.33
C LYS A 364 42.22 47.05 9.02
N GLY A 365 41.20 46.32 8.58
CA GLY A 365 41.24 45.59 7.32
C GLY A 365 41.83 44.20 7.41
N THR A 366 42.41 43.86 8.56
CA THR A 366 42.94 42.51 8.78
C THR A 366 41.78 41.53 8.81
N VAL A 367 41.97 40.39 8.13
CA VAL A 367 41.00 39.31 8.20
C VAL A 367 41.09 38.67 9.58
N VAL A 368 39.93 38.43 10.19
CA VAL A 368 39.89 37.80 11.50
C VAL A 368 39.11 36.48 11.42
N VAL A 369 39.75 35.39 11.87
CA VAL A 369 39.18 34.05 11.70
C VAL A 369 38.83 33.43 13.05
N PRO A 370 37.54 33.51 13.43
CA PRO A 370 37.09 33.00 14.72
C PRO A 370 36.68 31.54 14.55
N THR A 371 37.69 30.68 14.61
CA THR A 371 37.59 29.26 14.32
C THR A 371 36.46 28.56 15.12
N LEU A 372 35.68 27.75 14.42
CA LEU A 372 34.53 27.06 15.05
C LEU A 372 34.82 25.61 15.41
N ASP A 373 35.50 24.88 14.54
CA ASP A 373 35.86 23.49 14.87
C ASP A 373 36.62 23.37 16.21
N SER A 374 37.43 24.39 16.53
CA SER A 374 38.26 24.37 17.72
C SER A 374 37.41 24.53 19.00
N VAL A 375 36.18 25.02 18.82
CA VAL A 375 35.22 25.14 19.90
C VAL A 375 34.38 23.86 20.00
N LEU A 376 33.91 23.39 18.84
CA LEU A 376 33.13 22.16 18.77
C LEU A 376 33.94 20.93 19.19
N TYR A 377 35.26 20.99 19.03
CA TYR A 377 36.12 19.85 19.34
C TYR A 377 36.98 20.01 20.60
N ASP A 378 36.56 20.90 21.51
CA ASP A 378 37.26 21.09 22.77
C ASP A 378 37.25 19.77 23.55
N ASN A 379 38.44 19.27 23.89
CA ASN A 379 38.54 17.95 24.54
C ASN A 379 38.20 17.91 26.04
N GLN A 380 38.05 19.07 26.66
CA GLN A 380 37.60 19.13 28.05
C GLN A 380 36.08 19.10 28.12
N GLU A 381 35.44 19.92 27.29
CA GLU A 381 33.98 19.96 27.23
C GLU A 381 33.45 18.66 26.60
N PHE A 382 34.17 18.16 25.61
CA PHE A 382 33.74 16.97 24.88
C PHE A 382 34.83 15.90 24.86
N PRO A 383 35.05 15.20 26.00
CA PRO A 383 36.07 14.15 26.02
C PRO A 383 35.82 13.16 24.88
N ASP A 384 36.89 12.82 24.14
CA ASP A 384 36.81 12.14 22.83
C ASP A 384 36.02 12.93 21.79
N PRO A 385 36.45 14.18 21.51
CA PRO A 385 35.72 15.05 20.57
C PRO A 385 35.63 14.49 19.14
N GLU A 386 36.64 13.71 18.72
CA GLU A 386 36.68 13.16 17.36
C GLU A 386 35.65 12.06 17.11
N LYS A 387 35.00 11.62 18.19
CA LYS A 387 34.04 10.53 18.16
C LYS A 387 32.61 11.05 18.23
N PHE A 388 31.73 10.37 17.50
CA PHE A 388 30.32 10.69 17.51
C PHE A 388 29.68 10.00 18.71
N LYS A 389 29.29 10.78 19.70
CA LYS A 389 28.66 10.26 20.90
C LYS A 389 27.51 11.16 21.35
N PRO A 390 26.27 10.67 21.25
CA PRO A 390 25.14 11.40 21.82
C PRO A 390 25.35 11.81 23.30
N GLU A 391 26.11 11.01 24.05
CA GLU A 391 26.35 11.32 25.46
C GLU A 391 27.22 12.55 25.73
N HIS A 392 27.84 13.11 24.67
CA HIS A 392 28.46 14.45 24.74
C HIS A 392 27.41 15.49 25.13
N PHE A 393 26.15 15.17 24.87
CA PHE A 393 25.02 16.04 25.20
C PHE A 393 23.99 15.39 26.14
N LEU A 394 24.45 14.47 26.98
CA LEU A 394 23.59 13.80 27.96
C LEU A 394 24.18 13.83 29.38
N ASN A 395 23.36 14.20 30.37
CA ASN A 395 23.85 14.27 31.74
C ASN A 395 23.74 12.97 32.53
N GLU A 396 23.68 13.12 33.85
CA GLU A 396 23.58 11.98 34.79
CA GLU A 396 23.58 11.99 34.79
C GLU A 396 22.20 11.33 34.73
N ASN A 397 21.15 12.17 34.69
CA ASN A 397 19.78 11.71 34.66
C ASN A 397 19.35 11.16 33.28
N GLY A 398 20.30 11.13 32.33
CA GLY A 398 20.03 10.74 30.95
C GLY A 398 19.26 11.83 30.21
N LYS A 399 19.28 13.04 30.78
CA LYS A 399 18.60 14.19 30.21
C LYS A 399 19.58 15.00 29.37
N PHE A 400 19.05 15.89 28.53
CA PHE A 400 19.87 16.75 27.69
C PHE A 400 20.86 17.56 28.52
N LYS A 401 22.10 17.60 28.06
CA LYS A 401 23.13 18.35 28.75
C LYS A 401 23.54 19.53 27.88
N TYR A 402 23.15 20.72 28.33
CA TYR A 402 23.42 21.95 27.62
C TYR A 402 24.91 22.28 27.62
N SER A 403 25.38 22.89 26.55
CA SER A 403 26.77 23.31 26.43
C SER A 403 26.87 24.66 25.72
N ASP A 404 27.64 25.58 26.30
CA ASP A 404 27.95 26.85 25.65
C ASP A 404 28.93 26.66 24.46
N TYR A 405 29.65 25.54 24.45
CA TYR A 405 30.60 25.23 23.39
C TYR A 405 29.92 24.76 22.10
N PHE A 406 28.61 24.60 22.16
CA PHE A 406 27.81 24.31 20.98
C PHE A 406 27.63 25.63 20.21
N LYS A 407 28.50 25.86 19.22
CA LYS A 407 28.52 27.12 18.46
C LYS A 407 28.67 26.87 16.97
N PRO A 408 27.85 25.96 16.41
CA PRO A 408 28.06 25.67 15.00
C PRO A 408 27.55 26.82 14.13
N PHE A 409 26.80 27.75 14.75
CA PHE A 409 26.26 28.91 14.05
C PHE A 409 27.05 30.18 14.35
N SER A 410 28.17 30.05 15.07
CA SER A 410 28.90 31.21 15.53
C SER A 410 28.08 31.97 16.60
N THR A 411 28.54 33.15 16.97
CA THR A 411 27.93 33.96 18.01
C THR A 411 28.32 35.41 17.79
N GLY A 412 27.60 36.33 18.42
CA GLY A 412 27.94 37.75 18.35
C GLY A 412 27.18 38.46 17.25
N LYS A 413 27.73 39.56 16.75
CA LYS A 413 27.04 40.43 15.81
C LYS A 413 26.78 39.84 14.41
N ARG A 414 27.60 38.90 13.97
CA ARG A 414 27.37 38.24 12.68
C ARG A 414 26.83 36.80 12.80
N VAL A 415 26.35 36.42 13.99
CA VAL A 415 25.72 35.10 14.21
C VAL A 415 24.79 34.73 13.05
N CYS A 416 24.81 33.48 12.63
CA CYS A 416 23.96 32.99 11.54
C CYS A 416 22.54 33.55 11.63
N ALA A 417 22.07 34.14 10.53
CA ALA A 417 20.81 34.86 10.52
C ALA A 417 19.60 33.93 10.58
N GLY A 418 19.82 32.66 10.27
CA GLY A 418 18.78 31.65 10.34
C GLY A 418 19.05 30.50 11.29
N GLU A 419 19.74 30.77 12.40
CA GLU A 419 20.02 29.70 13.40
C GLU A 419 18.72 28.98 13.83
N GLY A 420 17.74 29.76 14.27
CA GLY A 420 16.47 29.24 14.81
C GLY A 420 15.69 28.39 13.82
N LEU A 421 15.58 28.88 12.59
CA LEU A 421 15.01 28.13 11.47
C LEU A 421 15.69 26.77 11.28
N ALA A 422 17.01 26.81 11.09
CA ALA A 422 17.82 25.61 10.89
C ALA A 422 17.64 24.57 11.99
N ARG A 423 17.70 25.00 13.24
CA ARG A 423 17.59 24.07 14.37
C ARG A 423 16.22 23.38 14.46
N MET A 424 15.18 24.14 14.14
CA MET A 424 13.83 23.60 14.14
C MET A 424 13.65 22.60 12.98
N GLU A 425 14.21 22.93 11.81
CA GLU A 425 14.23 22.04 10.65
C GLU A 425 14.94 20.72 10.92
N LEU A 426 16.12 20.80 11.54
CA LEU A 426 16.89 19.60 11.84
C LEU A 426 16.10 18.66 12.76
N PHE A 427 15.57 19.20 13.86
CA PHE A 427 14.76 18.41 14.78
C PHE A 427 13.47 17.81 14.18
N LEU A 428 12.67 18.66 13.53
CA LEU A 428 11.37 18.22 13.04
C LEU A 428 11.48 17.19 11.91
N LEU A 429 12.44 17.40 11.02
CA LEU A 429 12.57 16.59 9.82
C LEU A 429 13.21 15.25 10.07
N LEU A 430 14.26 15.23 10.89
CA LEU A 430 14.81 13.95 11.31
C LEU A 430 13.78 13.13 12.10
N CYS A 431 13.00 13.80 12.97
CA CYS A 431 11.89 13.19 13.68
C CYS A 431 10.88 12.56 12.70
N ALA A 432 10.45 13.34 11.72
CA ALA A 432 9.52 12.87 10.69
C ALA A 432 10.07 11.67 9.90
N ILE A 433 11.29 11.81 9.38
CA ILE A 433 11.94 10.75 8.63
C ILE A 433 11.97 9.42 9.41
N LEU A 434 12.44 9.47 10.65
CA LEU A 434 12.63 8.24 11.43
C LEU A 434 11.32 7.71 12.00
N GLN A 435 10.32 8.58 12.13
CA GLN A 435 9.01 8.12 12.56
C GLN A 435 8.47 7.10 11.54
N HIS A 436 8.70 7.40 10.25
CA HIS A 436 8.08 6.63 9.15
C HIS A 436 9.01 5.68 8.40
N PHE A 437 10.29 5.63 8.76
CA PHE A 437 11.30 4.86 8.00
C PHE A 437 12.46 4.35 8.82
N ASN A 438 12.99 3.19 8.44
CA ASN A 438 14.28 2.71 8.92
C ASN A 438 15.29 2.95 7.82
N LEU A 439 16.53 3.24 8.21
CA LEU A 439 17.61 3.49 7.25
C LEU A 439 18.37 2.20 6.93
N LYS A 440 18.55 1.93 5.64
CA LYS A 440 19.25 0.72 5.20
C LYS A 440 20.48 1.05 4.34
N PRO A 441 21.69 0.78 4.88
CA PRO A 441 22.92 1.01 4.11
C PRO A 441 23.14 -0.05 3.03
N LEU A 442 23.88 0.33 1.98
CA LEU A 442 24.26 -0.60 0.91
C LEU A 442 25.53 -1.33 1.28
N VAL A 443 26.27 -0.76 2.22
CA VAL A 443 27.52 -1.33 2.69
C VAL A 443 27.37 -1.61 4.18
N ASP A 444 28.24 -2.46 4.72
CA ASP A 444 28.20 -2.74 6.15
C ASP A 444 28.52 -1.46 6.95
N PRO A 445 27.82 -1.25 8.08
CA PRO A 445 28.06 -0.12 8.99
C PRO A 445 29.54 0.06 9.37
N LYS A 446 30.20 -1.06 9.67
CA LYS A 446 31.61 -1.08 10.08
C LYS A 446 32.56 -0.45 9.06
N ASP A 447 32.20 -0.51 7.78
CA ASP A 447 33.03 0.01 6.70
C ASP A 447 32.65 1.43 6.24
N ILE A 448 31.67 2.03 6.90
CA ILE A 448 31.28 3.40 6.62
C ILE A 448 32.34 4.37 7.15
N ASP A 449 32.87 5.19 6.25
CA ASP A 449 33.78 6.26 6.62
C ASP A 449 32.99 7.57 6.76
N LEU A 450 33.10 8.19 7.92
CA LEU A 450 32.43 9.46 8.19
C LEU A 450 33.27 10.70 7.88
N SER A 451 34.53 10.52 7.52
CA SER A 451 35.42 11.66 7.24
C SER A 451 34.92 12.50 6.08
N PRO A 452 35.00 13.83 6.20
CA PRO A 452 34.65 14.60 5.02
C PRO A 452 35.61 14.28 3.85
N ILE A 453 35.08 14.33 2.63
CA ILE A 453 35.88 14.08 1.43
C ILE A 453 36.55 15.37 0.97
N HIS A 454 35.99 16.52 1.35
CA HIS A 454 36.60 17.83 1.12
C HIS A 454 36.41 18.76 2.33
N ILE A 455 37.44 19.54 2.64
CA ILE A 455 37.46 20.44 3.79
C ILE A 455 37.96 21.81 3.37
N GLY A 456 37.11 22.82 3.54
CA GLY A 456 37.43 24.19 3.14
C GLY A 456 36.47 25.14 3.81
N PHE A 457 35.59 25.74 3.02
CA PHE A 457 34.55 26.61 3.56
C PHE A 457 33.55 25.76 4.34
N GLY A 458 33.30 24.56 3.83
CA GLY A 458 32.48 23.57 4.49
C GLY A 458 33.21 22.26 4.69
N CYS A 459 32.51 21.31 5.31
CA CYS A 459 32.98 19.93 5.49
C CYS A 459 32.01 19.03 4.73
N ILE A 460 32.51 18.42 3.65
CA ILE A 460 31.66 17.75 2.67
C ILE A 460 31.56 16.24 2.92
N PRO A 461 30.32 15.74 3.12
CA PRO A 461 30.14 14.32 3.38
C PRO A 461 30.51 13.46 2.16
N PRO A 462 30.89 12.19 2.40
CA PRO A 462 31.09 11.24 1.32
C PRO A 462 29.78 11.00 0.58
N ARG A 463 29.88 10.71 -0.70
CA ARG A 463 28.73 10.38 -1.53
C ARG A 463 28.24 9.00 -1.17
N TYR A 464 26.93 8.83 -1.04
CA TYR A 464 26.37 7.50 -0.71
C TYR A 464 24.94 7.31 -1.21
N LYS A 465 24.51 6.06 -1.24
CA LYS A 465 23.12 5.72 -1.45
C LYS A 465 22.61 4.92 -0.26
N LEU A 466 21.29 4.90 -0.11
CA LEU A 466 20.62 4.13 0.93
C LEU A 466 19.24 3.69 0.47
N CYS A 467 18.64 2.80 1.24
CA CYS A 467 17.21 2.54 1.14
C CYS A 467 16.56 3.06 2.41
N VAL A 468 15.31 3.49 2.27
CA VAL A 468 14.46 3.83 3.40
C VAL A 468 13.26 2.87 3.41
N ILE A 469 13.18 2.05 4.45
CA ILE A 469 12.18 1.00 4.59
C ILE A 469 11.04 1.45 5.51
N PRO A 470 9.80 1.42 5.01
CA PRO A 470 8.67 1.99 5.76
C PRO A 470 8.37 1.30 7.08
N ARG A 471 7.91 2.11 8.04
CA ARG A 471 7.49 1.66 9.36
C ARG A 471 5.98 1.63 9.48
N SER A 472 5.30 2.37 8.61
CA SER A 472 3.87 2.64 8.80
C SER A 472 2.90 1.89 7.87
N HIS A 473 3.18 1.87 6.57
CA HIS A 473 2.27 1.22 5.58
C HIS A 473 0.92 1.92 5.40
N LYS B 10 1.23 -20.06 -19.92
CA LYS B 10 0.39 -20.52 -18.76
C LYS B 10 1.21 -21.17 -17.63
N LEU B 11 1.02 -20.67 -16.42
CA LEU B 11 1.72 -21.17 -15.23
C LEU B 11 1.15 -22.52 -14.79
N PRO B 12 1.98 -23.35 -14.10
CA PRO B 12 1.46 -24.59 -13.54
C PRO B 12 0.29 -24.33 -12.58
N PRO B 13 -0.64 -25.29 -12.45
CA PRO B 13 -1.84 -25.00 -11.64
C PRO B 13 -1.50 -24.70 -10.18
N GLY B 14 -2.32 -23.88 -9.54
CA GLY B 14 -2.12 -23.51 -8.14
C GLY B 14 -3.37 -22.93 -7.51
N PRO B 15 -3.37 -22.80 -6.16
CA PRO B 15 -4.53 -22.17 -5.49
C PRO B 15 -4.60 -20.68 -5.78
N PHE B 16 -5.80 -20.13 -5.78
CA PHE B 16 -5.99 -18.70 -6.08
C PHE B 16 -5.46 -17.83 -4.94
N PRO B 17 -4.49 -16.93 -5.26
CA PRO B 17 -3.87 -16.07 -4.22
C PRO B 17 -4.68 -14.83 -3.83
N LEU B 18 -4.42 -14.34 -2.62
CA LEU B 18 -5.03 -13.14 -2.08
C LEU B 18 -4.04 -11.99 -2.12
N PRO B 19 -4.54 -10.73 -2.17
CA PRO B 19 -3.66 -9.55 -2.17
C PRO B 19 -2.73 -9.49 -0.95
N ILE B 20 -1.48 -9.04 -1.19
CA ILE B 20 -0.42 -8.92 -0.16
C ILE B 20 0.18 -10.27 0.24
N ILE B 21 -0.67 -11.14 0.80
CA ILE B 21 -0.23 -12.39 1.42
C ILE B 21 -0.13 -13.61 0.49
N GLY B 22 -0.67 -13.49 -0.72
CA GLY B 22 -0.73 -14.61 -1.66
C GLY B 22 -1.48 -15.83 -1.12
N ASN B 23 -0.80 -16.97 -1.15
CA ASN B 23 -1.33 -18.25 -0.71
C ASN B 23 -0.93 -18.64 0.73
N LEU B 24 -0.79 -17.65 1.60
CA LEU B 24 -0.35 -17.89 2.98
C LEU B 24 -1.31 -18.76 3.79
N PHE B 25 -2.61 -18.67 3.52
CA PHE B 25 -3.62 -19.52 4.15
C PHE B 25 -3.49 -21.00 3.75
N GLN B 26 -2.86 -21.27 2.61
CA GLN B 26 -2.66 -22.65 2.16
C GLN B 26 -1.38 -23.30 2.73
N LEU B 27 -0.63 -22.54 3.52
CA LEU B 27 0.59 -23.04 4.13
C LEU B 27 0.49 -23.10 5.64
N GLU B 28 0.90 -24.21 6.22
CA GLU B 28 1.10 -24.29 7.66
C GLU B 28 2.56 -23.90 7.93
N LEU B 29 2.77 -22.79 8.65
CA LEU B 29 4.14 -22.25 8.84
C LEU B 29 5.09 -23.16 9.60
N LYS B 30 4.55 -23.87 10.59
CA LYS B 30 5.35 -24.80 11.36
C LYS B 30 5.69 -26.07 10.56
N ASN B 31 5.01 -26.30 9.43
CA ASN B 31 5.25 -27.48 8.58
C ASN B 31 5.01 -27.25 7.07
N ILE B 32 5.92 -26.49 6.45
CA ILE B 32 5.86 -26.19 5.00
C ILE B 32 5.85 -27.45 4.10
N PRO B 33 6.74 -28.44 4.37
CA PRO B 33 6.77 -29.68 3.57
C PRO B 33 5.44 -30.46 3.54
N LYS B 34 4.80 -30.59 4.70
CA LYS B 34 3.47 -31.20 4.81
C LYS B 34 2.44 -30.45 3.95
N SER B 35 2.49 -29.12 3.99
CA SER B 35 1.63 -28.28 3.14
C SER B 35 1.88 -28.48 1.64
N PHE B 36 3.16 -28.54 1.23
CA PHE B 36 3.51 -28.82 -0.15
C PHE B 36 2.93 -30.15 -0.58
N THR B 37 2.98 -31.12 0.33
CA THR B 37 2.50 -32.47 0.06
C THR B 37 0.98 -32.49 -0.10
N ARG B 38 0.29 -31.74 0.77
CA ARG B 38 -1.17 -31.57 0.67
C ARG B 38 -1.53 -30.89 -0.68
N LEU B 39 -0.73 -29.91 -1.07
CA LEU B 39 -0.96 -29.18 -2.31
C LEU B 39 -0.66 -30.00 -3.56
N ALA B 40 0.20 -31.01 -3.42
CA ALA B 40 0.50 -31.95 -4.51
C ALA B 40 -0.64 -32.95 -4.78
N GLN B 41 -1.40 -33.30 -3.73
CA GLN B 41 -2.60 -34.13 -3.91
C GLN B 41 -3.66 -33.38 -4.73
N ARG B 42 -3.80 -32.09 -4.46
CA ARG B 42 -4.84 -31.28 -5.08
C ARG B 42 -4.49 -30.83 -6.49
N PHE B 43 -3.24 -30.44 -6.71
CA PHE B 43 -2.80 -29.80 -7.95
C PHE B 43 -1.80 -30.60 -8.82
N GLY B 44 -1.22 -31.67 -8.29
CA GLY B 44 -0.27 -32.48 -9.04
C GLY B 44 1.18 -32.16 -8.76
N PRO B 45 2.11 -32.83 -9.47
CA PRO B 45 3.55 -32.85 -9.15
C PRO B 45 4.31 -31.54 -9.38
N VAL B 46 3.65 -30.57 -10.00
CA VAL B 46 4.24 -29.25 -10.27
C VAL B 46 3.16 -28.18 -10.12
N PHE B 47 3.33 -27.33 -9.11
CA PHE B 47 2.31 -26.33 -8.81
C PHE B 47 2.88 -24.96 -8.47
N THR B 48 2.06 -23.94 -8.70
CA THR B 48 2.43 -22.55 -8.47
C THR B 48 1.93 -22.03 -7.13
N LEU B 49 2.81 -21.31 -6.45
CA LEU B 49 2.49 -20.73 -5.17
C LEU B 49 3.00 -19.30 -5.11
N TYR B 50 2.27 -18.46 -4.41
CA TYR B 50 2.76 -17.14 -4.04
C TYR B 50 2.79 -17.07 -2.53
N VAL B 51 3.95 -16.76 -1.97
CA VAL B 51 4.00 -16.49 -0.55
C VAL B 51 4.64 -15.12 -0.41
N GLY B 52 3.79 -14.16 -0.08
CA GLY B 52 4.16 -12.76 -0.16
C GLY B 52 3.96 -12.31 -1.58
N SER B 53 4.95 -11.58 -2.10
CA SER B 53 4.91 -11.15 -3.48
C SER B 53 5.78 -12.06 -4.36
N GLN B 54 6.36 -13.12 -3.76
CA GLN B 54 7.28 -14.00 -4.46
C GLN B 54 6.59 -15.23 -5.05
N ARG B 55 6.69 -15.36 -6.37
CA ARG B 55 6.13 -16.50 -7.10
C ARG B 55 7.09 -17.70 -7.05
N MET B 56 6.57 -18.86 -6.66
CA MET B 56 7.37 -20.07 -6.70
C MET B 56 6.64 -21.23 -7.38
N VAL B 57 7.44 -22.12 -7.97
CA VAL B 57 6.92 -23.37 -8.49
C VAL B 57 7.53 -24.51 -7.68
N VAL B 58 6.69 -25.44 -7.28
CA VAL B 58 7.12 -26.57 -6.47
C VAL B 58 7.06 -27.88 -7.28
N MET B 59 8.19 -28.57 -7.33
CA MET B 59 8.27 -29.94 -7.89
C MET B 59 8.14 -30.95 -6.74
N HIS B 60 7.21 -31.88 -6.90
CA HIS B 60 6.92 -32.87 -5.90
C HIS B 60 6.97 -34.28 -6.48
N GLY B 61 7.69 -35.17 -5.82
CA GLY B 61 7.85 -36.55 -6.29
C GLY B 61 9.09 -36.77 -7.14
N TYR B 62 9.53 -38.02 -7.22
CA TYR B 62 10.77 -38.38 -7.90
C TYR B 62 10.83 -37.86 -9.35
N LYS B 63 9.87 -38.25 -10.18
CA LYS B 63 9.87 -37.87 -11.61
C LYS B 63 10.01 -36.36 -11.83
N ALA B 64 9.16 -35.58 -11.17
CA ALA B 64 9.18 -34.12 -11.37
C ALA B 64 10.49 -33.50 -10.87
N VAL B 65 10.96 -33.94 -9.71
CA VAL B 65 12.20 -33.40 -9.13
C VAL B 65 13.42 -33.73 -10.02
N LYS B 66 13.56 -35.02 -10.40
CA LYS B 66 14.64 -35.48 -11.26
C LYS B 66 14.65 -34.78 -12.63
N GLU B 67 13.49 -34.71 -13.27
CA GLU B 67 13.32 -33.97 -14.53
C GLU B 67 13.77 -32.52 -14.39
N ALA B 68 13.30 -31.85 -13.34
CA ALA B 68 13.68 -30.47 -13.07
C ALA B 68 15.20 -30.31 -12.95
N LEU B 69 15.82 -31.18 -12.15
CA LEU B 69 17.25 -31.09 -11.82
C LEU B 69 18.20 -31.66 -12.88
N LEU B 70 17.71 -32.56 -13.73
CA LEU B 70 18.58 -33.29 -14.66
C LEU B 70 18.32 -33.00 -16.15
N ASP B 71 17.05 -32.91 -16.55
CA ASP B 71 16.71 -32.53 -17.93
C ASP B 71 16.63 -31.01 -18.13
N TYR B 72 16.51 -30.26 -17.04
CA TYR B 72 16.48 -28.82 -17.11
C TYR B 72 17.62 -28.20 -16.30
N LYS B 73 18.82 -28.74 -16.47
CA LYS B 73 20.00 -28.33 -15.69
C LYS B 73 20.21 -26.81 -15.64
N ASP B 74 20.37 -26.20 -16.81
CA ASP B 74 20.74 -24.79 -16.90
C ASP B 74 19.56 -23.86 -16.60
N GLU B 75 18.36 -24.34 -16.86
CA GLU B 75 17.15 -23.55 -16.67
C GLU B 75 16.85 -23.24 -15.20
N PHE B 76 17.26 -24.15 -14.30
CA PHE B 76 16.90 -24.04 -12.89
C PHE B 76 18.11 -24.09 -11.96
N SER B 77 19.27 -23.72 -12.51
CA SER B 77 20.53 -23.74 -11.78
C SER B 77 20.75 -22.52 -10.90
N GLY B 78 19.77 -21.62 -10.86
CA GLY B 78 19.86 -20.45 -10.02
C GLY B 78 19.56 -20.73 -8.55
N ARG B 79 19.86 -19.75 -7.69
CA ARG B 79 19.58 -19.84 -6.26
C ARG B 79 18.57 -18.77 -5.82
N GLY B 80 17.48 -19.21 -5.18
CA GLY B 80 16.49 -18.27 -4.66
C GLY B 80 17.08 -17.44 -3.54
N ASP B 81 16.58 -16.23 -3.38
CA ASP B 81 17.04 -15.32 -2.33
C ASP B 81 16.65 -15.84 -0.95
N LEU B 82 17.54 -15.64 0.02
CA LEU B 82 17.30 -16.03 1.40
C LEU B 82 17.74 -14.89 2.30
N PRO B 83 16.79 -13.99 2.65
CA PRO B 83 17.05 -12.73 3.34
C PRO B 83 17.89 -12.84 4.60
N ALA B 84 17.79 -13.96 5.33
CA ALA B 84 18.56 -14.16 6.56
C ALA B 84 20.06 -14.28 6.28
N PHE B 85 20.39 -14.70 5.05
CA PHE B 85 21.77 -14.77 4.59
C PHE B 85 22.12 -13.70 3.54
N HIS B 86 21.54 -12.49 3.68
CA HIS B 86 21.87 -11.39 2.75
C HIS B 86 23.35 -11.00 2.75
N ALA B 87 24.04 -11.25 3.86
CA ALA B 87 25.48 -11.03 3.98
C ALA B 87 26.33 -11.97 3.09
N HIS B 88 25.69 -13.00 2.54
CA HIS B 88 26.38 -13.94 1.65
C HIS B 88 25.89 -13.81 0.22
N ARG B 89 24.70 -13.25 0.01
CA ARG B 89 24.06 -13.29 -1.31
C ARG B 89 24.99 -12.90 -2.46
N ASP B 90 24.95 -13.72 -3.51
CA ASP B 90 25.70 -13.53 -4.75
C ASP B 90 27.21 -13.52 -4.57
N ARG B 91 27.66 -14.08 -3.45
CA ARG B 91 29.05 -14.38 -3.18
C ARG B 91 29.17 -15.84 -2.75
N GLY B 92 30.39 -16.36 -2.70
CA GLY B 92 30.65 -17.75 -2.31
C GLY B 92 29.94 -18.78 -3.16
N ILE B 93 29.42 -19.82 -2.50
CA ILE B 93 28.73 -20.89 -3.22
C ILE B 93 27.25 -20.98 -2.91
N ILE B 94 26.90 -21.18 -1.64
CA ILE B 94 25.54 -21.55 -1.23
C ILE B 94 24.48 -20.55 -1.68
N PHE B 95 24.73 -19.27 -1.41
CA PHE B 95 23.75 -18.22 -1.61
C PHE B 95 24.08 -17.37 -2.85
N ASN B 96 24.91 -17.92 -3.72
CA ASN B 96 25.37 -17.24 -4.93
C ASN B 96 24.49 -17.54 -6.15
N ASN B 97 23.73 -16.53 -6.57
CA ASN B 97 22.89 -16.61 -7.76
C ASN B 97 23.48 -15.76 -8.89
N GLY B 98 24.73 -15.33 -8.70
CA GLY B 98 25.41 -14.39 -9.61
C GLY B 98 26.27 -15.03 -10.69
N PRO B 99 27.01 -14.20 -11.44
CA PRO B 99 27.84 -14.71 -12.54
C PRO B 99 29.13 -15.37 -12.07
N THR B 100 29.50 -15.17 -10.80
CA THR B 100 30.69 -15.80 -10.23
C THR B 100 30.49 -17.23 -9.69
N TRP B 101 29.23 -17.64 -9.49
CA TRP B 101 28.93 -18.94 -8.88
C TRP B 101 29.66 -20.14 -9.57
N LYS B 102 29.45 -20.27 -10.87
CA LYS B 102 29.97 -21.39 -11.66
C LYS B 102 31.44 -21.69 -11.39
N ASP B 103 32.29 -20.67 -11.49
CA ASP B 103 33.74 -20.86 -11.36
C ASP B 103 34.23 -20.98 -9.92
N ILE B 104 33.63 -20.24 -8.99
CA ILE B 104 33.96 -20.42 -7.58
C ILE B 104 33.55 -21.82 -7.11
N ARG B 105 32.36 -22.27 -7.53
CA ARG B 105 31.97 -23.63 -7.21
C ARG B 105 32.98 -24.62 -7.80
N ARG B 106 33.25 -24.52 -9.10
CA ARG B 106 34.17 -25.43 -9.79
C ARG B 106 35.52 -25.55 -9.08
N PHE B 107 36.10 -24.42 -8.69
CA PHE B 107 37.43 -24.41 -8.08
C PHE B 107 37.42 -25.00 -6.67
N SER B 108 36.37 -24.69 -5.91
CA SER B 108 36.20 -25.24 -4.56
C SER B 108 36.04 -26.76 -4.56
N LEU B 109 35.20 -27.28 -5.47
CA LEU B 109 35.07 -28.72 -5.66
C LEU B 109 36.39 -29.41 -6.01
N THR B 110 37.18 -28.79 -6.90
CA THR B 110 38.51 -29.31 -7.24
C THR B 110 39.44 -29.30 -6.01
N THR B 111 39.41 -28.22 -5.24
CA THR B 111 40.26 -28.10 -4.05
C THR B 111 39.85 -29.09 -2.96
N LEU B 112 38.55 -29.20 -2.72
CA LEU B 112 38.00 -30.18 -1.76
C LEU B 112 38.40 -31.61 -2.12
N ARG B 113 38.35 -31.92 -3.42
CA ARG B 113 38.77 -33.21 -3.95
C ARG B 113 40.28 -33.45 -3.78
N ASN B 114 41.09 -32.41 -3.99
CA ASN B 114 42.55 -32.52 -3.79
C ASN B 114 42.94 -32.83 -2.35
N TYR B 115 42.23 -32.22 -1.40
CA TYR B 115 42.52 -32.42 0.02
C TYR B 115 41.93 -33.70 0.59
N GLY B 116 40.96 -34.26 -0.13
CA GLY B 116 40.32 -35.52 0.25
C GLY B 116 40.94 -36.78 -0.35
N MET B 117 41.71 -36.60 -1.41
CA MET B 117 42.45 -37.70 -2.05
C MET B 117 43.76 -37.97 -1.31
N GLY B 118 44.29 -39.18 -1.47
CA GLY B 118 45.69 -39.47 -1.12
C GLY B 118 45.97 -39.99 0.28
N LYS B 119 47.26 -40.02 0.62
CA LYS B 119 47.75 -40.61 1.88
C LYS B 119 47.17 -39.89 3.11
N GLN B 120 47.12 -38.56 3.05
CA GLN B 120 46.44 -37.76 4.08
C GLN B 120 45.12 -37.17 3.55
N GLY B 121 44.35 -37.98 2.82
CA GLY B 121 43.03 -37.58 2.33
C GLY B 121 41.94 -37.54 3.41
N ASN B 122 40.68 -37.59 2.98
CA ASN B 122 39.54 -37.51 3.91
C ASN B 122 39.46 -38.64 4.94
N GLU B 123 39.71 -39.87 4.49
CA GLU B 123 39.68 -41.05 5.35
C GLU B 123 40.60 -40.88 6.56
N SER B 124 41.84 -40.46 6.28
CA SER B 124 42.86 -40.25 7.30
C SER B 124 42.49 -39.16 8.32
N ARG B 125 41.96 -38.07 7.80
CA ARG B 125 41.55 -36.91 8.59
C ARG B 125 40.44 -37.28 9.60
N ILE B 126 39.44 -38.01 9.13
CA ILE B 126 38.33 -38.45 9.97
C ILE B 126 38.79 -39.47 11.03
N GLN B 127 39.68 -40.36 10.62
CA GLN B 127 40.22 -41.38 11.53
C GLN B 127 40.97 -40.76 12.70
N ARG B 128 41.81 -39.76 12.42
CA ARG B 128 42.56 -39.11 13.51
C ARG B 128 41.63 -38.34 14.44
N GLU B 129 40.60 -37.71 13.87
CA GLU B 129 39.59 -36.97 14.63
C GLU B 129 38.73 -37.89 15.51
N ALA B 130 38.49 -39.11 15.04
CA ALA B 130 37.77 -40.13 15.80
C ALA B 130 38.43 -40.42 17.14
N HIS B 131 39.76 -40.34 17.20
CA HIS B 131 40.49 -40.53 18.44
C HIS B 131 40.06 -39.50 19.52
N PHE B 132 39.94 -38.25 19.12
CA PHE B 132 39.50 -37.17 20.03
C PHE B 132 38.02 -37.31 20.40
N LEU B 133 37.22 -37.82 19.49
CA LEU B 133 35.80 -38.02 19.74
C LEU B 133 35.59 -39.13 20.77
N LEU B 134 36.27 -40.26 20.56
CA LEU B 134 36.21 -41.39 21.49
C LEU B 134 36.77 -40.97 22.85
N GLU B 135 37.84 -40.17 22.81
CA GLU B 135 38.42 -39.59 24.01
C GLU B 135 37.36 -38.81 24.80
N ALA B 136 36.71 -37.85 24.15
CA ALA B 136 35.69 -37.00 24.78
C ALA B 136 34.53 -37.80 25.34
N LEU B 137 34.08 -38.80 24.59
CA LEU B 137 33.03 -39.71 25.03
C LEU B 137 33.44 -40.52 26.28
N ARG B 138 34.69 -40.97 26.31
CA ARG B 138 35.25 -41.65 27.50
C ARG B 138 35.25 -40.78 28.74
N LYS B 139 35.52 -39.48 28.56
CA LYS B 139 35.50 -38.52 29.67
C LYS B 139 34.14 -38.37 30.36
N THR B 140 33.04 -38.64 29.67
CA THR B 140 31.72 -38.55 30.30
C THR B 140 31.52 -39.63 31.37
N GLN B 141 32.44 -40.61 31.40
CA GLN B 141 32.50 -41.67 32.42
C GLN B 141 31.14 -42.32 32.70
N GLY B 142 30.37 -42.54 31.64
CA GLY B 142 29.08 -43.18 31.73
C GLY B 142 27.99 -42.33 32.36
N GLN B 143 28.28 -41.05 32.58
CA GLN B 143 27.27 -40.15 33.16
C GLN B 143 26.40 -39.53 32.06
N PRO B 144 25.15 -39.14 32.41
CA PRO B 144 24.25 -38.47 31.47
C PRO B 144 24.88 -37.20 30.88
N PHE B 145 24.66 -36.99 29.58
CA PHE B 145 25.16 -35.81 28.88
C PHE B 145 24.36 -35.49 27.62
N ASP B 146 24.31 -34.21 27.29
CA ASP B 146 23.78 -33.71 26.03
C ASP B 146 24.90 -33.84 24.98
N PRO B 147 24.67 -34.65 23.93
CA PRO B 147 25.71 -34.89 22.96
C PRO B 147 25.91 -33.75 21.93
N THR B 148 24.98 -32.78 21.91
CA THR B 148 24.94 -31.73 20.89
C THR B 148 26.30 -31.14 20.53
N PHE B 149 26.97 -30.58 21.54
CA PHE B 149 28.25 -29.89 21.30
C PHE B 149 29.46 -30.76 21.63
N LEU B 150 29.22 -32.04 21.85
CA LEU B 150 30.31 -33.00 21.93
C LEU B 150 30.53 -33.63 20.56
N ILE B 151 29.53 -34.34 20.05
CA ILE B 151 29.70 -35.04 18.78
C ILE B 151 29.84 -34.11 17.58
N GLY B 152 29.37 -32.86 17.72
CA GLY B 152 29.49 -31.86 16.66
C GLY B 152 30.92 -31.36 16.45
N CYS B 153 31.76 -31.56 17.46
CA CYS B 153 33.16 -31.16 17.40
C CYS B 153 33.87 -31.90 16.27
N ALA B 154 33.45 -33.13 16.03
CA ALA B 154 34.13 -34.01 15.09
C ALA B 154 34.09 -33.51 13.63
N PRO B 155 32.88 -33.33 13.05
CA PRO B 155 32.81 -32.74 11.72
C PRO B 155 33.35 -31.29 11.63
N CYS B 156 33.29 -30.54 12.73
CA CYS B 156 33.74 -29.15 12.75
C CYS B 156 35.27 -29.05 12.60
N ASN B 157 35.97 -29.94 13.31
CA ASN B 157 37.43 -30.03 13.21
C ASN B 157 37.90 -30.58 11.86
N VAL B 158 37.13 -31.48 11.27
CA VAL B 158 37.50 -32.05 9.99
C VAL B 158 37.46 -30.97 8.91
N ILE B 159 36.39 -30.19 8.87
CA ILE B 159 36.31 -29.12 7.89
C ILE B 159 37.29 -27.98 8.20
N ALA B 160 37.54 -27.73 9.49
CA ALA B 160 38.52 -26.72 9.91
C ALA B 160 39.93 -27.06 9.44
N ASP B 161 40.29 -28.34 9.48
CA ASP B 161 41.59 -28.81 8.96
C ASP B 161 41.75 -28.49 7.47
N ILE B 162 40.69 -28.79 6.70
CA ILE B 162 40.66 -28.51 5.27
C ILE B 162 40.70 -26.99 5.00
N LEU B 163 40.01 -26.22 5.84
CA LEU B 163 39.87 -24.77 5.61
C LEU B 163 41.03 -23.94 6.19
N PHE B 164 41.43 -24.25 7.42
CA PHE B 164 42.37 -23.42 8.15
C PHE B 164 43.62 -24.18 8.63
N ARG B 165 43.65 -25.49 8.44
CA ARG B 165 44.65 -26.37 9.06
C ARG B 165 44.75 -26.08 10.57
N LYS B 166 43.58 -25.98 11.21
CA LYS B 166 43.49 -25.73 12.65
C LYS B 166 42.74 -26.88 13.32
N HIS B 167 43.26 -27.31 14.45
CA HIS B 167 42.55 -28.26 15.28
C HIS B 167 42.14 -27.58 16.58
N PHE B 168 40.90 -27.83 17.02
CA PHE B 168 40.41 -27.24 18.25
C PHE B 168 40.31 -28.28 19.36
N ASP B 169 40.73 -27.89 20.56
CA ASP B 169 40.44 -28.62 21.79
C ASP B 169 38.93 -28.60 21.95
N TYR B 170 38.36 -29.71 22.43
CA TYR B 170 36.89 -29.91 22.48
C TYR B 170 36.09 -28.94 23.38
N ASN B 171 36.74 -28.29 24.34
CA ASN B 171 36.08 -27.23 25.13
C ASN B 171 36.71 -25.83 25.05
N ASP B 172 37.49 -25.60 23.99
CA ASP B 172 37.94 -24.28 23.60
C ASP B 172 36.73 -23.36 23.42
N GLU B 173 36.73 -22.25 24.17
CA GLU B 173 35.58 -21.33 24.26
C GLU B 173 35.09 -20.81 22.90
N LYS B 174 36.03 -20.48 22.01
CA LYS B 174 35.68 -20.01 20.67
C LYS B 174 35.04 -21.08 19.79
N PHE B 175 35.62 -22.28 19.84
CA PHE B 175 35.14 -23.48 19.16
C PHE B 175 33.69 -23.78 19.54
N LEU B 176 33.39 -23.73 20.83
CA LEU B 176 32.04 -23.96 21.31
C LEU B 176 31.09 -22.90 20.76
N ARG B 177 31.56 -21.65 20.71
CA ARG B 177 30.78 -20.52 20.26
C ARG B 177 30.46 -20.57 18.76
N LEU B 178 31.42 -20.95 17.93
CA LEU B 178 31.14 -21.16 16.52
C LEU B 178 30.02 -22.21 16.36
N MET B 179 30.21 -23.34 17.01
CA MET B 179 29.25 -24.45 16.97
C MET B 179 27.86 -24.06 17.49
N TYR B 180 27.82 -23.29 18.59
CA TYR B 180 26.58 -22.75 19.14
C TYR B 180 25.82 -21.92 18.09
N LEU B 181 26.53 -21.03 17.40
CA LEU B 181 25.97 -20.19 16.34
C LEU B 181 25.45 -21.01 15.14
N PHE B 182 26.18 -22.05 14.75
CA PHE B 182 25.73 -22.94 13.69
C PHE B 182 24.44 -23.64 14.12
N ASN B 183 24.41 -24.08 15.37
CA ASN B 183 23.27 -24.77 15.94
C ASN B 183 22.01 -23.90 16.02
N GLU B 184 22.15 -22.70 16.57
CA GLU B 184 21.04 -21.75 16.67
C GLU B 184 20.49 -21.29 15.32
N ASN B 185 21.38 -21.04 14.36
CA ASN B 185 20.94 -20.68 13.01
C ASN B 185 20.10 -21.75 12.35
N PHE B 186 20.58 -22.99 12.38
CA PHE B 186 19.87 -24.12 11.77
C PHE B 186 18.55 -24.35 12.49
N HIS B 187 18.56 -24.21 13.82
CA HIS B 187 17.36 -24.29 14.66
C HIS B 187 16.34 -23.21 14.28
N LEU B 188 16.76 -21.94 14.33
CA LEU B 188 15.85 -20.82 14.15
C LEU B 188 15.31 -20.76 12.73
N LEU B 189 16.14 -21.11 11.76
CA LEU B 189 15.72 -21.16 10.37
C LEU B 189 14.72 -22.28 10.08
N SER B 190 14.39 -23.07 11.10
CA SER B 190 13.38 -24.12 11.00
C SER B 190 12.11 -23.77 11.78
N THR B 191 12.08 -22.56 12.32
CA THR B 191 10.93 -22.09 13.09
C THR B 191 9.97 -21.26 12.22
N PRO B 192 8.68 -21.23 12.59
CA PRO B 192 7.65 -20.50 11.82
C PRO B 192 7.95 -19.00 11.61
N TRP B 193 8.50 -18.33 12.62
CA TRP B 193 8.87 -16.90 12.49
C TRP B 193 9.86 -16.61 11.37
N LEU B 194 10.94 -17.38 11.31
CA LEU B 194 11.91 -17.22 10.24
C LEU B 194 11.37 -17.55 8.84
N GLN B 195 10.41 -18.47 8.78
CA GLN B 195 9.74 -18.81 7.53
C GLN B 195 8.91 -17.62 7.04
N LEU B 196 8.26 -16.93 7.96
CA LEU B 196 7.53 -15.70 7.62
C LEU B 196 8.52 -14.63 7.17
N TYR B 197 9.56 -14.43 7.97
CA TYR B 197 10.62 -13.50 7.62
C TYR B 197 11.22 -13.77 6.23
N ASN B 198 11.62 -15.02 5.97
CA ASN B 198 12.13 -15.42 4.66
C ASN B 198 11.27 -14.89 3.50
N ASN B 199 9.97 -14.82 3.71
CA ASN B 199 9.04 -14.42 2.66
C ASN B 199 8.50 -12.98 2.67
N PHE B 200 8.59 -12.32 3.83
CA PHE B 200 8.17 -10.92 3.98
C PHE B 200 9.28 -10.15 4.68
N PRO B 201 10.51 -10.19 4.13
CA PRO B 201 11.62 -9.55 4.84
C PRO B 201 11.43 -8.05 5.09
N SER B 202 10.89 -7.30 4.14
CA SER B 202 10.82 -5.85 4.33
C SER B 202 9.70 -5.39 5.28
N PHE B 203 8.63 -6.17 5.41
CA PHE B 203 7.61 -5.88 6.44
C PHE B 203 8.13 -6.19 7.85
N LEU B 204 9.01 -7.18 7.95
CA LEU B 204 9.32 -7.78 9.23
C LEU B 204 10.70 -7.45 9.80
N HIS B 205 11.63 -7.05 8.93
CA HIS B 205 13.05 -6.93 9.30
C HIS B 205 13.33 -6.04 10.52
N TYR B 206 12.72 -4.87 10.56
CA TYR B 206 13.02 -3.88 11.60
C TYR B 206 12.05 -3.94 12.78
N LEU B 207 11.27 -5.02 12.84
CA LEU B 207 10.50 -5.35 14.03
C LEU B 207 11.41 -6.17 14.95
N PRO B 208 11.07 -6.27 16.24
CA PRO B 208 11.77 -7.21 17.11
C PRO B 208 11.47 -8.68 16.72
N GLY B 209 12.32 -9.59 17.18
CA GLY B 209 12.10 -11.01 16.93
C GLY B 209 13.35 -11.77 16.57
N SER B 210 13.22 -13.08 16.45
CA SER B 210 14.36 -13.98 16.37
C SER B 210 15.15 -13.91 15.06
N HIS B 211 14.57 -13.29 14.02
CA HIS B 211 15.31 -13.02 12.79
C HIS B 211 16.58 -12.18 13.05
N ARG B 212 16.51 -11.27 14.02
CA ARG B 212 17.65 -10.42 14.40
C ARG B 212 18.84 -11.22 14.93
N LYS B 213 18.57 -12.23 15.74
CA LYS B 213 19.59 -13.13 16.25
C LYS B 213 20.27 -13.92 15.11
N VAL B 214 19.48 -14.43 14.17
CA VAL B 214 20.04 -15.16 13.02
C VAL B 214 21.00 -14.29 12.19
N ILE B 215 20.57 -13.06 11.88
CA ILE B 215 21.36 -12.08 11.12
C ILE B 215 22.68 -11.75 11.83
N LYS B 216 22.58 -11.50 13.14
CA LYS B 216 23.73 -11.21 13.99
C LYS B 216 24.69 -12.39 14.06
N ASN B 217 24.15 -13.60 14.14
CA ASN B 217 24.95 -14.82 14.20
C ASN B 217 25.72 -15.06 12.91
N VAL B 218 25.07 -14.82 11.77
CA VAL B 218 25.69 -14.96 10.46
C VAL B 218 26.86 -13.97 10.33
N ALA B 219 26.63 -12.73 10.76
CA ALA B 219 27.65 -11.68 10.74
C ALA B 219 28.82 -12.02 11.66
N GLU B 220 28.52 -12.62 12.81
CA GLU B 220 29.56 -13.08 13.73
C GLU B 220 30.45 -14.18 13.15
N VAL B 221 29.84 -15.18 12.49
CA VAL B 221 30.59 -16.24 11.83
C VAL B 221 31.44 -15.66 10.70
N LYS B 222 30.83 -14.77 9.91
CA LYS B 222 31.51 -14.12 8.79
C LYS B 222 32.69 -13.28 9.26
N GLU B 223 32.57 -12.59 10.40
CA GLU B 223 33.68 -11.82 10.97
C GLU B 223 34.86 -12.69 11.41
N TYR B 224 34.56 -13.77 12.15
CA TYR B 224 35.57 -14.73 12.57
C TYR B 224 36.34 -15.28 11.37
N VAL B 225 35.62 -15.63 10.31
CA VAL B 225 36.24 -16.18 9.10
C VAL B 225 37.12 -15.13 8.43
N SER B 226 36.60 -13.89 8.34
CA SER B 226 37.33 -12.77 7.74
C SER B 226 38.71 -12.54 8.36
N GLU B 227 38.77 -12.58 9.70
CA GLU B 227 40.03 -12.42 10.43
CA GLU B 227 40.03 -12.42 10.41
C GLU B 227 41.02 -13.55 10.11
N ARG B 228 40.49 -14.77 9.97
CA ARG B 228 41.32 -15.91 9.58
C ARG B 228 41.79 -15.75 8.15
N VAL B 229 40.94 -15.19 7.29
CA VAL B 229 41.28 -14.95 5.89
C VAL B 229 42.41 -13.91 5.78
N LYS B 230 42.33 -12.86 6.61
CA LYS B 230 43.37 -11.82 6.65
C LYS B 230 44.69 -12.34 7.22
N GLU B 231 44.62 -13.11 8.32
CA GLU B 231 45.79 -13.80 8.90
C GLU B 231 46.46 -14.73 7.88
N HIS B 232 45.66 -15.37 7.04
CA HIS B 232 46.20 -16.23 5.99
C HIS B 232 46.86 -15.42 4.88
N HIS B 233 46.30 -14.26 4.57
CA HIS B 233 46.85 -13.37 3.55
C HIS B 233 48.23 -12.82 3.90
N GLN B 234 48.43 -12.50 5.18
CA GLN B 234 49.70 -11.94 5.67
C GLN B 234 50.85 -12.96 5.62
N SER B 235 50.60 -14.17 6.13
CA SER B 235 51.63 -15.21 6.20
C SER B 235 51.58 -16.13 4.99
N LEU B 236 51.11 -15.59 3.86
CA LEU B 236 50.94 -16.39 2.64
C LEU B 236 52.25 -16.71 1.92
N ASP B 237 52.50 -18.01 1.77
CA ASP B 237 53.59 -18.54 0.96
C ASP B 237 52.96 -19.09 -0.32
N PRO B 238 52.88 -18.25 -1.39
CA PRO B 238 52.20 -18.68 -2.63
C PRO B 238 52.76 -19.96 -3.25
N ASN B 239 53.88 -20.47 -2.72
CA ASN B 239 54.47 -21.73 -3.20
C ASN B 239 53.98 -22.97 -2.46
N CYS B 240 53.79 -22.83 -1.14
CA CYS B 240 53.30 -23.92 -0.30
C CYS B 240 51.97 -23.53 0.36
N PRO B 241 50.85 -23.85 -0.30
CA PRO B 241 49.53 -23.60 0.30
C PRO B 241 49.28 -24.51 1.50
N ARG B 242 48.74 -23.94 2.57
CA ARG B 242 48.50 -24.68 3.82
C ARG B 242 47.14 -25.35 3.86
N ASP B 243 46.17 -24.77 3.16
CA ASP B 243 44.76 -25.17 3.25
C ASP B 243 43.94 -24.52 2.15
N LEU B 244 42.62 -24.69 2.19
CA LEU B 244 41.74 -24.20 1.13
C LEU B 244 41.67 -22.67 1.06
N THR B 245 41.77 -21.98 2.19
CA THR B 245 41.76 -20.52 2.16
C THR B 245 42.97 -20.01 1.38
N ASP B 246 44.14 -20.59 1.65
CA ASP B 246 45.35 -20.31 0.88
C ASP B 246 45.13 -20.47 -0.63
N CYS B 247 44.66 -21.65 -1.05
CA CYS B 247 44.37 -21.93 -2.46
C CYS B 247 43.51 -20.86 -3.12
N LEU B 248 42.50 -20.38 -2.39
CA LEU B 248 41.61 -19.31 -2.85
C LEU B 248 42.35 -17.97 -2.98
N LEU B 249 43.05 -17.59 -1.92
CA LEU B 249 43.93 -16.41 -1.89
C LEU B 249 44.96 -16.42 -3.02
N VAL B 250 45.53 -17.59 -3.28
CA VAL B 250 46.51 -17.78 -4.35
C VAL B 250 45.89 -17.55 -5.72
N GLU B 251 44.66 -18.02 -5.90
CA GLU B 251 43.93 -17.83 -7.15
C GLU B 251 43.56 -16.36 -7.38
N MET B 252 43.44 -15.61 -6.28
CA MET B 252 43.12 -14.17 -6.33
C MET B 252 44.26 -13.29 -6.87
N GLU B 253 45.49 -13.59 -6.45
CA GLU B 253 46.68 -12.91 -6.97
C GLU B 253 46.85 -13.25 -8.45
N LYS B 254 46.69 -14.53 -8.77
CA LYS B 254 46.85 -15.03 -10.14
C LYS B 254 45.68 -14.68 -11.07
N GLU B 255 45.15 -13.45 -10.90
CA GLU B 255 44.11 -12.93 -11.79
C GLU B 255 44.02 -11.39 -11.73
N LYS B 256 44.69 -10.80 -10.73
CA LYS B 256 44.68 -9.35 -10.46
C LYS B 256 44.63 -8.44 -11.69
N HIS B 257 45.34 -8.83 -12.76
CA HIS B 257 45.50 -8.00 -13.96
C HIS B 257 44.41 -8.24 -15.02
N SER B 258 43.46 -9.13 -14.74
CA SER B 258 42.33 -9.39 -15.64
C SER B 258 41.23 -8.37 -15.42
N ALA B 259 40.50 -8.05 -16.50
CA ALA B 259 39.40 -7.07 -16.43
C ALA B 259 38.18 -7.61 -15.68
N GLU B 260 37.98 -8.93 -15.70
CA GLU B 260 36.87 -9.58 -14.98
C GLU B 260 37.32 -10.39 -13.76
N ARG B 261 37.03 -9.85 -12.58
CA ARG B 261 37.48 -10.41 -11.31
C ARG B 261 36.45 -11.38 -10.73
N LEU B 262 36.93 -12.47 -10.13
CA LEU B 262 36.05 -13.43 -9.47
C LEU B 262 36.17 -13.37 -7.96
N TYR B 263 37.39 -13.09 -7.49
CA TYR B 263 37.70 -13.20 -6.07
C TYR B 263 37.93 -11.85 -5.40
N THR B 264 37.17 -11.62 -4.35
CA THR B 264 37.38 -10.51 -3.42
C THR B 264 37.85 -11.13 -2.11
N MET B 265 38.31 -10.30 -1.18
CA MET B 265 38.54 -10.75 0.19
C MET B 265 37.20 -11.13 0.84
N ASP B 266 36.15 -10.39 0.49
CA ASP B 266 34.78 -10.68 0.91
C ASP B 266 34.24 -11.93 0.23
N GLY B 267 34.51 -12.08 -1.06
CA GLY B 267 34.06 -13.25 -1.81
C GLY B 267 34.67 -14.52 -1.26
N ILE B 268 35.92 -14.43 -0.84
CA ILE B 268 36.60 -15.57 -0.28
C ILE B 268 36.06 -15.87 1.12
N THR B 269 35.81 -14.83 1.90
CA THR B 269 35.32 -15.00 3.26
C THR B 269 33.92 -15.65 3.27
N VAL B 270 33.08 -15.28 2.31
CA VAL B 270 31.76 -15.91 2.16
C VAL B 270 31.88 -17.38 1.72
N THR B 271 32.83 -17.66 0.82
CA THR B 271 33.12 -19.02 0.34
C THR B 271 33.55 -19.94 1.49
N VAL B 272 34.40 -19.43 2.37
CA VAL B 272 34.93 -20.22 3.47
C VAL B 272 33.92 -20.41 4.61
N ALA B 273 33.12 -19.38 4.88
CA ALA B 273 32.06 -19.46 5.88
C ALA B 273 30.93 -20.40 5.45
N ASP B 274 30.61 -20.39 4.15
CA ASP B 274 29.72 -21.39 3.55
C ASP B 274 30.16 -22.82 3.90
N LEU B 275 31.43 -23.12 3.59
CA LEU B 275 31.97 -24.47 3.79
C LEU B 275 32.06 -24.84 5.27
N PHE B 276 32.47 -23.87 6.08
CA PHE B 276 32.62 -24.02 7.51
C PHE B 276 31.30 -24.41 8.20
N PHE B 277 30.25 -23.62 7.92
CA PHE B 277 28.91 -23.86 8.46
C PHE B 277 28.25 -25.12 7.90
N ALA B 278 28.34 -25.29 6.58
CA ALA B 278 27.75 -26.43 5.90
C ALA B 278 28.48 -27.74 6.23
N GLY B 279 29.79 -27.66 6.46
CA GLY B 279 30.62 -28.83 6.76
C GLY B 279 30.46 -29.32 8.18
N THR B 280 29.95 -28.46 9.05
CA THR B 280 29.72 -28.79 10.45
C THR B 280 28.30 -29.28 10.72
N GLU B 281 27.32 -28.43 10.42
CA GLU B 281 26.00 -28.53 11.01
C GLU B 281 25.13 -29.69 10.56
N THR B 282 25.07 -29.94 9.25
CA THR B 282 24.24 -31.01 8.75
C THR B 282 24.75 -32.40 9.16
N THR B 283 26.05 -32.59 9.14
CA THR B 283 26.65 -33.85 9.54
C THR B 283 26.46 -34.05 11.05
N SER B 284 26.69 -33.00 11.82
CA SER B 284 26.49 -33.02 13.26
C SER B 284 25.06 -33.40 13.63
N THR B 285 24.09 -32.75 12.98
CA THR B 285 22.69 -33.04 13.21
C THR B 285 22.34 -34.49 12.84
N THR B 286 22.83 -34.99 11.70
CA THR B 286 22.50 -36.33 11.22
C THR B 286 22.94 -37.40 12.23
N LEU B 287 24.16 -37.26 12.74
CA LEU B 287 24.72 -38.14 13.76
C LEU B 287 23.94 -38.11 15.07
N ARG B 288 23.53 -36.92 15.49
CA ARG B 288 22.78 -36.74 16.72
C ARG B 288 21.40 -37.36 16.61
N TYR B 289 20.80 -37.22 15.44
CA TYR B 289 19.52 -37.84 15.16
C TYR B 289 19.71 -39.35 15.08
N GLY B 290 20.83 -39.77 14.51
CA GLY B 290 21.19 -41.19 14.41
C GLY B 290 21.24 -41.89 15.76
N LEU B 291 21.92 -41.26 16.71
CA LEU B 291 22.00 -41.80 18.07
C LEU B 291 20.63 -41.94 18.72
N LEU B 292 19.76 -40.93 18.56
CA LEU B 292 18.44 -40.95 19.16
C LEU B 292 17.60 -42.11 18.60
N ILE B 293 17.68 -42.30 17.27
CA ILE B 293 16.99 -43.37 16.57
C ILE B 293 17.45 -44.75 17.04
N LEU B 294 18.76 -44.95 17.16
CA LEU B 294 19.26 -46.25 17.58
C LEU B 294 18.84 -46.63 19.03
N MET B 295 18.69 -45.61 19.88
CA MET B 295 18.22 -45.82 21.24
C MET B 295 16.75 -46.22 21.35
N LYS B 296 15.93 -45.77 20.39
CA LYS B 296 14.55 -46.28 20.29
C LYS B 296 14.54 -47.74 19.83
N TYR B 297 15.58 -48.16 19.11
CA TYR B 297 15.61 -49.52 18.58
C TYR B 297 16.84 -50.33 18.99
N PRO B 298 16.88 -50.75 20.28
CA PRO B 298 18.09 -51.41 20.80
C PRO B 298 18.45 -52.66 20.02
N GLU B 299 17.46 -53.33 19.46
CA GLU B 299 17.69 -54.49 18.61
C GLU B 299 18.47 -54.16 17.34
N ILE B 300 18.23 -52.96 16.78
CA ILE B 300 19.02 -52.48 15.64
C ILE B 300 20.45 -52.15 16.09
N GLU B 301 20.57 -51.47 17.23
CA GLU B 301 21.89 -51.18 17.79
C GLU B 301 22.72 -52.45 17.97
N GLU B 302 22.07 -53.50 18.48
CA GLU B 302 22.71 -54.79 18.74
C GLU B 302 23.23 -55.54 17.48
N LYS B 303 22.41 -55.61 16.42
CA LYS B 303 22.85 -56.18 15.13
C LYS B 303 24.04 -55.42 14.56
N LEU B 304 24.02 -54.09 14.68
CA LEU B 304 25.15 -53.23 14.33
C LEU B 304 26.40 -53.60 15.14
N HIS B 305 26.22 -53.84 16.43
CA HIS B 305 27.32 -54.28 17.27
C HIS B 305 27.90 -55.61 16.85
N GLU B 306 27.02 -56.55 16.48
CA GLU B 306 27.42 -57.86 15.98
C GLU B 306 28.30 -57.68 14.75
N GLU B 307 27.80 -56.89 13.79
CA GLU B 307 28.49 -56.68 12.52
C GLU B 307 29.87 -56.03 12.68
N ILE B 308 29.94 -54.97 13.48
CA ILE B 308 31.21 -54.29 13.76
C ILE B 308 32.25 -55.27 14.34
N ASP B 309 31.88 -56.02 15.38
CA ASP B 309 32.82 -56.94 16.04
C ASP B 309 33.22 -58.12 15.17
N ARG B 310 32.32 -58.52 14.27
CA ARG B 310 32.62 -59.61 13.35
C ARG B 310 33.56 -59.15 12.23
N VAL B 311 33.35 -57.94 11.72
CA VAL B 311 34.07 -57.51 10.51
C VAL B 311 35.32 -56.69 10.81
N ILE B 312 35.19 -55.69 11.67
CA ILE B 312 36.30 -54.85 12.07
C ILE B 312 36.96 -55.39 13.34
N GLY B 313 36.16 -55.95 14.24
CA GLY B 313 36.67 -56.39 15.53
C GLY B 313 36.73 -55.21 16.49
N PRO B 314 37.17 -55.45 17.73
CA PRO B 314 37.02 -54.43 18.78
C PRO B 314 38.05 -53.29 18.80
N SER B 315 39.13 -53.38 18.05
CA SER B 315 40.24 -52.39 18.20
C SER B 315 40.69 -51.58 16.97
N ARG B 316 40.76 -52.23 15.80
CA ARG B 316 41.22 -51.58 14.58
C ARG B 316 40.31 -50.42 14.22
N ILE B 317 40.91 -49.27 13.88
CA ILE B 317 40.14 -48.11 13.46
C ILE B 317 39.31 -48.42 12.19
N PRO B 318 38.02 -48.03 12.16
CA PRO B 318 37.23 -48.23 10.94
C PRO B 318 37.80 -47.51 9.72
N ALA B 319 37.60 -48.08 8.54
CA ALA B 319 38.04 -47.50 7.28
C ALA B 319 36.89 -47.54 6.28
N ILE B 320 36.92 -46.69 5.26
CA ILE B 320 35.78 -46.58 4.33
C ILE B 320 35.49 -47.84 3.52
N LYS B 321 36.51 -48.62 3.18
CA LYS B 321 36.28 -49.86 2.46
C LYS B 321 35.46 -50.88 3.28
N ASP B 322 35.50 -50.76 4.61
CA ASP B 322 34.70 -51.63 5.49
C ASP B 322 33.21 -51.63 5.14
N ARG B 323 32.74 -50.50 4.60
CA ARG B 323 31.37 -50.34 4.12
C ARG B 323 30.97 -51.45 3.13
N GLN B 324 31.90 -51.84 2.27
CA GLN B 324 31.66 -52.89 1.27
C GLN B 324 31.40 -54.26 1.91
N GLU B 325 31.88 -54.44 3.14
CA GLU B 325 31.69 -55.70 3.89
C GLU B 325 30.74 -55.58 5.08
N MET B 326 30.08 -54.43 5.21
CA MET B 326 29.10 -54.21 6.29
C MET B 326 27.72 -53.77 5.78
N PRO B 327 26.99 -54.70 5.12
CA PRO B 327 25.69 -54.39 4.54
C PRO B 327 24.69 -53.75 5.54
N TYR B 328 24.66 -54.22 6.79
CA TYR B 328 23.68 -53.72 7.77
C TYR B 328 23.95 -52.28 8.24
N MET B 329 25.21 -51.99 8.59
CA MET B 329 25.64 -50.63 8.87
C MET B 329 25.41 -49.68 7.69
N ASP B 330 25.75 -50.15 6.49
CA ASP B 330 25.53 -49.40 5.25
C ASP B 330 24.05 -49.06 5.07
N ALA B 331 23.19 -50.04 5.29
CA ALA B 331 21.75 -49.83 5.20
C ALA B 331 21.25 -48.86 6.29
N VAL B 332 21.75 -49.02 7.51
CA VAL B 332 21.38 -48.14 8.65
C VAL B 332 21.80 -46.68 8.44
N VAL B 333 23.01 -46.48 7.90
CA VAL B 333 23.52 -45.15 7.61
C VAL B 333 22.72 -44.49 6.47
N HIS B 334 22.37 -45.28 5.46
CA HIS B 334 21.49 -44.79 4.40
C HIS B 334 20.12 -44.43 4.97
N GLU B 335 19.58 -45.31 5.81
CA GLU B 335 18.24 -45.13 6.37
C GLU B 335 18.14 -43.92 7.30
N ILE B 336 19.20 -43.59 8.03
CA ILE B 336 19.19 -42.42 8.91
C ILE B 336 19.02 -41.14 8.08
N GLN B 337 19.71 -41.04 6.94
CA GLN B 337 19.63 -39.86 6.09
C GLN B 337 18.32 -39.77 5.33
N ARG B 338 17.78 -40.93 4.96
CA ARG B 338 16.49 -41.04 4.30
C ARG B 338 15.33 -40.65 5.24
N PHE B 339 15.27 -41.30 6.40
CA PHE B 339 14.23 -41.13 7.41
C PHE B 339 14.15 -39.70 7.97
N ILE B 340 15.27 -39.00 8.08
CA ILE B 340 15.24 -37.68 8.72
C ILE B 340 14.91 -36.50 7.80
N THR B 341 15.05 -36.69 6.48
CA THR B 341 14.78 -35.62 5.49
C THR B 341 15.33 -34.29 6.01
N LEU B 342 16.64 -34.23 6.22
CA LEU B 342 17.22 -33.18 7.04
C LEU B 342 17.01 -31.80 6.44
N VAL B 343 17.06 -31.72 5.11
CA VAL B 343 16.72 -30.52 4.37
C VAL B 343 15.50 -30.87 3.50
N PRO B 344 14.31 -30.92 4.10
CA PRO B 344 13.17 -31.58 3.44
C PRO B 344 12.65 -30.87 2.17
N SER B 345 12.83 -29.54 2.09
CA SER B 345 12.42 -28.77 0.91
C SER B 345 13.59 -28.38 0.00
N ASN B 346 14.75 -29.02 0.19
CA ASN B 346 15.97 -28.66 -0.55
C ASN B 346 16.39 -27.23 -0.21
N LEU B 347 17.35 -26.70 -0.98
CA LEU B 347 17.60 -25.28 -1.04
C LEU B 347 16.86 -24.71 -2.26
N PRO B 348 16.32 -23.48 -2.13
CA PRO B 348 15.54 -22.93 -3.24
C PRO B 348 16.38 -22.69 -4.49
N HIS B 349 15.89 -23.20 -5.62
CA HIS B 349 16.48 -22.94 -6.93
C HIS B 349 15.79 -21.74 -7.56
N GLU B 350 16.28 -21.33 -8.74
CA GLU B 350 15.70 -20.20 -9.48
C GLU B 350 15.81 -20.40 -10.99
N ALA B 351 14.75 -20.02 -11.71
CA ALA B 351 14.73 -20.06 -13.18
C ALA B 351 15.58 -18.93 -13.78
N THR B 352 16.61 -19.32 -14.53
CA THR B 352 17.60 -18.39 -15.08
C THR B 352 17.10 -17.65 -16.34
N ARG B 353 16.02 -18.17 -16.91
CA ARG B 353 15.35 -17.62 -18.09
C ARG B 353 13.93 -18.18 -18.14
N ASP B 354 13.05 -17.59 -18.95
CA ASP B 354 11.72 -18.15 -19.21
C ASP B 354 11.90 -19.58 -19.67
N THR B 355 11.18 -20.51 -19.05
CA THR B 355 11.30 -21.92 -19.38
C THR B 355 9.91 -22.50 -19.55
N ILE B 356 9.77 -23.43 -20.49
CA ILE B 356 8.53 -24.18 -20.66
C ILE B 356 8.76 -25.61 -20.14
N PHE B 357 8.21 -25.87 -18.96
CA PHE B 357 8.39 -27.14 -18.26
C PHE B 357 7.06 -27.88 -18.26
N ARG B 358 7.03 -29.07 -18.85
CA ARG B 358 5.77 -29.83 -18.98
C ARG B 358 4.60 -29.05 -19.61
N GLY B 359 4.87 -28.29 -20.67
CA GLY B 359 3.87 -27.39 -21.23
C GLY B 359 3.56 -26.11 -20.45
N TYR B 360 4.03 -26.03 -19.20
CA TYR B 360 3.81 -24.85 -18.36
C TYR B 360 4.93 -23.80 -18.44
N LEU B 361 4.54 -22.54 -18.50
CA LEU B 361 5.52 -21.44 -18.46
C LEU B 361 6.04 -21.18 -17.05
N ILE B 362 7.36 -21.11 -16.93
CA ILE B 362 8.04 -20.74 -15.70
C ILE B 362 8.96 -19.58 -16.05
N PRO B 363 8.54 -18.34 -15.70
CA PRO B 363 9.26 -17.12 -16.07
C PRO B 363 10.57 -17.03 -15.34
N LYS B 364 11.56 -16.45 -16.00
CA LYS B 364 12.83 -16.07 -15.36
C LYS B 364 12.61 -15.42 -13.98
N GLY B 365 13.43 -15.80 -13.00
CA GLY B 365 13.34 -15.22 -11.66
C GLY B 365 12.34 -15.94 -10.77
N THR B 366 11.67 -16.96 -11.30
CA THR B 366 10.78 -17.76 -10.47
C THR B 366 11.61 -18.67 -9.58
N VAL B 367 11.29 -18.65 -8.28
CA VAL B 367 11.83 -19.59 -7.31
C VAL B 367 11.34 -20.98 -7.66
N VAL B 368 12.26 -21.93 -7.70
CA VAL B 368 11.92 -23.32 -8.04
C VAL B 368 12.30 -24.25 -6.88
N VAL B 369 11.33 -25.03 -6.39
CA VAL B 369 11.56 -25.86 -5.19
C VAL B 369 11.55 -27.36 -5.56
N PRO B 370 12.75 -27.95 -5.71
CA PRO B 370 12.87 -29.37 -6.00
C PRO B 370 12.85 -30.13 -4.68
N THR B 371 11.64 -30.44 -4.25
CA THR B 371 11.32 -31.06 -2.98
C THR B 371 12.05 -32.41 -2.78
N LEU B 372 12.67 -32.57 -1.62
CA LEU B 372 13.48 -33.76 -1.34
C LEU B 372 12.80 -34.83 -0.49
N ASP B 373 12.06 -34.39 0.54
CA ASP B 373 11.28 -35.32 1.37
C ASP B 373 10.30 -36.20 0.55
N SER B 374 9.71 -35.63 -0.51
CA SER B 374 8.79 -36.37 -1.36
C SER B 374 9.49 -37.48 -2.17
N VAL B 375 10.79 -37.32 -2.35
CA VAL B 375 11.59 -38.34 -3.01
C VAL B 375 12.01 -39.37 -1.98
N LEU B 376 12.57 -38.90 -0.87
CA LEU B 376 13.02 -39.78 0.21
C LEU B 376 11.87 -40.61 0.80
N TYR B 377 10.64 -40.10 0.71
CA TYR B 377 9.46 -40.75 1.29
C TYR B 377 8.51 -41.39 0.28
N ASP B 378 9.01 -41.67 -0.93
CA ASP B 378 8.24 -42.39 -1.96
C ASP B 378 7.78 -43.75 -1.45
N ASN B 379 6.48 -43.96 -1.45
CA ASN B 379 5.94 -45.17 -0.84
C ASN B 379 6.02 -46.46 -1.70
N GLN B 380 6.42 -46.32 -2.96
CA GLN B 380 6.68 -47.48 -3.81
C GLN B 380 8.11 -47.97 -3.64
N GLU B 381 9.05 -47.04 -3.68
CA GLU B 381 10.45 -47.37 -3.49
C GLU B 381 10.71 -47.81 -2.04
N PHE B 382 10.05 -47.16 -1.09
CA PHE B 382 10.29 -47.41 0.32
C PHE B 382 8.96 -47.68 1.04
N PRO B 383 8.35 -48.89 0.80
CA PRO B 383 7.05 -49.19 1.44
C PRO B 383 7.14 -48.98 2.95
N ASP B 384 6.10 -48.39 3.52
CA ASP B 384 6.07 -47.85 4.89
C ASP B 384 7.14 -46.77 5.10
N PRO B 385 7.10 -45.69 4.29
CA PRO B 385 8.17 -44.68 4.30
C PRO B 385 8.31 -43.94 5.64
N GLU B 386 7.22 -43.85 6.39
CA GLU B 386 7.18 -43.09 7.64
C GLU B 386 7.95 -43.78 8.77
N LYS B 387 8.31 -45.05 8.54
CA LYS B 387 8.93 -45.90 9.55
C LYS B 387 10.42 -46.04 9.28
N PHE B 388 11.20 -46.01 10.36
CA PHE B 388 12.62 -46.24 10.26
C PHE B 388 12.87 -47.75 10.10
N LYS B 389 13.44 -48.13 8.96
CA LYS B 389 13.63 -49.53 8.64
C LYS B 389 14.84 -49.73 7.75
N PRO B 390 15.93 -50.26 8.33
CA PRO B 390 17.13 -50.62 7.58
C PRO B 390 16.82 -51.51 6.36
N GLU B 391 15.72 -52.24 6.40
CA GLU B 391 15.33 -53.11 5.29
C GLU B 391 14.84 -52.39 4.05
N HIS B 392 14.56 -51.08 4.18
CA HIS B 392 14.41 -50.18 3.03
C HIS B 392 15.68 -50.18 2.14
N PHE B 393 16.84 -50.50 2.73
CA PHE B 393 18.09 -50.56 2.00
C PHE B 393 18.77 -51.94 2.07
N LEU B 394 17.95 -52.98 2.21
CA LEU B 394 18.42 -54.36 2.24
C LEU B 394 17.67 -55.26 1.26
N ASN B 395 18.40 -56.07 0.50
CA ASN B 395 17.71 -57.01 -0.41
C ASN B 395 17.48 -58.38 0.21
N GLU B 396 17.21 -59.35 -0.66
CA GLU B 396 16.85 -60.72 -0.28
C GLU B 396 18.03 -61.51 0.29
N ASN B 397 19.24 -61.15 -0.16
CA ASN B 397 20.45 -61.80 0.33
C ASN B 397 20.91 -61.25 1.69
N GLY B 398 20.21 -60.21 2.18
CA GLY B 398 20.64 -59.45 3.37
C GLY B 398 21.74 -58.45 3.00
N LYS B 399 21.92 -58.24 1.70
CA LYS B 399 22.93 -57.32 1.19
C LYS B 399 22.32 -55.95 0.94
N PHE B 400 23.17 -54.94 0.87
CA PHE B 400 22.70 -53.57 0.65
C PHE B 400 21.91 -53.46 -0.64
N LYS B 401 20.80 -52.74 -0.57
CA LYS B 401 19.98 -52.46 -1.74
C LYS B 401 20.09 -51.00 -2.14
N TYR B 402 20.79 -50.74 -3.24
CA TYR B 402 20.94 -49.41 -3.81
C TYR B 402 19.60 -48.83 -4.25
N SER B 403 19.44 -47.53 -4.03
CA SER B 403 18.29 -46.81 -4.53
C SER B 403 18.68 -45.46 -5.15
N ASP B 404 18.10 -45.14 -6.30
CA ASP B 404 18.24 -43.81 -6.89
C ASP B 404 17.41 -42.76 -6.14
N TYR B 405 16.40 -43.19 -5.39
CA TYR B 405 15.56 -42.29 -4.60
C TYR B 405 16.30 -41.75 -3.37
N PHE B 406 17.47 -42.32 -3.11
CA PHE B 406 18.36 -41.80 -2.09
C PHE B 406 18.96 -40.48 -2.58
N LYS B 407 18.34 -39.37 -2.18
CA LYS B 407 18.73 -38.05 -2.68
C LYS B 407 18.75 -36.98 -1.59
N PRO B 408 19.31 -37.30 -0.40
CA PRO B 408 19.28 -36.29 0.65
C PRO B 408 20.21 -35.10 0.34
N PHE B 409 21.15 -35.30 -0.59
CA PHE B 409 22.08 -34.25 -0.99
C PHE B 409 21.64 -33.55 -2.29
N SER B 410 20.41 -33.82 -2.73
CA SER B 410 19.92 -33.34 -4.03
C SER B 410 20.75 -33.95 -5.18
N THR B 411 20.59 -33.43 -6.40
CA THR B 411 21.35 -33.90 -7.55
C THR B 411 21.41 -32.77 -8.58
N GLY B 412 22.14 -32.97 -9.68
CA GLY B 412 22.25 -31.96 -10.73
C GLY B 412 23.29 -30.88 -10.41
N LYS B 413 23.12 -29.70 -11.01
CA LYS B 413 24.18 -28.68 -11.03
C LYS B 413 24.48 -27.99 -9.71
N ARG B 414 23.53 -28.01 -8.76
CA ARG B 414 23.78 -27.45 -7.44
C ARG B 414 23.90 -28.51 -6.33
N VAL B 415 24.04 -29.78 -6.73
CA VAL B 415 24.23 -30.90 -5.78
C VAL B 415 25.19 -30.51 -4.65
N CYS B 416 24.83 -30.86 -3.42
CA CYS B 416 25.66 -30.57 -2.24
C CYS B 416 27.15 -30.73 -2.52
N ALA B 417 27.91 -29.66 -2.27
CA ALA B 417 29.34 -29.64 -2.60
C ALA B 417 30.16 -30.58 -1.70
N GLY B 418 29.59 -30.99 -0.58
CA GLY B 418 30.29 -31.86 0.36
C GLY B 418 29.68 -33.24 0.55
N GLU B 419 28.94 -33.74 -0.45
CA GLU B 419 28.33 -35.07 -0.35
C GLU B 419 29.34 -36.17 0.04
N GLY B 420 30.45 -36.24 -0.69
CA GLY B 420 31.52 -37.22 -0.44
C GLY B 420 32.06 -37.19 0.96
N LEU B 421 32.35 -35.99 1.47
CA LEU B 421 32.84 -35.83 2.84
C LEU B 421 31.81 -36.27 3.90
N ALA B 422 30.58 -35.78 3.76
CA ALA B 422 29.49 -36.09 4.68
C ALA B 422 29.22 -37.59 4.83
N ARG B 423 29.16 -38.30 3.70
CA ARG B 423 28.83 -39.72 3.75
C ARG B 423 29.92 -40.55 4.43
N MET B 424 31.17 -40.25 4.12
CA MET B 424 32.31 -40.87 4.77
C MET B 424 32.36 -40.54 6.27
N GLU B 425 32.09 -39.28 6.63
CA GLU B 425 31.98 -38.90 8.04
C GLU B 425 30.91 -39.70 8.79
N LEU B 426 29.73 -39.84 8.20
CA LEU B 426 28.64 -40.59 8.81
C LEU B 426 28.98 -42.04 9.07
N PHE B 427 29.43 -42.74 8.02
CA PHE B 427 29.86 -44.13 8.16
C PHE B 427 31.04 -44.34 9.14
N LEU B 428 32.12 -43.58 8.96
CA LEU B 428 33.29 -43.75 9.80
C LEU B 428 33.01 -43.45 11.27
N LEU B 429 32.32 -42.34 11.53
CA LEU B 429 32.15 -41.87 12.89
C LEU B 429 31.15 -42.69 13.68
N LEU B 430 30.10 -43.16 13.01
CA LEU B 430 29.13 -44.03 13.65
C LEU B 430 29.75 -45.38 14.01
N CYS B 431 30.58 -45.91 13.08
CA CYS B 431 31.33 -47.15 13.32
C CYS B 431 32.25 -47.02 14.53
N ALA B 432 33.03 -45.93 14.57
CA ALA B 432 33.90 -45.65 15.72
C ALA B 432 33.10 -45.64 17.04
N ILE B 433 32.05 -44.82 17.10
CA ILE B 433 31.23 -44.69 18.30
C ILE B 433 30.72 -46.05 18.79
N LEU B 434 30.13 -46.82 17.90
CA LEU B 434 29.50 -48.08 18.29
C LEU B 434 30.49 -49.18 18.60
N GLN B 435 31.66 -49.13 17.97
CA GLN B 435 32.73 -50.08 18.24
C GLN B 435 33.19 -50.01 19.70
N HIS B 436 33.14 -48.80 20.28
CA HIS B 436 33.67 -48.53 21.63
C HIS B 436 32.62 -48.28 22.72
N PHE B 437 31.36 -48.12 22.34
CA PHE B 437 30.32 -47.76 23.31
C PHE B 437 28.97 -48.38 22.99
N ASN B 438 28.16 -48.60 24.03
CA ASN B 438 26.73 -48.86 23.87
C ASN B 438 26.00 -47.59 24.23
N LEU B 439 24.85 -47.38 23.60
CA LEU B 439 24.00 -46.22 23.87
C LEU B 439 22.99 -46.54 24.98
N LYS B 440 22.91 -45.67 25.98
CA LYS B 440 21.95 -45.81 27.07
C LYS B 440 21.03 -44.60 27.13
N PRO B 441 19.74 -44.79 26.78
CA PRO B 441 18.74 -43.74 26.94
C PRO B 441 18.44 -43.48 28.42
N LEU B 442 18.00 -42.26 28.73
CA LEU B 442 17.55 -41.90 30.07
C LEU B 442 16.05 -42.05 30.22
N VAL B 443 15.40 -42.43 29.13
CA VAL B 443 13.97 -42.73 29.12
C VAL B 443 13.77 -44.08 28.43
N ASP B 444 12.59 -44.68 28.61
CA ASP B 444 12.27 -45.95 27.97
C ASP B 444 12.28 -45.80 26.45
N PRO B 445 12.86 -46.78 25.73
CA PRO B 445 12.85 -46.82 24.27
C PRO B 445 11.47 -46.59 23.64
N LYS B 446 10.43 -47.23 24.21
CA LYS B 446 9.06 -47.12 23.69
C LYS B 446 8.47 -45.70 23.79
N ASP B 447 9.04 -44.86 24.66
CA ASP B 447 8.56 -43.48 24.87
C ASP B 447 9.39 -42.41 24.13
N ILE B 448 10.40 -42.83 23.38
CA ILE B 448 11.16 -41.89 22.56
C ILE B 448 10.31 -41.49 21.35
N ASP B 449 10.15 -40.19 21.17
CA ASP B 449 9.48 -39.65 19.99
C ASP B 449 10.55 -39.23 18.99
N LEU B 450 10.43 -39.73 17.77
CA LEU B 450 11.38 -39.40 16.70
C LEU B 450 11.00 -38.18 15.84
N SER B 451 9.78 -37.68 15.99
CA SER B 451 9.31 -36.55 15.19
C SER B 451 10.16 -35.32 15.47
N PRO B 452 10.51 -34.58 14.42
CA PRO B 452 11.26 -33.36 14.65
C PRO B 452 10.43 -32.31 15.42
N ILE B 453 11.09 -31.46 16.19
CA ILE B 453 10.41 -30.42 16.99
C ILE B 453 10.20 -29.13 16.20
N HIS B 454 11.02 -28.89 15.18
CA HIS B 454 10.82 -27.80 14.25
C HIS B 454 11.10 -28.29 12.82
N ILE B 455 10.32 -27.78 11.87
CA ILE B 455 10.38 -28.19 10.48
C ILE B 455 10.35 -26.93 9.61
N GLY B 456 11.46 -26.68 8.92
CA GLY B 456 11.61 -25.51 8.05
C GLY B 456 12.69 -25.73 7.02
N PHE B 457 13.76 -24.96 7.12
CA PHE B 457 14.92 -25.15 6.26
C PHE B 457 15.54 -26.51 6.56
N GLY B 458 15.49 -26.89 7.84
CA GLY B 458 15.88 -28.21 8.30
C GLY B 458 14.80 -28.96 9.05
N CYS B 459 15.13 -30.19 9.44
CA CYS B 459 14.30 -30.98 10.36
C CYS B 459 15.07 -31.14 11.69
N ILE B 460 14.55 -30.51 12.74
CA ILE B 460 15.27 -30.43 14.00
C ILE B 460 14.90 -31.56 14.97
N PRO B 461 15.89 -32.39 15.33
CA PRO B 461 15.67 -33.47 16.29
C PRO B 461 15.28 -32.94 17.67
N PRO B 462 14.50 -33.73 18.44
CA PRO B 462 14.24 -33.37 19.84
C PRO B 462 15.54 -33.30 20.65
N ARG B 463 15.61 -32.39 21.62
CA ARG B 463 16.70 -32.34 22.61
C ARG B 463 16.65 -33.58 23.49
N TYR B 464 17.81 -34.14 23.81
CA TYR B 464 17.90 -35.34 24.67
C TYR B 464 19.27 -35.49 25.33
N LYS B 465 19.35 -36.29 26.38
CA LYS B 465 20.64 -36.71 26.94
C LYS B 465 20.75 -38.22 26.92
N LEU B 466 21.99 -38.72 26.97
CA LEU B 466 22.26 -40.15 27.05
C LEU B 466 23.53 -40.45 27.84
N CYS B 467 23.73 -41.72 28.16
CA CYS B 467 25.02 -42.21 28.60
C CYS B 467 25.62 -43.05 27.49
N VAL B 468 26.95 -43.01 27.37
CA VAL B 468 27.68 -43.92 26.50
C VAL B 468 28.53 -44.82 27.38
N ILE B 469 28.23 -46.12 27.34
CA ILE B 469 28.87 -47.11 28.19
C ILE B 469 29.97 -47.88 27.45
N PRO B 470 31.23 -47.78 27.93
CA PRO B 470 32.39 -48.37 27.25
C PRO B 470 32.27 -49.87 27.00
N ARG B 471 32.72 -50.29 25.81
CA ARG B 471 32.79 -51.69 25.42
C ARG B 471 34.21 -52.27 25.50
N SER B 472 35.24 -51.42 25.58
CA SER B 472 36.62 -51.88 25.35
C SER B 472 37.58 -51.96 26.54
N HIS B 473 37.62 -50.93 27.39
CA HIS B 473 38.57 -50.89 28.52
C HIS B 473 40.02 -51.09 28.07
N LYS C 10 -40.67 27.39 -53.40
CA LYS C 10 -41.47 26.78 -52.29
C LYS C 10 -40.60 26.13 -51.20
N LEU C 11 -40.62 26.71 -50.00
CA LEU C 11 -39.86 26.21 -48.85
C LEU C 11 -40.41 24.87 -48.34
N PRO C 12 -39.57 24.07 -47.64
CA PRO C 12 -40.05 22.81 -47.02
C PRO C 12 -41.21 23.05 -46.06
N PRO C 13 -42.13 22.07 -45.91
CA PRO C 13 -43.32 22.35 -45.10
C PRO C 13 -42.96 22.74 -43.66
N GLY C 14 -43.87 23.44 -43.00
CA GLY C 14 -43.62 23.90 -41.64
C GLY C 14 -44.84 24.50 -40.98
N PRO C 15 -44.81 24.62 -39.64
CA PRO C 15 -45.92 25.24 -38.92
C PRO C 15 -46.03 26.73 -39.26
N PHE C 16 -47.26 27.23 -39.25
CA PHE C 16 -47.54 28.66 -39.47
C PHE C 16 -46.89 29.53 -38.37
N PRO C 17 -45.96 30.43 -38.76
CA PRO C 17 -45.28 31.30 -37.78
C PRO C 17 -46.06 32.57 -37.41
N LEU C 18 -45.81 33.08 -36.20
CA LEU C 18 -46.45 34.29 -35.71
C LEU C 18 -45.51 35.48 -35.80
N PRO C 19 -46.08 36.70 -35.93
CA PRO C 19 -45.31 37.94 -35.90
C PRO C 19 -44.30 38.02 -34.73
N ILE C 20 -43.07 38.45 -35.05
CA ILE C 20 -41.95 38.65 -34.09
C ILE C 20 -41.31 37.35 -33.59
N ILE C 21 -42.14 36.47 -33.03
CA ILE C 21 -41.67 35.27 -32.35
C ILE C 21 -41.58 34.02 -33.25
N GLY C 22 -42.05 34.13 -34.50
CA GLY C 22 -42.11 32.99 -35.41
C GLY C 22 -42.77 31.76 -34.81
N ASN C 23 -42.03 30.66 -34.77
CA ASN C 23 -42.50 29.38 -34.25
C ASN C 23 -42.02 29.08 -32.83
N LEU C 24 -41.92 30.11 -31.99
CA LEU C 24 -41.51 29.92 -30.60
C LEU C 24 -42.43 28.97 -29.83
N PHE C 25 -43.74 29.05 -30.08
CA PHE C 25 -44.71 28.16 -29.44
C PHE C 25 -44.61 26.69 -29.85
N GLN C 26 -43.88 26.40 -30.93
CA GLN C 26 -43.68 25.02 -31.33
C GLN C 26 -42.41 24.43 -30.73
N LEU C 27 -41.67 25.24 -29.97
CA LEU C 27 -40.39 24.81 -29.41
C LEU C 27 -40.38 24.77 -27.89
N GLU C 28 -40.09 23.60 -27.35
CA GLU C 28 -39.79 23.48 -25.92
C GLU C 28 -38.35 23.92 -25.70
N LEU C 29 -38.19 25.04 -25.00
CA LEU C 29 -36.89 25.69 -24.87
C LEU C 29 -35.87 24.87 -24.08
N LYS C 30 -36.37 24.08 -23.14
CA LYS C 30 -35.49 23.21 -22.37
C LYS C 30 -35.14 21.89 -23.11
N ASN C 31 -35.85 21.60 -24.22
CA ASN C 31 -35.58 20.42 -25.01
C ASN C 31 -35.88 20.57 -26.51
N ILE C 32 -35.03 21.34 -27.18
CA ILE C 32 -35.14 21.60 -28.62
C ILE C 32 -35.11 20.35 -29.51
N PRO C 33 -34.17 19.39 -29.26
CA PRO C 33 -34.16 18.13 -30.04
C PRO C 33 -35.49 17.39 -30.04
N LYS C 34 -36.10 17.26 -28.84
CA LYS C 34 -37.42 16.63 -28.71
C LYS C 34 -38.46 17.37 -29.54
N SER C 35 -38.42 18.71 -29.50
CA SER C 35 -39.28 19.55 -30.36
C SER C 35 -39.09 19.27 -31.85
N PHE C 36 -37.83 19.15 -32.29
CA PHE C 36 -37.52 18.80 -33.68
C PHE C 36 -38.06 17.42 -34.07
N THR C 37 -37.88 16.45 -33.18
CA THR C 37 -38.41 15.10 -33.37
C THR C 37 -39.93 15.12 -33.47
N ARG C 38 -40.58 15.87 -32.59
CA ARG C 38 -42.02 16.05 -32.63
C ARG C 38 -42.44 16.66 -33.98
N LEU C 39 -41.69 17.66 -34.42
CA LEU C 39 -41.98 18.35 -35.67
C LEU C 39 -41.70 17.50 -36.93
N ALA C 40 -40.75 16.57 -36.85
CA ALA C 40 -40.53 15.63 -37.95
C ALA C 40 -41.71 14.65 -38.12
N GLN C 41 -42.33 14.24 -37.02
CA GLN C 41 -43.54 13.41 -37.08
C GLN C 41 -44.70 14.07 -37.85
N ARG C 42 -44.87 15.38 -37.74
CA ARG C 42 -45.99 16.03 -38.45
C ARG C 42 -45.67 16.52 -39.87
N PHE C 43 -44.42 16.92 -40.10
CA PHE C 43 -44.06 17.57 -41.34
C PHE C 43 -43.07 16.79 -42.23
N GLY C 44 -42.53 15.71 -41.68
CA GLY C 44 -41.53 14.90 -42.40
C GLY C 44 -40.08 15.30 -42.12
N PRO C 45 -39.14 14.68 -42.86
CA PRO C 45 -37.69 14.72 -42.58
C PRO C 45 -36.97 16.03 -42.90
N VAL C 46 -37.69 16.97 -43.51
CA VAL C 46 -37.12 18.27 -43.83
C VAL C 46 -38.24 19.32 -43.69
N PHE C 47 -38.07 20.21 -42.72
CA PHE C 47 -39.14 21.16 -42.40
C PHE C 47 -38.59 22.56 -42.08
N THR C 48 -39.44 23.56 -42.32
CA THR C 48 -39.07 24.95 -42.15
C THR C 48 -39.50 25.44 -40.76
N LEU C 49 -38.64 26.24 -40.15
CA LEU C 49 -38.94 26.83 -38.86
C LEU C 49 -38.46 28.28 -38.82
N TYR C 50 -39.23 29.12 -38.13
CA TYR C 50 -38.83 30.49 -37.86
C TYR C 50 -38.76 30.63 -36.35
N VAL C 51 -37.58 30.86 -35.81
CA VAL C 51 -37.49 31.19 -34.40
C VAL C 51 -36.92 32.59 -34.32
N GLY C 52 -37.80 33.54 -33.99
CA GLY C 52 -37.49 34.95 -34.13
C GLY C 52 -37.68 35.45 -35.54
N SER C 53 -36.69 36.18 -36.04
CA SER C 53 -36.70 36.64 -37.41
C SER C 53 -35.78 35.76 -38.28
N GLN C 54 -35.33 34.64 -37.71
CA GLN C 54 -34.35 33.78 -38.36
C GLN C 54 -34.98 32.51 -38.90
N ARG C 55 -34.94 32.35 -40.23
CA ARG C 55 -35.45 31.17 -40.89
C ARG C 55 -34.46 30.01 -40.80
N MET C 56 -34.97 28.85 -40.40
CA MET C 56 -34.16 27.64 -40.45
C MET C 56 -34.86 26.46 -41.10
N VAL C 57 -34.05 25.55 -41.61
CA VAL C 57 -34.55 24.29 -42.11
C VAL C 57 -33.85 23.16 -41.36
N VAL C 58 -34.66 22.24 -40.87
CA VAL C 58 -34.20 21.12 -40.08
C VAL C 58 -34.28 19.83 -40.90
N MET C 59 -33.16 19.12 -40.97
CA MET C 59 -33.12 17.76 -41.49
C MET C 59 -33.14 16.76 -40.34
N HIS C 60 -33.98 15.74 -40.48
CA HIS C 60 -34.21 14.76 -39.42
C HIS C 60 -34.17 13.36 -40.01
N GLY C 61 -33.48 12.45 -39.34
CA GLY C 61 -33.28 11.09 -39.87
C GLY C 61 -32.04 10.94 -40.73
N TYR C 62 -31.58 9.70 -40.86
CA TYR C 62 -30.34 9.37 -41.54
C TYR C 62 -30.33 9.81 -43.02
N LYS C 63 -31.33 9.38 -43.79
CA LYS C 63 -31.39 9.71 -45.23
C LYS C 63 -31.23 11.21 -45.48
N ALA C 64 -32.00 12.03 -44.76
CA ALA C 64 -31.97 13.50 -44.95
C ALA C 64 -30.69 14.20 -44.48
N VAL C 65 -30.17 13.79 -43.32
CA VAL C 65 -28.94 14.36 -42.77
C VAL C 65 -27.76 14.03 -43.70
N LYS C 66 -27.60 12.74 -44.00
CA LYS C 66 -26.57 12.27 -44.93
C LYS C 66 -26.66 12.95 -46.30
N GLU C 67 -27.86 13.00 -46.88
CA GLU C 67 -28.05 13.68 -48.17
C GLU C 67 -27.62 15.13 -48.09
N ALA C 68 -28.10 15.86 -47.08
CA ALA C 68 -27.74 17.27 -46.88
C ALA C 68 -26.23 17.44 -46.74
N LEU C 69 -25.61 16.54 -45.97
CA LEU C 69 -24.19 16.64 -45.63
C LEU C 69 -23.26 16.10 -46.71
N LEU C 70 -23.74 15.18 -47.55
CA LEU C 70 -22.86 14.53 -48.54
C LEU C 70 -23.18 14.77 -50.02
N ASP C 71 -24.45 14.87 -50.40
CA ASP C 71 -24.82 15.24 -51.78
C ASP C 71 -24.98 16.76 -51.97
N TYR C 72 -25.04 17.51 -50.87
CA TYR C 72 -25.13 18.96 -50.92
C TYR C 72 -23.98 19.60 -50.13
N LYS C 73 -22.78 19.08 -50.36
CA LYS C 73 -21.57 19.46 -49.62
C LYS C 73 -21.34 20.97 -49.60
N ASP C 74 -21.20 21.54 -50.79
CA ASP C 74 -20.88 22.96 -50.94
C ASP C 74 -22.05 23.87 -50.58
N GLU C 75 -23.26 23.38 -50.85
CA GLU C 75 -24.49 24.16 -50.65
C GLU C 75 -24.76 24.48 -49.17
N PHE C 76 -24.36 23.59 -48.27
CA PHE C 76 -24.66 23.74 -46.83
C PHE C 76 -23.40 23.76 -45.94
N SER C 77 -22.26 24.06 -46.55
CA SER C 77 -20.98 24.07 -45.83
C SER C 77 -20.75 25.33 -44.98
N GLY C 78 -21.74 26.22 -44.94
CA GLY C 78 -21.64 27.42 -44.13
C GLY C 78 -21.90 27.18 -42.66
N ARG C 79 -21.63 28.19 -41.84
CA ARG C 79 -21.86 28.11 -40.39
C ARG C 79 -22.86 29.17 -39.92
N GLY C 80 -23.91 28.73 -39.23
CA GLY C 80 -24.90 29.63 -38.67
C GLY C 80 -24.36 30.50 -37.54
N ASP C 81 -24.87 31.72 -37.44
CA ASP C 81 -24.43 32.65 -36.41
C ASP C 81 -24.73 32.13 -35.01
N LEU C 82 -23.79 32.36 -34.09
CA LEU C 82 -23.97 32.02 -32.67
C LEU C 82 -23.56 33.22 -31.81
N PRO C 83 -24.55 34.07 -31.46
CA PRO C 83 -24.36 35.35 -30.75
C PRO C 83 -23.49 35.24 -29.50
N ALA C 84 -23.64 34.16 -28.74
CA ALA C 84 -22.83 33.97 -27.54
C ALA C 84 -21.33 33.91 -27.85
N PHE C 85 -21.00 33.56 -29.09
CA PHE C 85 -19.62 33.47 -29.56
C PHE C 85 -19.28 34.52 -30.64
N HIS C 86 -19.86 35.72 -30.56
CA HIS C 86 -19.60 36.78 -31.55
C HIS C 86 -18.13 37.21 -31.65
N ALA C 87 -17.37 37.01 -30.58
CA ALA C 87 -15.95 37.28 -30.58
C ALA C 87 -15.15 36.26 -31.42
N HIS C 88 -15.82 35.23 -31.94
CA HIS C 88 -15.18 34.28 -32.83
C HIS C 88 -15.71 34.37 -34.27
N ARG C 89 -16.87 34.98 -34.46
CA ARG C 89 -17.56 34.96 -35.77
C ARG C 89 -16.66 35.33 -36.95
N ASP C 90 -16.70 34.46 -37.95
CA ASP C 90 -16.01 34.65 -39.23
C ASP C 90 -14.48 34.70 -39.10
N ARG C 91 -13.99 34.22 -37.96
CA ARG C 91 -12.56 33.96 -37.74
C ARG C 91 -12.39 32.51 -37.25
N GLY C 92 -11.16 32.02 -37.24
CA GLY C 92 -10.87 30.65 -36.77
C GLY C 92 -11.52 29.54 -37.58
N ILE C 93 -11.99 28.51 -36.89
CA ILE C 93 -12.65 27.38 -37.56
C ILE C 93 -14.13 27.25 -37.23
N ILE C 94 -14.44 27.01 -35.95
CA ILE C 94 -15.79 26.64 -35.49
C ILE C 94 -16.88 27.60 -35.95
N PHE C 95 -16.65 28.89 -35.69
CA PHE C 95 -17.65 29.92 -35.90
C PHE C 95 -17.34 30.76 -37.13
N ASN C 96 -16.65 30.15 -38.10
CA ASN C 96 -16.24 30.87 -39.31
C ASN C 96 -17.11 30.60 -40.53
N ASN C 97 -17.88 31.60 -40.93
CA ASN C 97 -18.74 31.51 -42.10
C ASN C 97 -18.19 32.31 -43.30
N GLY C 98 -17.02 32.91 -43.13
CA GLY C 98 -16.42 33.78 -44.16
C GLY C 98 -15.49 33.10 -45.18
N PRO C 99 -14.79 33.91 -46.02
CA PRO C 99 -13.88 33.35 -47.03
C PRO C 99 -12.56 32.75 -46.48
N THR C 100 -12.29 32.96 -45.20
CA THR C 100 -11.09 32.45 -44.55
C THR C 100 -11.19 30.98 -44.05
N TRP C 101 -12.42 30.51 -43.83
CA TRP C 101 -12.66 29.18 -43.24
C TRP C 101 -11.96 28.03 -43.97
N LYS C 102 -12.16 27.94 -45.28
CA LYS C 102 -11.69 26.83 -46.10
C LYS C 102 -10.18 26.58 -45.93
N ASP C 103 -9.38 27.65 -46.05
CA ASP C 103 -7.92 27.50 -45.98
C ASP C 103 -7.41 27.35 -44.55
N ILE C 104 -8.06 28.02 -43.59
CA ILE C 104 -7.66 27.93 -42.19
C ILE C 104 -7.94 26.54 -41.63
N ARG C 105 -9.09 25.98 -41.98
CA ARG C 105 -9.42 24.62 -41.55
C ARG C 105 -8.44 23.61 -42.15
N ARG C 106 -8.14 23.74 -43.44
CA ARG C 106 -7.25 22.80 -44.13
C ARG C 106 -5.85 22.80 -43.54
N PHE C 107 -5.29 23.99 -43.28
CA PHE C 107 -3.97 24.06 -42.64
C PHE C 107 -3.97 23.42 -41.25
N SER C 108 -4.98 23.74 -40.45
CA SER C 108 -5.10 23.21 -39.08
C SER C 108 -5.23 21.68 -39.03
N LEU C 109 -6.02 21.11 -39.93
CA LEU C 109 -6.15 19.65 -40.01
C LEU C 109 -4.85 18.96 -40.44
N THR C 110 -4.16 19.54 -41.43
CA THR C 110 -2.84 19.09 -41.87
C THR C 110 -1.86 19.14 -40.70
N THR C 111 -1.83 20.26 -39.99
CA THR C 111 -0.96 20.44 -38.83
C THR C 111 -1.32 19.47 -37.69
N LEU C 112 -2.60 19.27 -37.40
CA LEU C 112 -3.07 18.34 -36.35
C LEU C 112 -2.72 16.88 -36.65
N ARG C 113 -2.73 16.53 -37.93
CA ARG C 113 -2.33 15.20 -38.37
C ARG C 113 -0.83 15.02 -38.19
N ASN C 114 -0.05 16.01 -38.64
CA ASN C 114 1.40 16.05 -38.44
C ASN C 114 1.80 15.74 -36.99
N TYR C 115 1.14 16.40 -36.05
CA TYR C 115 1.39 16.21 -34.61
C TYR C 115 0.76 14.96 -34.02
N GLY C 116 -0.24 14.42 -34.70
CA GLY C 116 -0.81 13.14 -34.34
C GLY C 116 0.01 11.95 -34.83
N MET C 117 0.78 12.18 -35.90
CA MET C 117 1.60 11.13 -36.54
C MET C 117 2.91 10.85 -35.82
N GLY C 118 3.41 9.63 -36.00
CA GLY C 118 4.77 9.27 -35.61
C GLY C 118 5.00 8.91 -34.15
N LYS C 119 6.27 8.85 -33.79
CA LYS C 119 6.71 8.37 -32.49
C LYS C 119 6.38 9.36 -31.39
N GLN C 120 6.44 10.65 -31.72
CA GLN C 120 5.99 11.73 -30.81
C GLN C 120 4.52 12.09 -31.09
N GLY C 121 3.73 11.10 -31.52
CA GLY C 121 2.36 11.31 -32.02
C GLY C 121 1.27 11.32 -30.97
N ASN C 122 0.02 11.16 -31.42
CA ASN C 122 -1.16 11.22 -30.53
C ASN C 122 -1.22 10.12 -29.48
N GLU C 123 -0.93 8.88 -29.89
CA GLU C 123 -0.92 7.73 -28.98
C GLU C 123 0.05 7.98 -27.82
N SER C 124 1.30 8.29 -28.16
CA SER C 124 2.33 8.65 -27.20
C SER C 124 1.89 9.78 -26.26
N ARG C 125 1.38 10.85 -26.88
CA ARG C 125 0.92 12.04 -26.16
C ARG C 125 -0.17 11.73 -25.13
N ILE C 126 -1.12 10.85 -25.48
CA ILE C 126 -2.18 10.42 -24.56
C ILE C 126 -1.65 9.43 -23.52
N GLN C 127 -0.70 8.59 -23.94
CA GLN C 127 -0.14 7.58 -23.04
C GLN C 127 0.60 8.21 -21.87
N ARG C 128 1.48 9.17 -22.16
CA ARG C 128 2.23 9.86 -21.12
C ARG C 128 1.28 10.59 -20.18
N GLU C 129 0.23 11.18 -20.76
CA GLU C 129 -0.76 11.96 -20.01
C GLU C 129 -1.69 11.11 -19.14
N ALA C 130 -1.82 9.83 -19.47
CA ALA C 130 -2.57 8.88 -18.64
C ALA C 130 -1.82 8.58 -17.34
N HIS C 131 -0.50 8.79 -17.35
CA HIS C 131 0.33 8.61 -16.16
C HIS C 131 -0.13 9.61 -15.08
N PHE C 132 -0.08 10.90 -15.42
CA PHE C 132 -0.53 11.97 -14.54
C PHE C 132 -1.95 11.72 -14.01
N LEU C 133 -2.85 11.32 -14.91
CA LEU C 133 -4.26 11.07 -14.58
C LEU C 133 -4.41 9.97 -13.54
N LEU C 134 -3.67 8.87 -13.72
CA LEU C 134 -3.68 7.76 -12.77
C LEU C 134 -3.05 8.16 -11.42
N GLU C 135 -2.04 9.03 -11.47
CA GLU C 135 -1.46 9.61 -10.26
C GLU C 135 -2.50 10.40 -9.44
N ALA C 136 -3.23 11.32 -10.09
CA ALA C 136 -4.26 12.13 -9.42
C ALA C 136 -5.44 11.29 -8.90
N LEU C 137 -5.79 10.24 -9.64
CA LEU C 137 -6.83 9.31 -9.20
C LEU C 137 -6.40 8.44 -8.00
N ARG C 138 -5.09 8.18 -7.88
CA ARG C 138 -4.52 7.53 -6.71
C ARG C 138 -4.65 8.42 -5.48
N LYS C 139 -4.27 9.69 -5.62
CA LYS C 139 -4.31 10.68 -4.54
C LYS C 139 -5.70 10.97 -3.96
N THR C 140 -6.75 10.37 -4.51
CA THR C 140 -8.09 10.46 -3.93
C THR C 140 -8.26 9.44 -2.81
N GLN C 141 -7.32 8.49 -2.75
CA GLN C 141 -7.25 7.47 -1.70
C GLN C 141 -8.56 6.71 -1.44
N GLY C 142 -9.33 6.47 -2.49
CA GLY C 142 -10.61 5.78 -2.38
C GLY C 142 -11.72 6.59 -1.73
N GLN C 143 -11.47 7.89 -1.54
CA GLN C 143 -12.45 8.79 -0.92
C GLN C 143 -13.34 9.47 -1.97
N PRO C 144 -14.59 9.85 -1.59
CA PRO C 144 -15.49 10.47 -2.55
C PRO C 144 -14.93 11.77 -3.12
N PHE C 145 -15.12 11.95 -4.43
CA PHE C 145 -14.68 13.15 -5.15
C PHE C 145 -15.60 13.48 -6.34
N ASP C 146 -15.55 14.73 -6.78
CA ASP C 146 -16.23 15.15 -8.00
C ASP C 146 -15.23 15.07 -9.15
N PRO C 147 -15.41 14.09 -10.07
CA PRO C 147 -14.49 13.77 -11.16
C PRO C 147 -14.39 14.89 -12.19
N THR C 148 -15.38 15.77 -12.20
CA THR C 148 -15.50 16.78 -13.24
C THR C 148 -14.18 17.50 -13.55
N PHE C 149 -13.49 17.99 -12.52
CA PHE C 149 -12.24 18.72 -12.75
C PHE C 149 -10.97 17.89 -12.54
N LEU C 150 -11.14 16.59 -12.29
CA LEU C 150 -10.04 15.65 -12.28
C LEU C 150 -9.81 15.05 -13.68
N ILE C 151 -10.80 14.33 -14.20
CA ILE C 151 -10.65 13.68 -15.50
C ILE C 151 -10.53 14.65 -16.68
N GLY C 152 -11.14 15.83 -16.56
CA GLY C 152 -11.02 16.87 -17.59
C GLY C 152 -9.60 17.34 -17.86
N CYS C 153 -8.72 17.20 -16.88
CA CYS C 153 -7.31 17.63 -16.99
C CYS C 153 -6.57 16.92 -18.13
N ALA C 154 -6.90 15.63 -18.32
CA ALA C 154 -6.23 14.80 -19.31
C ALA C 154 -6.42 15.27 -20.76
N PRO C 155 -7.68 15.38 -21.25
CA PRO C 155 -7.82 15.93 -22.61
C PRO C 155 -7.35 17.37 -22.72
N CYS C 156 -7.42 18.12 -21.62
CA CYS C 156 -6.95 19.50 -21.59
C CYS C 156 -5.45 19.64 -21.85
N ASN C 157 -4.64 18.84 -21.17
CA ASN C 157 -3.18 18.83 -21.37
C ASN C 157 -2.78 18.32 -22.76
N VAL C 158 -3.47 17.29 -23.23
CA VAL C 158 -3.19 16.70 -24.53
C VAL C 158 -3.26 17.77 -25.60
N ILE C 159 -4.35 18.52 -25.66
CA ILE C 159 -4.48 19.60 -26.66
C ILE C 159 -3.55 20.80 -26.39
N ALA C 160 -3.22 21.03 -25.12
CA ALA C 160 -2.27 22.10 -24.75
C ALA C 160 -0.86 21.83 -25.27
N ASP C 161 -0.44 20.57 -25.25
CA ASP C 161 0.85 20.17 -25.84
C ASP C 161 0.89 20.47 -27.33
N ILE C 162 -0.21 20.15 -28.03
CA ILE C 162 -0.30 20.37 -29.48
C ILE C 162 -0.31 21.87 -29.79
N LEU C 163 -0.99 22.65 -28.96
CA LEU C 163 -1.18 24.08 -29.20
C LEU C 163 -0.05 24.94 -28.67
N PHE C 164 0.40 24.66 -27.46
CA PHE C 164 1.38 25.52 -26.79
C PHE C 164 2.68 24.80 -26.40
N ARG C 165 2.76 23.51 -26.68
CA ARG C 165 3.77 22.64 -26.07
C ARG C 165 3.90 22.98 -24.59
N LYS C 166 2.75 23.19 -23.96
CA LYS C 166 2.67 23.44 -22.53
C LYS C 166 2.13 22.21 -21.82
N HIS C 167 2.46 22.08 -20.54
CA HIS C 167 1.86 21.08 -19.68
C HIS C 167 1.52 21.73 -18.36
N PHE C 168 0.33 21.41 -17.83
CA PHE C 168 -0.17 21.96 -16.58
C PHE C 168 -0.18 20.95 -15.44
N ASP C 169 0.15 21.43 -14.25
CA ASP C 169 -0.06 20.71 -13.01
C ASP C 169 -1.57 20.55 -12.79
N TYR C 170 -1.99 19.44 -12.19
CA TYR C 170 -3.41 19.11 -12.05
C TYR C 170 -4.23 20.04 -11.13
N ASN C 171 -3.54 20.85 -10.30
CA ASN C 171 -4.20 21.97 -9.62
C ASN C 171 -3.51 23.33 -9.73
N ASP C 172 -2.85 23.57 -10.86
CA ASP C 172 -2.44 24.93 -11.22
C ASP C 172 -3.72 25.77 -11.34
N GLU C 173 -3.73 26.95 -10.73
CA GLU C 173 -4.96 27.73 -10.62
C GLU C 173 -5.42 28.31 -11.96
N LYS C 174 -4.47 28.68 -12.81
CA LYS C 174 -4.78 29.09 -14.18
C LYS C 174 -5.45 27.95 -14.97
N PHE C 175 -4.93 26.73 -14.81
CA PHE C 175 -5.46 25.52 -15.44
C PHE C 175 -6.91 25.25 -15.03
N LEU C 176 -7.17 25.26 -13.72
CA LEU C 176 -8.51 25.02 -13.20
C LEU C 176 -9.51 26.08 -13.66
N ARG C 177 -9.05 27.32 -13.77
CA ARG C 177 -9.87 28.44 -14.25
C ARG C 177 -10.29 28.26 -15.72
N LEU C 178 -9.35 27.96 -16.61
CA LEU C 178 -9.68 27.63 -18.01
C LEU C 178 -10.71 26.50 -18.09
N MET C 179 -10.50 25.43 -17.33
CA MET C 179 -11.41 24.31 -17.35
C MET C 179 -12.79 24.69 -16.80
N TYR C 180 -12.81 25.48 -15.74
CA TYR C 180 -14.05 25.96 -15.13
C TYR C 180 -14.86 26.73 -16.16
N LEU C 181 -14.17 27.55 -16.96
CA LEU C 181 -14.80 28.34 -18.02
C LEU C 181 -15.39 27.48 -19.14
N PHE C 182 -14.62 26.48 -19.59
CA PHE C 182 -15.10 25.52 -20.59
C PHE C 182 -16.37 24.83 -20.13
N ASN C 183 -16.32 24.30 -18.90
CA ASN C 183 -17.43 23.62 -18.27
C ASN C 183 -18.69 24.49 -18.08
N GLU C 184 -18.51 25.74 -17.63
CA GLU C 184 -19.62 26.67 -17.44
C GLU C 184 -20.30 27.10 -18.76
N ASN C 185 -19.47 27.34 -19.77
CA ASN C 185 -19.94 27.68 -21.09
C ASN C 185 -20.77 26.57 -21.75
N PHE C 186 -20.24 25.34 -21.74
CA PHE C 186 -20.97 24.19 -22.28
C PHE C 186 -22.28 23.98 -21.54
N HIS C 187 -22.22 24.05 -20.21
CA HIS C 187 -23.38 23.94 -19.32
C HIS C 187 -24.45 24.99 -19.64
N LEU C 188 -24.09 26.27 -19.58
CA LEU C 188 -25.04 27.36 -19.80
C LEU C 188 -25.59 27.39 -21.22
N LEU C 189 -24.75 27.05 -22.20
CA LEU C 189 -25.19 26.95 -23.59
C LEU C 189 -26.22 25.84 -23.82
N SER C 190 -26.45 25.03 -22.79
CA SER C 190 -27.48 24.01 -22.84
C SER C 190 -28.68 24.34 -21.95
N THR C 191 -28.79 25.61 -21.55
CA THR C 191 -29.91 26.06 -20.71
C THR C 191 -30.93 26.83 -21.55
N PRO C 192 -32.23 26.79 -21.16
CA PRO C 192 -33.29 27.45 -21.91
C PRO C 192 -33.08 28.96 -22.17
N TRP C 193 -32.52 29.68 -21.20
CA TRP C 193 -32.21 31.11 -21.36
C TRP C 193 -31.23 31.41 -22.50
N LEU C 194 -30.13 30.67 -22.55
CA LEU C 194 -29.18 30.84 -23.64
C LEU C 194 -29.69 30.42 -25.00
N GLN C 195 -30.66 29.51 -25.01
CA GLN C 195 -31.34 29.11 -26.23
C GLN C 195 -32.20 30.27 -26.74
N LEU C 196 -32.82 31.00 -25.82
CA LEU C 196 -33.62 32.14 -26.18
C LEU C 196 -32.73 33.28 -26.69
N TYR C 197 -31.67 33.58 -25.94
CA TYR C 197 -30.67 34.55 -26.36
C TYR C 197 -30.11 34.27 -27.77
N ASN C 198 -29.69 33.02 -28.03
CA ASN C 198 -29.18 32.63 -29.34
C ASN C 198 -30.12 33.04 -30.48
N ASN C 199 -31.43 33.00 -30.23
CA ASN C 199 -32.41 33.30 -31.27
C ASN C 199 -33.01 34.71 -31.24
N PHE C 200 -32.85 35.41 -30.12
CA PHE C 200 -33.32 36.79 -29.98
C PHE C 200 -32.25 37.68 -29.38
N PRO C 201 -31.08 37.75 -30.02
CA PRO C 201 -29.99 38.53 -29.42
C PRO C 201 -30.31 40.03 -29.28
N SER C 202 -30.93 40.63 -30.29
CA SER C 202 -31.19 42.08 -30.29
C SER C 202 -32.16 42.53 -29.17
N PHE C 203 -33.23 41.77 -28.95
CA PHE C 203 -34.16 42.04 -27.84
C PHE C 203 -33.54 41.86 -26.46
N LEU C 204 -32.60 40.92 -26.36
CA LEU C 204 -32.19 40.38 -25.05
C LEU C 204 -30.79 40.76 -24.57
N HIS C 205 -29.95 41.25 -25.48
CA HIS C 205 -28.52 41.39 -25.19
C HIS C 205 -28.21 42.29 -23.99
N TYR C 206 -28.89 43.43 -23.90
CA TYR C 206 -28.57 44.42 -22.85
C TYR C 206 -29.41 44.28 -21.58
N LEU C 207 -30.15 43.18 -21.46
CA LEU C 207 -30.84 42.84 -20.23
C LEU C 207 -29.90 42.03 -19.33
N PRO C 208 -30.19 41.95 -18.01
CA PRO C 208 -29.41 41.02 -17.19
C PRO C 208 -29.65 39.55 -17.59
N GLY C 209 -28.77 38.66 -17.16
CA GLY C 209 -28.92 37.25 -17.45
C GLY C 209 -27.62 36.51 -17.68
N SER C 210 -27.72 35.18 -17.68
CA SER C 210 -26.54 34.30 -17.77
C SER C 210 -25.83 34.36 -19.11
N HIS C 211 -26.48 34.94 -20.13
CA HIS C 211 -25.83 35.18 -21.41
C HIS C 211 -24.60 36.09 -21.28
N ARG C 212 -24.64 37.03 -20.33
CA ARG C 212 -23.52 37.91 -20.00
C ARG C 212 -22.31 37.16 -19.45
N LYS C 213 -22.58 36.16 -18.60
CA LYS C 213 -21.53 35.33 -18.04
C LYS C 213 -20.82 34.54 -19.16
N VAL C 214 -21.58 33.97 -20.08
CA VAL C 214 -21.01 33.25 -21.22
C VAL C 214 -20.09 34.18 -22.02
N ILE C 215 -20.60 35.34 -22.43
CA ILE C 215 -19.82 36.34 -23.18
C ILE C 215 -18.51 36.70 -22.47
N LYS C 216 -18.60 36.95 -21.16
CA LYS C 216 -17.43 37.29 -20.35
C LYS C 216 -16.40 36.13 -20.29
N ASN C 217 -16.92 34.91 -20.18
CA ASN C 217 -16.08 33.71 -20.18
C ASN C 217 -15.35 33.54 -21.52
N VAL C 218 -16.08 33.68 -22.62
CA VAL C 218 -15.52 33.60 -23.97
C VAL C 218 -14.40 34.63 -24.13
N ALA C 219 -14.65 35.85 -23.63
CA ALA C 219 -13.64 36.92 -23.67
C ALA C 219 -12.39 36.56 -22.88
N GLU C 220 -12.58 35.93 -21.72
CA GLU C 220 -11.48 35.51 -20.84
C GLU C 220 -10.60 34.44 -21.49
N VAL C 221 -11.23 33.44 -22.11
CA VAL C 221 -10.52 32.39 -22.84
C VAL C 221 -9.66 32.99 -23.95
N LYS C 222 -10.31 33.78 -24.82
CA LYS C 222 -9.67 34.46 -25.95
C LYS C 222 -8.54 35.39 -25.52
N GLU C 223 -8.67 35.99 -24.34
CA GLU C 223 -7.62 36.85 -23.76
C GLU C 223 -6.40 36.05 -23.32
N TYR C 224 -6.61 34.99 -22.54
CA TYR C 224 -5.53 34.07 -22.16
C TYR C 224 -4.76 33.60 -23.39
N VAL C 225 -5.50 33.12 -24.40
CA VAL C 225 -4.92 32.63 -25.65
C VAL C 225 -4.22 33.76 -26.42
N SER C 226 -4.80 34.96 -26.36
CA SER C 226 -4.23 36.16 -27.00
C SER C 226 -2.84 36.48 -26.48
N GLU C 227 -2.64 36.29 -25.18
CA GLU C 227 -1.35 36.46 -24.54
C GLU C 227 -0.35 35.42 -25.03
N ARG C 228 -0.74 34.15 -24.97
CA ARG C 228 0.12 33.04 -25.37
C ARG C 228 0.55 33.12 -26.83
N VAL C 229 -0.32 33.62 -27.69
CA VAL C 229 0.00 33.83 -29.10
C VAL C 229 1.07 34.93 -29.24
N LYS C 230 0.93 36.01 -28.46
CA LYS C 230 1.87 37.13 -28.49
C LYS C 230 3.27 36.75 -27.99
N GLU C 231 3.32 35.95 -26.93
CA GLU C 231 4.55 35.39 -26.38
C GLU C 231 5.21 34.44 -27.37
N HIS C 232 4.39 33.72 -28.12
CA HIS C 232 4.82 32.84 -29.20
C HIS C 232 5.39 33.65 -30.38
N HIS C 233 4.87 34.86 -30.58
CA HIS C 233 5.37 35.75 -31.62
C HIS C 233 6.67 36.42 -31.17
N GLN C 234 6.79 36.65 -29.86
CA GLN C 234 8.01 37.19 -29.25
C GLN C 234 9.21 36.24 -29.41
N SER C 235 9.02 34.96 -29.09
CA SER C 235 10.11 33.98 -29.09
C SER C 235 10.12 33.07 -30.33
N LEU C 236 9.68 33.61 -31.46
CA LEU C 236 9.48 32.83 -32.67
C LEU C 236 10.77 32.42 -33.39
N ASP C 237 10.89 31.12 -33.66
CA ASP C 237 11.98 30.55 -34.44
C ASP C 237 11.40 29.87 -35.69
N PRO C 238 11.28 30.63 -36.82
CA PRO C 238 10.66 30.21 -38.07
C PRO C 238 11.09 28.86 -38.67
N ASN C 239 12.03 28.16 -38.04
CA ASN C 239 12.54 26.89 -38.56
C ASN C 239 12.53 25.74 -37.53
N CYS C 240 12.27 26.09 -36.26
CA CYS C 240 12.11 25.11 -35.18
C CYS C 240 10.76 25.26 -34.46
N PRO C 241 9.63 25.01 -35.16
CA PRO C 241 8.31 25.16 -34.55
C PRO C 241 8.13 24.22 -33.35
N ARG C 242 7.49 24.73 -32.29
CA ARG C 242 7.34 24.00 -31.04
C ARG C 242 5.95 23.37 -30.91
N ASP C 243 4.97 23.96 -31.59
CA ASP C 243 3.56 23.59 -31.44
C ASP C 243 2.73 24.07 -32.63
N LEU C 244 1.40 24.08 -32.48
CA LEU C 244 0.51 24.46 -33.58
C LEU C 244 0.37 25.97 -33.79
N THR C 245 0.45 26.76 -32.71
CA THR C 245 0.38 28.21 -32.87
C THR C 245 1.59 28.76 -33.62
N ASP C 246 2.77 28.22 -33.29
CA ASP C 246 4.00 28.47 -34.05
C ASP C 246 3.76 28.28 -35.55
N CYS C 247 3.24 27.10 -35.90
CA CYS C 247 2.96 26.74 -37.30
C CYS C 247 2.03 27.73 -37.98
N LEU C 248 1.07 28.25 -37.23
CA LEU C 248 0.16 29.28 -37.73
C LEU C 248 0.90 30.59 -37.96
N LEU C 249 1.77 30.94 -37.00
CA LEU C 249 2.54 32.18 -37.05
C LEU C 249 3.48 32.24 -38.26
N VAL C 250 4.08 31.10 -38.59
CA VAL C 250 4.95 30.97 -39.76
C VAL C 250 4.17 31.20 -41.06
N GLU C 251 2.98 30.61 -41.14
CA GLU C 251 2.12 30.72 -42.33
C GLU C 251 1.61 32.16 -42.52
N MET C 252 1.58 32.92 -41.43
CA MET C 252 1.24 34.35 -41.45
C MET C 252 2.39 35.21 -42.01
N GLU C 253 3.61 34.93 -41.53
CA GLU C 253 4.81 35.63 -42.01
C GLU C 253 5.14 35.27 -43.46
N LYS C 254 4.56 34.17 -43.94
CA LYS C 254 4.67 33.74 -45.34
C LYS C 254 3.98 34.67 -46.32
N GLU C 255 2.85 35.25 -45.91
CA GLU C 255 2.01 36.05 -46.82
C GLU C 255 2.06 37.56 -46.57
N LYS C 256 3.02 38.00 -45.74
CA LYS C 256 3.18 39.41 -45.39
C LYS C 256 3.20 40.38 -46.58
N HIS C 257 3.51 39.85 -47.78
CA HIS C 257 3.55 40.64 -49.02
C HIS C 257 2.52 40.17 -50.05
N SER C 258 1.33 39.79 -49.57
CA SER C 258 0.23 39.31 -50.44
C SER C 258 -1.01 40.22 -50.34
N ALA C 259 -1.98 39.97 -51.22
CA ALA C 259 -3.24 40.73 -51.24
C ALA C 259 -4.38 40.00 -50.52
N GLU C 260 -4.47 38.69 -50.75
CA GLU C 260 -5.43 37.84 -50.05
C GLU C 260 -4.91 37.46 -48.66
N ARG C 261 -5.18 38.33 -47.68
CA ARG C 261 -4.76 38.10 -46.31
C ARG C 261 -5.65 37.06 -45.64
N LEU C 262 -5.03 36.02 -45.09
CA LEU C 262 -5.77 34.97 -44.40
C LEU C 262 -5.57 35.02 -42.89
N TYR C 263 -4.41 35.50 -42.45
CA TYR C 263 -4.05 35.44 -41.04
C TYR C 263 -3.83 36.81 -40.37
N THR C 264 -4.58 37.04 -39.30
CA THR C 264 -4.45 38.22 -38.44
C THR C 264 -3.99 37.71 -37.09
N MET C 265 -3.57 38.61 -36.19
CA MET C 265 -3.25 38.23 -34.82
C MET C 265 -4.50 37.80 -34.05
N ASP C 266 -5.63 38.42 -34.39
CA ASP C 266 -6.94 38.04 -33.86
C ASP C 266 -7.33 36.65 -34.37
N GLY C 267 -7.42 36.51 -35.69
CA GLY C 267 -7.80 35.26 -36.34
C GLY C 267 -7.04 34.04 -35.87
N ILE C 268 -5.79 34.23 -35.48
CA ILE C 268 -4.98 33.12 -35.00
C ILE C 268 -5.36 32.76 -33.57
N THR C 269 -5.66 33.76 -32.74
CA THR C 269 -6.10 33.50 -31.37
C THR C 269 -7.46 32.78 -31.36
N VAL C 270 -8.34 33.17 -32.28
CA VAL C 270 -9.67 32.54 -32.42
C VAL C 270 -9.53 31.05 -32.83
N THR C 271 -8.68 30.79 -33.82
CA THR C 271 -8.35 29.42 -34.24
C THR C 271 -7.84 28.56 -33.08
N VAL C 272 -6.96 29.13 -32.26
CA VAL C 272 -6.36 28.38 -31.16
C VAL C 272 -7.33 28.22 -30.00
N ALA C 273 -8.07 29.29 -29.69
CA ALA C 273 -9.13 29.23 -28.68
C ALA C 273 -10.16 28.17 -29.08
N ASP C 274 -10.52 28.12 -30.36
CA ASP C 274 -11.42 27.09 -30.89
C ASP C 274 -10.95 25.70 -30.49
N LEU C 275 -9.70 25.39 -30.81
CA LEU C 275 -9.15 24.06 -30.58
C LEU C 275 -9.00 23.71 -29.10
N PHE C 276 -8.67 24.72 -28.29
CA PHE C 276 -8.42 24.54 -26.87
C PHE C 276 -9.74 24.20 -26.15
N PHE C 277 -10.80 24.93 -26.51
CA PHE C 277 -12.15 24.70 -26.02
C PHE C 277 -12.68 23.34 -26.51
N ALA C 278 -12.60 23.11 -27.81
CA ALA C 278 -13.15 21.89 -28.40
C ALA C 278 -12.40 20.63 -27.98
N GLY C 279 -11.08 20.76 -27.82
CA GLY C 279 -10.22 19.63 -27.49
C GLY C 279 -10.40 19.11 -26.09
N THR C 280 -10.93 19.98 -25.22
CA THR C 280 -11.13 19.68 -23.81
C THR C 280 -12.56 19.20 -23.49
N GLU C 281 -13.55 20.02 -23.83
CA GLU C 281 -14.86 19.92 -23.17
C GLU C 281 -15.71 18.71 -23.52
N THR C 282 -15.87 18.45 -24.82
CA THR C 282 -16.67 17.30 -25.28
C THR C 282 -16.10 15.94 -24.83
N THR C 283 -14.79 15.76 -24.99
CA THR C 283 -14.09 14.55 -24.53
C THR C 283 -14.22 14.38 -23.01
N SER C 284 -13.97 15.48 -22.27
CA SER C 284 -14.16 15.48 -20.82
C SER C 284 -15.57 15.04 -20.41
N THR C 285 -16.58 15.62 -21.06
CA THR C 285 -17.96 15.32 -20.75
C THR C 285 -18.33 13.87 -21.09
N THR C 286 -17.82 13.38 -22.22
CA THR C 286 -18.10 12.01 -22.67
C THR C 286 -17.62 10.96 -21.66
N LEU C 287 -16.39 11.14 -21.21
CA LEU C 287 -15.78 10.30 -20.18
C LEU C 287 -16.54 10.33 -18.85
N ARG C 288 -16.90 11.54 -18.43
CA ARG C 288 -17.64 11.74 -17.18
C ARG C 288 -19.01 11.04 -17.26
N TYR C 289 -19.69 11.19 -18.40
CA TYR C 289 -20.93 10.47 -18.67
C TYR C 289 -20.69 8.96 -18.68
N GLY C 290 -19.61 8.54 -19.32
CA GLY C 290 -19.26 7.13 -19.41
C GLY C 290 -19.10 6.46 -18.05
N LEU C 291 -18.38 7.11 -17.15
CA LEU C 291 -18.21 6.65 -15.78
C LEU C 291 -19.55 6.52 -15.05
N LEU C 292 -20.47 7.46 -15.29
CA LEU C 292 -21.81 7.43 -14.69
C LEU C 292 -22.64 6.27 -15.21
N ILE C 293 -22.62 6.06 -16.52
CA ILE C 293 -23.34 4.95 -17.15
C ILE C 293 -22.86 3.60 -16.62
N LEU C 294 -21.54 3.44 -16.54
CA LEU C 294 -20.92 2.20 -16.08
C LEU C 294 -21.23 1.86 -14.60
N MET C 295 -21.41 2.87 -13.76
CA MET C 295 -21.84 2.63 -12.38
C MET C 295 -23.30 2.16 -12.26
N LYS C 296 -24.13 2.49 -13.26
CA LYS C 296 -25.52 2.01 -13.28
C LYS C 296 -25.59 0.55 -13.74
N TYR C 297 -24.57 0.11 -14.45
CA TYR C 297 -24.51 -1.26 -14.90
C TYR C 297 -23.16 -1.88 -14.50
N PRO C 298 -23.05 -2.32 -13.22
CA PRO C 298 -21.83 -2.97 -12.75
C PRO C 298 -21.52 -4.26 -13.52
N GLU C 299 -22.57 -4.91 -14.04
CA GLU C 299 -22.41 -6.08 -14.92
C GLU C 299 -21.60 -5.74 -16.19
N ILE C 300 -21.72 -4.51 -16.66
CA ILE C 300 -21.02 -4.10 -17.88
C ILE C 300 -19.58 -3.75 -17.54
N GLU C 301 -19.38 -2.99 -16.46
CA GLU C 301 -18.04 -2.68 -15.96
C GLU C 301 -17.23 -3.95 -15.69
N GLU C 302 -17.90 -4.99 -15.19
CA GLU C 302 -17.27 -6.26 -14.92
C GLU C 302 -16.72 -6.90 -16.21
N LYS C 303 -17.57 -7.15 -17.20
CA LYS C 303 -17.14 -7.71 -18.50
C LYS C 303 -15.97 -6.92 -19.08
N LEU C 304 -16.01 -5.61 -18.87
CA LEU C 304 -14.93 -4.74 -19.28
C LEU C 304 -13.65 -5.02 -18.52
N HIS C 305 -13.75 -5.29 -17.23
CA HIS C 305 -12.59 -5.71 -16.41
C HIS C 305 -12.00 -7.04 -16.88
N GLU C 306 -12.87 -8.04 -17.08
CA GLU C 306 -12.44 -9.34 -17.61
C GLU C 306 -11.64 -9.19 -18.91
N GLU C 307 -12.14 -8.37 -19.83
CA GLU C 307 -11.52 -8.17 -21.15
C GLU C 307 -10.20 -7.39 -21.08
N ILE C 308 -10.14 -6.39 -20.22
CA ILE C 308 -8.93 -5.61 -20.03
C ILE C 308 -7.82 -6.51 -19.48
N ASP C 309 -8.13 -7.24 -18.41
CA ASP C 309 -7.16 -8.10 -17.76
C ASP C 309 -6.65 -9.21 -18.69
N ARG C 310 -7.58 -9.84 -19.41
CA ARG C 310 -7.24 -10.94 -20.32
C ARG C 310 -6.40 -10.52 -21.52
N VAL C 311 -6.68 -9.34 -22.08
CA VAL C 311 -5.98 -8.88 -23.29
C VAL C 311 -4.79 -7.99 -22.99
N ILE C 312 -4.95 -7.02 -22.09
CA ILE C 312 -3.88 -6.06 -21.83
C ILE C 312 -3.03 -6.47 -20.63
N GLY C 313 -3.67 -7.04 -19.61
CA GLY C 313 -2.98 -7.33 -18.36
C GLY C 313 -2.96 -6.13 -17.41
N PRO C 314 -2.49 -6.35 -16.16
CA PRO C 314 -2.53 -5.37 -15.08
C PRO C 314 -1.56 -4.19 -15.22
N SER C 315 -0.46 -4.37 -15.95
CA SER C 315 0.64 -3.39 -15.93
C SER C 315 0.82 -2.53 -17.18
N ARG C 316 0.87 -3.17 -18.35
CA ARG C 316 1.24 -2.47 -19.59
C ARG C 316 0.21 -1.39 -19.94
N ILE C 317 0.72 -0.24 -20.38
CA ILE C 317 -0.13 0.86 -20.84
C ILE C 317 -0.98 0.43 -22.05
N PRO C 318 -2.28 0.82 -22.09
CA PRO C 318 -3.06 0.45 -23.25
C PRO C 318 -2.56 1.15 -24.51
N ALA C 319 -2.79 0.51 -25.65
CA ALA C 319 -2.37 1.05 -26.94
C ALA C 319 -3.58 1.02 -27.89
N ILE C 320 -3.63 1.97 -28.83
CA ILE C 320 -4.77 2.06 -29.74
C ILE C 320 -5.04 0.76 -30.52
N LYS C 321 -3.98 0.00 -30.82
CA LYS C 321 -4.13 -1.28 -31.52
C LYS C 321 -4.98 -2.27 -30.71
N ASP C 322 -4.94 -2.15 -29.38
CA ASP C 322 -5.73 -3.04 -28.53
C ASP C 322 -7.22 -3.05 -28.88
N ARG C 323 -7.73 -1.94 -29.43
CA ARG C 323 -9.12 -1.86 -29.90
C ARG C 323 -9.51 -3.06 -30.78
N GLN C 324 -8.59 -3.49 -31.63
CA GLN C 324 -8.82 -4.55 -32.61
C GLN C 324 -9.10 -5.90 -31.95
N GLU C 325 -8.50 -6.11 -30.78
CA GLU C 325 -8.72 -7.34 -30.00
C GLU C 325 -9.60 -7.17 -28.76
N MET C 326 -10.29 -6.03 -28.65
CA MET C 326 -11.19 -5.78 -27.50
C MET C 326 -12.64 -5.42 -27.89
N PRO C 327 -13.33 -6.34 -28.59
CA PRO C 327 -14.67 -6.03 -29.10
C PRO C 327 -15.64 -5.44 -28.07
N TYR C 328 -15.59 -5.91 -26.82
CA TYR C 328 -16.50 -5.40 -25.80
C TYR C 328 -16.24 -3.94 -25.42
N MET C 329 -14.99 -3.60 -25.13
CA MET C 329 -14.61 -2.20 -24.91
C MET C 329 -14.96 -1.32 -26.14
N ASP C 330 -14.71 -1.85 -27.34
CA ASP C 330 -14.94 -1.12 -28.58
C ASP C 330 -16.41 -0.76 -28.71
N ALA C 331 -17.26 -1.75 -28.45
CA ALA C 331 -18.70 -1.56 -28.47
C ALA C 331 -19.16 -0.58 -27.38
N VAL C 332 -18.55 -0.69 -26.20
CA VAL C 332 -18.89 0.15 -25.05
C VAL C 332 -18.55 1.60 -25.29
N VAL C 333 -17.40 1.88 -25.90
CA VAL C 333 -17.02 3.27 -26.19
C VAL C 333 -17.89 3.88 -27.30
N HIS C 334 -18.23 3.07 -28.30
CA HIS C 334 -19.19 3.47 -29.33
C HIS C 334 -20.55 3.77 -28.71
N GLU C 335 -21.00 2.88 -27.82
CA GLU C 335 -22.35 3.00 -27.26
C GLU C 335 -22.51 4.22 -26.35
N ILE C 336 -21.47 4.55 -25.57
CA ILE C 336 -21.43 5.77 -24.77
C ILE C 336 -21.67 7.00 -25.64
N GLN C 337 -20.94 7.14 -26.75
CA GLN C 337 -21.04 8.33 -27.59
C GLN C 337 -22.38 8.42 -28.30
N ARG C 338 -22.88 7.25 -28.69
CA ARG C 338 -24.15 7.12 -29.36
C ARG C 338 -25.31 7.51 -28.42
N PHE C 339 -25.35 6.85 -27.26
CA PHE C 339 -26.41 6.99 -26.25
C PHE C 339 -26.53 8.40 -25.67
N ILE C 340 -25.41 9.10 -25.49
CA ILE C 340 -25.44 10.40 -24.84
C ILE C 340 -25.77 11.57 -25.77
N THR C 341 -25.72 11.34 -27.10
CA THR C 341 -25.96 12.37 -28.12
C THR C 341 -25.46 13.72 -27.65
N LEU C 342 -24.16 13.81 -27.44
CA LEU C 342 -23.55 14.95 -26.78
C LEU C 342 -23.83 16.30 -27.45
N VAL C 343 -23.84 16.31 -28.79
CA VAL C 343 -24.18 17.51 -29.57
C VAL C 343 -25.43 17.17 -30.39
N PRO C 344 -26.60 17.10 -29.72
CA PRO C 344 -27.77 16.44 -30.26
C PRO C 344 -28.32 17.11 -31.53
N SER C 345 -28.16 18.42 -31.66
CA SER C 345 -28.65 19.15 -32.82
C SER C 345 -27.53 19.58 -33.78
N ASN C 346 -26.36 18.96 -33.65
CA ASN C 346 -25.16 19.35 -34.41
C ASN C 346 -24.79 20.80 -34.10
N LEU C 347 -23.88 21.35 -34.90
CA LEU C 347 -23.69 22.78 -34.97
C LEU C 347 -24.46 23.26 -36.19
N PRO C 348 -25.09 24.44 -36.09
CA PRO C 348 -25.85 25.00 -37.21
C PRO C 348 -24.98 25.20 -38.47
N HIS C 349 -25.49 24.70 -39.59
CA HIS C 349 -24.94 24.97 -40.91
C HIS C 349 -25.74 26.13 -41.56
N GLU C 350 -25.28 26.59 -42.73
CA GLU C 350 -25.95 27.66 -43.47
C GLU C 350 -25.86 27.43 -44.97
N ALA C 351 -26.95 27.73 -45.68
CA ALA C 351 -26.96 27.70 -47.14
C ALA C 351 -26.08 28.81 -47.70
N THR C 352 -25.15 28.41 -48.56
CA THR C 352 -24.15 29.31 -49.12
C THR C 352 -24.64 29.98 -50.41
N ARG C 353 -25.76 29.49 -50.94
CA ARG C 353 -26.44 30.02 -52.14
C ARG C 353 -27.86 29.47 -52.18
N ASP C 354 -28.72 30.03 -53.03
CA ASP C 354 -30.06 29.46 -53.26
C ASP C 354 -29.94 28.00 -53.67
N THR C 355 -30.65 27.12 -52.98
CA THR C 355 -30.54 25.69 -53.21
C THR C 355 -31.91 25.06 -53.30
N ILE C 356 -32.06 24.13 -54.24
CA ILE C 356 -33.26 23.31 -54.35
C ILE C 356 -32.98 21.89 -53.83
N PHE C 357 -33.56 21.59 -52.67
CA PHE C 357 -33.32 20.37 -51.94
C PHE C 357 -34.62 19.58 -51.86
N ARG C 358 -34.60 18.37 -52.42
CA ARG C 358 -35.79 17.52 -52.54
C ARG C 358 -37.02 18.24 -53.14
N GLY C 359 -36.76 19.17 -54.07
CA GLY C 359 -37.83 19.96 -54.67
C GLY C 359 -38.21 21.22 -53.92
N TYR C 360 -37.67 21.39 -52.71
CA TYR C 360 -37.94 22.60 -51.92
C TYR C 360 -36.84 23.65 -52.07
N LEU C 361 -37.25 24.92 -52.09
CA LEU C 361 -36.29 26.01 -52.13
C LEU C 361 -35.75 26.32 -50.74
N ILE C 362 -34.43 26.46 -50.68
CA ILE C 362 -33.70 26.82 -49.49
C ILE C 362 -32.76 27.98 -49.87
N PRO C 363 -33.19 29.23 -49.54
CA PRO C 363 -32.52 30.47 -49.91
C PRO C 363 -31.18 30.59 -49.24
N LYS C 364 -30.26 31.32 -49.87
CA LYS C 364 -28.98 31.66 -49.25
C LYS C 364 -29.20 32.32 -47.88
N GLY C 365 -28.35 32.01 -46.91
CA GLY C 365 -28.45 32.58 -45.56
C GLY C 365 -29.38 31.81 -44.62
N THR C 366 -30.05 30.79 -45.15
CA THR C 366 -30.90 29.95 -44.31
C THR C 366 -30.04 29.07 -43.42
N VAL C 367 -30.31 29.11 -42.12
CA VAL C 367 -29.71 28.21 -41.16
C VAL C 367 -30.17 26.79 -41.50
N VAL C 368 -29.20 25.88 -41.54
CA VAL C 368 -29.49 24.49 -41.85
C VAL C 368 -29.03 23.60 -40.69
N VAL C 369 -29.96 22.81 -40.15
CA VAL C 369 -29.70 22.00 -38.94
C VAL C 369 -29.70 20.51 -39.28
N PRO C 370 -28.50 19.92 -39.45
CA PRO C 370 -28.41 18.50 -39.76
C PRO C 370 -28.31 17.71 -38.45
N THR C 371 -29.49 17.33 -37.98
CA THR C 371 -29.75 16.86 -36.63
C THR C 371 -29.02 15.53 -36.39
N LEU C 372 -28.35 15.40 -35.26
CA LEU C 372 -27.53 14.19 -35.02
C LEU C 372 -28.21 13.10 -34.17
N ASP C 373 -28.86 13.47 -33.06
CA ASP C 373 -29.60 12.48 -32.24
C ASP C 373 -30.61 11.62 -33.03
N SER C 374 -31.25 12.21 -34.04
CA SER C 374 -32.17 11.48 -34.92
C SER C 374 -31.47 10.39 -35.74
N VAL C 375 -30.16 10.55 -35.92
CA VAL C 375 -29.35 9.52 -36.58
C VAL C 375 -28.88 8.49 -35.54
N LEU C 376 -28.40 8.98 -34.41
CA LEU C 376 -27.85 8.12 -33.36
C LEU C 376 -28.94 7.29 -32.69
N TYR C 377 -30.16 7.81 -32.70
CA TYR C 377 -31.33 7.09 -32.12
C TYR C 377 -32.27 6.43 -33.14
N ASP C 378 -31.77 6.12 -34.34
CA ASP C 378 -32.55 5.36 -35.35
C ASP C 378 -32.99 4.01 -34.79
N ASN C 379 -34.29 3.76 -34.79
CA ASN C 379 -34.80 2.55 -34.14
C ASN C 379 -34.76 1.29 -35.00
N GLN C 380 -34.37 1.44 -36.28
CA GLN C 380 -34.10 0.30 -37.15
C GLN C 380 -32.67 -0.19 -36.98
N GLU C 381 -31.71 0.73 -37.10
CA GLU C 381 -30.29 0.43 -36.92
C GLU C 381 -29.98 0.01 -35.47
N PHE C 382 -30.58 0.72 -34.51
CA PHE C 382 -30.35 0.42 -33.10
C PHE C 382 -31.66 0.13 -32.37
N PRO C 383 -32.23 -1.09 -32.55
CA PRO C 383 -33.53 -1.37 -31.93
C PRO C 383 -33.48 -1.07 -30.42
N ASP C 384 -34.55 -0.47 -29.91
CA ASP C 384 -34.57 0.14 -28.56
C ASP C 384 -33.46 1.19 -28.40
N PRO C 385 -33.54 2.30 -29.16
CA PRO C 385 -32.44 3.27 -29.13
C PRO C 385 -32.29 4.03 -27.80
N GLU C 386 -33.37 4.09 -27.02
CA GLU C 386 -33.35 4.86 -25.77
C GLU C 386 -32.51 4.18 -24.68
N LYS C 387 -32.18 2.90 -24.90
CA LYS C 387 -31.45 2.09 -23.94
C LYS C 387 -29.95 2.06 -24.24
N PHE C 388 -29.15 2.10 -23.17
CA PHE C 388 -27.72 1.87 -23.30
C PHE C 388 -27.43 0.38 -23.39
N LYS C 389 -27.08 -0.09 -24.59
CA LYS C 389 -26.79 -1.50 -24.84
C LYS C 389 -25.56 -1.69 -25.72
N PRO C 390 -24.44 -2.18 -25.13
CA PRO C 390 -23.24 -2.51 -25.91
C PRO C 390 -23.51 -3.42 -27.13
N GLU C 391 -24.61 -4.16 -27.08
CA GLU C 391 -25.01 -5.05 -28.18
C GLU C 391 -25.51 -4.30 -29.41
N HIS C 392 -25.84 -3.02 -29.24
CA HIS C 392 -26.01 -2.10 -30.37
C HIS C 392 -24.79 -2.12 -31.32
N PHE C 393 -23.61 -2.40 -30.77
CA PHE C 393 -22.37 -2.46 -31.55
C PHE C 393 -21.67 -3.83 -31.49
N LEU C 394 -22.46 -4.89 -31.34
CA LEU C 394 -21.97 -6.26 -31.34
C LEU C 394 -22.80 -7.15 -32.25
N ASN C 395 -22.13 -8.03 -33.00
CA ASN C 395 -22.87 -8.98 -33.83
C ASN C 395 -23.05 -10.36 -33.21
N GLU C 396 -23.17 -11.37 -34.07
CA GLU C 396 -23.57 -12.73 -33.68
C GLU C 396 -22.41 -13.40 -32.97
N ASN C 397 -21.21 -13.20 -33.52
CA ASN C 397 -19.98 -13.81 -33.02
C ASN C 397 -19.40 -13.18 -31.73
N GLY C 398 -20.10 -12.19 -31.18
CA GLY C 398 -19.60 -11.37 -30.07
C GLY C 398 -18.57 -10.35 -30.54
N LYS C 399 -18.40 -10.25 -31.86
CA LYS C 399 -17.47 -9.30 -32.46
C LYS C 399 -18.14 -7.95 -32.67
N PHE C 400 -17.34 -6.89 -32.73
CA PHE C 400 -17.84 -5.53 -32.93
C PHE C 400 -18.63 -5.39 -34.23
N LYS C 401 -19.79 -4.76 -34.13
CA LYS C 401 -20.65 -4.48 -35.28
C LYS C 401 -20.61 -3.00 -35.73
N TYR C 402 -19.91 -2.75 -36.83
CA TYR C 402 -19.80 -1.42 -37.44
C TYR C 402 -21.16 -0.84 -37.86
N SER C 403 -21.30 0.47 -37.70
CA SER C 403 -22.51 1.17 -38.17
C SER C 403 -22.17 2.51 -38.80
N ASP C 404 -22.79 2.79 -39.94
CA ASP C 404 -22.67 4.11 -40.57
C ASP C 404 -23.51 5.17 -39.82
N TYR C 405 -24.44 4.73 -38.98
CA TYR C 405 -25.30 5.64 -38.21
C TYR C 405 -24.58 6.17 -36.96
N PHE C 406 -23.40 5.62 -36.68
CA PHE C 406 -22.50 6.17 -35.67
C PHE C 406 -21.93 7.49 -36.20
N LYS C 407 -22.65 8.59 -35.94
CA LYS C 407 -22.28 9.90 -36.43
C LYS C 407 -22.26 10.99 -35.34
N PRO C 408 -21.60 10.73 -34.19
CA PRO C 408 -21.60 11.76 -33.15
C PRO C 408 -20.70 12.96 -33.47
N PHE C 409 -19.83 12.84 -34.48
CA PHE C 409 -18.96 13.93 -34.91
C PHE C 409 -19.43 14.55 -36.21
N SER C 410 -20.65 14.21 -36.64
CA SER C 410 -21.17 14.65 -37.93
C SER C 410 -20.34 14.05 -39.07
N THR C 411 -20.50 14.60 -40.27
CA THR C 411 -19.76 14.14 -41.45
C THR C 411 -19.79 15.22 -42.53
N GLY C 412 -19.05 15.01 -43.62
CA GLY C 412 -18.99 15.99 -44.69
C GLY C 412 -17.96 17.06 -44.42
N LYS C 413 -18.19 18.25 -44.97
CA LYS C 413 -17.15 19.29 -45.06
C LYS C 413 -16.82 20.04 -43.76
N ARG C 414 -17.74 20.00 -42.79
CA ARG C 414 -17.49 20.60 -41.49
C ARG C 414 -17.40 19.55 -40.37
N VAL C 415 -17.18 18.29 -40.76
CA VAL C 415 -16.98 17.19 -39.80
C VAL C 415 -16.00 17.64 -38.72
N CYS C 416 -16.25 17.23 -37.48
CA CYS C 416 -15.42 17.62 -36.33
C CYS C 416 -13.91 17.53 -36.64
N ALA C 417 -13.19 18.62 -36.39
CA ALA C 417 -11.77 18.70 -36.74
C ALA C 417 -10.90 17.75 -35.90
N GLY C 418 -11.42 17.31 -34.76
CA GLY C 418 -10.67 16.43 -33.88
C GLY C 418 -11.26 15.06 -33.66
N GLU C 419 -11.91 14.48 -34.69
CA GLU C 419 -12.56 13.17 -34.55
C GLU C 419 -11.58 12.07 -34.12
N GLY C 420 -10.49 11.92 -34.87
CA GLY C 420 -9.44 10.96 -34.55
C GLY C 420 -8.83 11.12 -33.17
N LEU C 421 -8.64 12.36 -32.74
CA LEU C 421 -8.07 12.63 -31.41
C LEU C 421 -8.99 12.16 -30.29
N ALA C 422 -10.27 12.55 -30.37
CA ALA C 422 -11.27 12.22 -29.35
C ALA C 422 -11.53 10.73 -29.18
N ARG C 423 -11.69 10.01 -30.30
CA ARG C 423 -11.96 8.57 -30.24
C ARG C 423 -10.80 7.76 -29.64
N MET C 424 -9.57 8.19 -29.94
CA MET C 424 -8.36 7.65 -29.32
C MET C 424 -8.29 7.98 -27.83
N GLU C 425 -8.51 9.25 -27.47
CA GLU C 425 -8.51 9.66 -26.05
C GLU C 425 -9.54 8.87 -25.25
N LEU C 426 -10.74 8.74 -25.81
CA LEU C 426 -11.83 7.98 -25.21
C LEU C 426 -11.46 6.53 -24.93
N PHE C 427 -10.95 5.84 -25.95
CA PHE C 427 -10.56 4.46 -25.81
C PHE C 427 -9.41 4.27 -24.80
N LEU C 428 -8.30 4.98 -25.03
CA LEU C 428 -7.10 4.83 -24.22
C LEU C 428 -7.35 5.20 -22.77
N LEU C 429 -8.03 6.33 -22.56
CA LEU C 429 -8.24 6.83 -21.22
C LEU C 429 -9.16 5.93 -20.40
N LEU C 430 -10.22 5.41 -21.03
CA LEU C 430 -11.15 4.53 -20.32
C LEU C 430 -10.50 3.17 -20.01
N CYS C 431 -9.67 2.70 -20.93
CA CYS C 431 -8.85 1.50 -20.70
C CYS C 431 -7.91 1.68 -19.49
N ALA C 432 -7.21 2.81 -19.46
CA ALA C 432 -6.29 3.16 -18.36
C ALA C 432 -6.98 3.31 -17.01
N ILE C 433 -8.11 4.01 -16.97
CA ILE C 433 -8.90 4.15 -15.73
C ILE C 433 -9.37 2.80 -15.21
N LEU C 434 -9.97 1.98 -16.07
CA LEU C 434 -10.55 0.71 -15.63
C LEU C 434 -9.51 -0.39 -15.43
N GLN C 435 -8.34 -0.21 -16.03
CA GLN C 435 -7.22 -1.10 -15.80
C GLN C 435 -6.80 -1.04 -14.32
N HIS C 436 -6.74 0.18 -13.77
CA HIS C 436 -6.24 0.38 -12.41
C HIS C 436 -7.30 0.53 -11.32
N PHE C 437 -8.57 0.74 -11.70
CA PHE C 437 -9.62 1.05 -10.72
C PHE C 437 -10.97 0.37 -10.92
N ASN C 438 -11.64 0.05 -9.81
CA ASN C 438 -13.07 -0.23 -9.81
C ASN C 438 -13.86 1.04 -9.54
N LEU C 439 -15.08 1.11 -10.08
CA LEU C 439 -15.94 2.27 -9.88
C LEU C 439 -16.88 2.06 -8.69
N LYS C 440 -16.87 3.02 -7.77
CA LYS C 440 -17.77 2.97 -6.61
C LYS C 440 -18.70 4.19 -6.54
N PRO C 441 -20.01 3.95 -6.74
CA PRO C 441 -21.01 5.00 -6.60
C PRO C 441 -21.47 5.16 -5.14
N LEU C 442 -22.04 6.32 -4.82
CA LEU C 442 -22.57 6.63 -3.49
C LEU C 442 -24.08 6.40 -3.39
N VAL C 443 -24.66 5.83 -4.45
CA VAL C 443 -26.09 5.50 -4.49
C VAL C 443 -26.27 4.13 -5.13
N ASP C 444 -27.40 3.48 -4.87
CA ASP C 444 -27.67 2.20 -5.51
C ASP C 444 -27.70 2.43 -7.03
N PRO C 445 -26.96 1.60 -7.79
CA PRO C 445 -26.98 1.69 -9.26
C PRO C 445 -28.38 1.91 -9.85
N LYS C 446 -29.39 1.23 -9.33
CA LYS C 446 -30.77 1.39 -9.81
C LYS C 446 -31.40 2.77 -9.51
N ASP C 447 -30.80 3.54 -8.61
CA ASP C 447 -31.22 4.93 -8.32
C ASP C 447 -30.44 5.96 -9.16
N ILE C 448 -29.65 5.49 -10.11
CA ILE C 448 -28.94 6.40 -11.00
C ILE C 448 -29.83 6.76 -12.18
N ASP C 449 -29.97 8.06 -12.43
CA ASP C 449 -30.69 8.58 -13.59
C ASP C 449 -29.66 9.05 -14.61
N LEU C 450 -29.78 8.55 -15.84
CA LEU C 450 -28.86 8.91 -16.92
C LEU C 450 -29.34 10.10 -17.78
N SER C 451 -30.59 10.50 -17.58
CA SER C 451 -31.15 11.66 -18.25
C SER C 451 -30.29 12.90 -18.05
N PRO C 452 -29.95 13.60 -19.15
CA PRO C 452 -29.27 14.89 -19.06
C PRO C 452 -30.07 15.92 -18.24
N ILE C 453 -29.38 16.69 -17.40
CA ILE C 453 -30.04 17.73 -16.60
C ILE C 453 -30.34 19.01 -17.39
N HIS C 454 -29.60 19.22 -18.49
CA HIS C 454 -29.84 20.31 -19.44
C HIS C 454 -29.67 19.78 -20.87
N ILE C 455 -30.47 20.29 -21.79
CA ILE C 455 -30.40 19.88 -23.19
C ILE C 455 -30.45 21.12 -24.08
N GLY C 456 -29.33 21.39 -24.75
CA GLY C 456 -29.24 22.52 -25.68
C GLY C 456 -28.19 22.30 -26.75
N PHE C 457 -27.12 23.09 -26.69
CA PHE C 457 -25.98 22.88 -27.58
C PHE C 457 -25.37 21.53 -27.31
N GLY C 458 -25.37 21.14 -26.03
CA GLY C 458 -25.00 19.80 -25.60
C GLY C 458 -26.05 19.07 -24.75
N CYS C 459 -25.72 17.82 -24.42
CA CYS C 459 -26.49 17.09 -23.43
C CYS C 459 -25.67 17.03 -22.16
N ILE C 460 -26.22 17.55 -21.07
CA ILE C 460 -25.47 17.71 -19.83
C ILE C 460 -25.75 16.61 -18.80
N PRO C 461 -24.71 15.82 -18.47
CA PRO C 461 -24.84 14.77 -17.48
C PRO C 461 -25.20 15.33 -16.09
N PRO C 462 -25.92 14.53 -15.29
CA PRO C 462 -26.12 14.86 -13.88
C PRO C 462 -24.79 14.99 -13.11
N ARG C 463 -24.74 15.94 -12.17
CA ARG C 463 -23.62 16.05 -11.23
C ARG C 463 -23.62 14.81 -10.35
N TYR C 464 -22.42 14.33 -10.02
CA TYR C 464 -22.28 13.15 -9.15
C TYR C 464 -20.90 13.07 -8.54
N LYS C 465 -20.80 12.34 -7.44
CA LYS C 465 -19.50 12.05 -6.86
C LYS C 465 -19.29 10.56 -6.92
N LEU C 466 -18.03 10.14 -6.90
CA LEU C 466 -17.70 8.71 -6.80
C LEU C 466 -16.39 8.42 -6.06
N CYS C 467 -16.18 7.14 -5.80
CA CYS C 467 -14.90 6.62 -5.35
C CYS C 467 -14.29 5.76 -6.46
N VAL C 468 -12.96 5.82 -6.56
CA VAL C 468 -12.19 4.89 -7.42
C VAL C 468 -11.29 4.01 -6.55
N ILE C 469 -11.53 2.71 -6.63
CA ILE C 469 -10.83 1.72 -5.80
C ILE C 469 -9.68 1.06 -6.58
N PRO C 470 -8.41 1.24 -6.10
CA PRO C 470 -7.22 0.63 -6.74
C PRO C 470 -7.36 -0.88 -6.98
N ARG C 471 -6.72 -1.38 -8.03
CA ARG C 471 -6.91 -2.76 -8.47
C ARG C 471 -5.78 -3.73 -8.13
N SER C 472 -4.56 -3.22 -8.02
CA SER C 472 -3.43 -4.04 -7.57
C SER C 472 -2.65 -3.32 -6.48
N HIS C 473 -2.35 -4.04 -5.41
CA HIS C 473 -1.87 -3.46 -4.16
C HIS C 473 -0.38 -3.73 -3.95
N LYS D 10 -3.17 3.43 28.08
CA LYS D 10 -2.70 2.05 27.74
C LYS D 10 -3.86 1.08 27.44
N LEU D 11 -3.80 0.44 26.28
CA LEU D 11 -4.83 -0.48 25.83
C LEU D 11 -4.81 -1.81 26.61
N PRO D 12 -5.96 -2.54 26.66
CA PRO D 12 -5.96 -3.88 27.26
C PRO D 12 -4.89 -4.75 26.61
N PRO D 13 -4.29 -5.70 27.37
CA PRO D 13 -3.19 -6.46 26.79
C PRO D 13 -3.63 -7.25 25.56
N GLY D 14 -2.69 -7.72 24.76
CA GLY D 14 -3.05 -8.47 23.56
C GLY D 14 -1.85 -8.91 22.76
N PRO D 15 -2.05 -9.84 21.81
CA PRO D 15 -0.93 -10.34 21.03
C PRO D 15 -0.33 -9.25 20.14
N PHE D 16 0.99 -9.27 20.00
CA PHE D 16 1.71 -8.36 19.10
C PHE D 16 1.21 -8.54 17.66
N PRO D 17 0.67 -7.47 17.06
CA PRO D 17 0.13 -7.51 15.70
C PRO D 17 1.16 -7.29 14.57
N LEU D 18 0.83 -7.78 13.37
CA LEU D 18 1.72 -7.65 12.22
C LEU D 18 1.25 -6.63 11.19
N PRO D 19 2.18 -6.04 10.42
CA PRO D 19 1.84 -5.11 9.37
C PRO D 19 0.76 -5.66 8.44
N ILE D 20 -0.27 -4.85 8.19
CA ILE D 20 -1.33 -5.15 7.22
C ILE D 20 -2.39 -6.10 7.77
N ILE D 21 -1.96 -7.28 8.22
CA ILE D 21 -2.88 -8.33 8.63
C ILE D 21 -3.24 -8.32 10.13
N GLY D 22 -2.52 -7.53 10.93
CA GLY D 22 -2.77 -7.45 12.36
C GLY D 22 -2.55 -8.80 13.04
N ASN D 23 -3.58 -9.25 13.77
CA ASN D 23 -3.53 -10.51 14.49
C ASN D 23 -4.23 -11.66 13.76
N LEU D 24 -4.25 -11.61 12.42
CA LEU D 24 -4.85 -12.66 11.61
C LEU D 24 -4.32 -14.06 11.97
N PHE D 25 -3.03 -14.18 12.26
CA PHE D 25 -2.43 -15.45 12.68
C PHE D 25 -2.91 -15.99 14.02
N GLN D 26 -3.48 -15.13 14.86
CA GLN D 26 -4.04 -15.58 16.12
C GLN D 26 -5.48 -16.07 16.02
N LEU D 27 -6.08 -15.95 14.83
CA LEU D 27 -7.49 -16.30 14.67
C LEU D 27 -7.69 -17.48 13.75
N GLU D 28 -8.35 -18.52 14.24
CA GLU D 28 -8.85 -19.57 13.36
C GLU D 28 -10.15 -19.06 12.72
N LEU D 29 -10.11 -18.88 11.41
CA LEU D 29 -11.19 -18.22 10.66
C LEU D 29 -12.50 -19.01 10.68
N LYS D 30 -12.41 -20.33 10.84
CA LYS D 30 -13.61 -21.15 10.90
C LYS D 30 -14.19 -21.30 12.33
N ASN D 31 -13.47 -20.79 13.33
CA ASN D 31 -13.93 -20.79 14.71
C ASN D 31 -13.33 -19.63 15.53
N ILE D 32 -13.80 -18.42 15.21
CA ILE D 32 -13.43 -17.20 15.93
C ILE D 32 -13.74 -17.31 17.44
N PRO D 33 -14.94 -17.84 17.81
CA PRO D 33 -15.23 -17.98 19.24
C PRO D 33 -14.16 -18.77 20.00
N LYS D 34 -13.76 -19.91 19.44
CA LYS D 34 -12.69 -20.73 20.04
C LYS D 34 -11.37 -19.96 20.15
N SER D 35 -11.06 -19.17 19.12
CA SER D 35 -9.87 -18.32 19.14
C SER D 35 -9.92 -17.28 20.25
N PHE D 36 -11.09 -16.64 20.43
CA PHE D 36 -11.31 -15.69 21.53
C PHE D 36 -11.08 -16.34 22.89
N THR D 37 -11.68 -17.53 23.08
CA THR D 37 -11.51 -18.32 24.29
C THR D 37 -10.03 -18.68 24.58
N ARG D 38 -9.28 -19.05 23.54
CA ARG D 38 -7.85 -19.36 23.70
C ARG D 38 -7.06 -18.10 24.06
N LEU D 39 -7.44 -16.97 23.45
CA LEU D 39 -6.83 -15.69 23.74
C LEU D 39 -7.16 -15.16 25.15
N ALA D 40 -8.33 -15.52 25.69
CA ALA D 40 -8.71 -15.16 27.06
C ALA D 40 -7.87 -15.87 28.15
N GLN D 41 -7.54 -17.15 27.95
CA GLN D 41 -6.59 -17.83 28.85
C GLN D 41 -5.24 -17.09 28.87
N ARG D 42 -4.80 -16.59 27.72
CA ARG D 42 -3.48 -15.97 27.62
C ARG D 42 -3.43 -14.53 28.17
N PHE D 43 -4.47 -13.75 27.92
CA PHE D 43 -4.42 -12.33 28.24
C PHE D 43 -5.47 -11.85 29.26
N GLY D 44 -6.35 -12.75 29.68
CA GLY D 44 -7.40 -12.39 30.64
C GLY D 44 -8.74 -12.03 29.98
N PRO D 45 -9.71 -11.57 30.79
CA PRO D 45 -11.11 -11.35 30.38
C PRO D 45 -11.38 -10.14 29.46
N VAL D 46 -10.36 -9.33 29.22
CA VAL D 46 -10.47 -8.15 28.34
C VAL D 46 -9.15 -7.95 27.59
N PHE D 47 -9.18 -8.09 26.26
CA PHE D 47 -7.97 -8.06 25.45
C PHE D 47 -8.11 -7.31 24.12
N THR D 48 -6.99 -6.76 23.65
CA THR D 48 -6.95 -6.04 22.39
C THR D 48 -6.62 -6.99 21.24
N LEU D 49 -7.18 -6.69 20.08
CA LEU D 49 -6.92 -7.45 18.87
C LEU D 49 -6.95 -6.51 17.67
N TYR D 50 -6.09 -6.78 16.70
CA TYR D 50 -6.17 -6.11 15.41
C TYR D 50 -6.46 -7.14 14.34
N VAL D 51 -7.59 -6.98 13.68
CA VAL D 51 -7.90 -7.82 12.54
C VAL D 51 -7.86 -6.87 11.35
N GLY D 52 -6.77 -6.95 10.60
CA GLY D 52 -6.47 -5.94 9.58
C GLY D 52 -6.18 -4.61 10.26
N SER D 53 -6.75 -3.53 9.74
CA SER D 53 -6.59 -2.19 10.32
C SER D 53 -7.81 -1.76 11.15
N GLN D 54 -8.49 -2.73 11.76
CA GLN D 54 -9.58 -2.41 12.68
C GLN D 54 -9.30 -2.99 14.07
N ARG D 55 -9.09 -2.10 15.02
CA ARG D 55 -8.81 -2.44 16.41
C ARG D 55 -10.09 -2.91 17.08
N MET D 56 -9.99 -4.03 17.78
CA MET D 56 -11.09 -4.46 18.63
C MET D 56 -10.68 -4.82 20.04
N VAL D 57 -11.64 -4.70 20.95
CA VAL D 57 -11.50 -5.20 22.29
C VAL D 57 -12.59 -6.23 22.56
N VAL D 58 -12.16 -7.37 23.08
CA VAL D 58 -13.04 -8.48 23.37
C VAL D 58 -13.22 -8.63 24.87
N MET D 59 -14.48 -8.73 25.27
CA MET D 59 -14.86 -9.10 26.63
C MET D 59 -15.23 -10.56 26.69
N HIS D 60 -14.71 -11.24 27.70
CA HIS D 60 -14.85 -12.67 27.81
C HIS D 60 -15.11 -13.07 29.25
N GLY D 61 -16.22 -13.78 29.45
CA GLY D 61 -16.66 -14.15 30.79
C GLY D 61 -17.79 -13.27 31.30
N TYR D 62 -18.61 -13.82 32.18
CA TYR D 62 -19.79 -13.14 32.70
C TYR D 62 -19.45 -11.75 33.28
N LYS D 63 -18.44 -11.67 34.16
CA LYS D 63 -18.11 -10.41 34.84
C LYS D 63 -17.75 -9.29 33.85
N ALA D 64 -16.94 -9.61 32.85
CA ALA D 64 -16.56 -8.61 31.86
C ALA D 64 -17.69 -8.24 30.91
N VAL D 65 -18.45 -9.24 30.46
CA VAL D 65 -19.56 -8.97 29.56
C VAL D 65 -20.63 -8.14 30.27
N LYS D 66 -21.00 -8.56 31.48
CA LYS D 66 -21.97 -7.85 32.30
C LYS D 66 -21.53 -6.41 32.61
N GLU D 67 -20.27 -6.24 33.02
CA GLU D 67 -19.74 -4.90 33.32
C GLU D 67 -19.71 -4.01 32.06
N ALA D 68 -19.33 -4.58 30.91
CA ALA D 68 -19.30 -3.82 29.64
C ALA D 68 -20.69 -3.36 29.21
N LEU D 69 -21.67 -4.24 29.36
CA LEU D 69 -23.03 -3.95 28.91
C LEU D 69 -23.91 -3.21 29.94
N LEU D 70 -23.56 -3.30 31.23
CA LEU D 70 -24.40 -2.70 32.28
C LEU D 70 -23.83 -1.46 33.02
N ASP D 71 -22.54 -1.46 33.33
CA ASP D 71 -21.90 -0.32 33.97
C ASP D 71 -21.35 0.72 32.97
N TYR D 72 -21.26 0.32 31.71
CA TYR D 72 -20.75 1.16 30.63
C TYR D 72 -21.76 1.22 29.48
N LYS D 73 -23.02 1.42 29.84
CA LYS D 73 -24.16 1.39 28.91
C LYS D 73 -23.94 2.30 27.71
N ASP D 74 -23.75 3.58 27.98
CA ASP D 74 -23.68 4.60 26.91
C ASP D 74 -22.35 4.59 26.15
N GLU D 75 -21.29 4.13 26.83
CA GLU D 75 -19.95 4.10 26.26
C GLU D 75 -19.77 3.05 25.17
N PHE D 76 -20.53 1.94 25.26
CA PHE D 76 -20.40 0.83 24.30
C PHE D 76 -21.69 0.51 23.53
N SER D 77 -22.60 1.49 23.46
CA SER D 77 -23.89 1.29 22.81
C SER D 77 -23.85 1.49 21.29
N GLY D 78 -22.66 1.70 20.74
CA GLY D 78 -22.51 1.80 19.31
C GLY D 78 -22.54 0.46 18.60
N ARG D 79 -22.74 0.48 17.28
CA ARG D 79 -22.77 -0.74 16.47
C ARG D 79 -21.57 -0.83 15.51
N GLY D 80 -20.79 -1.90 15.66
CA GLY D 80 -19.64 -2.13 14.79
C GLY D 80 -20.04 -2.33 13.34
N ASP D 81 -19.20 -1.83 12.43
CA ASP D 81 -19.44 -1.96 11.00
C ASP D 81 -19.50 -3.41 10.53
N LEU D 82 -20.43 -3.71 9.62
CA LEU D 82 -20.52 -5.02 8.99
C LEU D 82 -20.74 -4.85 7.47
N PRO D 83 -19.63 -4.88 6.70
CA PRO D 83 -19.61 -4.64 5.23
C PRO D 83 -20.68 -5.39 4.43
N ALA D 84 -20.93 -6.65 4.78
CA ALA D 84 -21.94 -7.45 4.08
C ALA D 84 -23.32 -6.82 4.13
N PHE D 85 -23.56 -6.02 5.16
CA PHE D 85 -24.82 -5.30 5.32
C PHE D 85 -24.68 -3.78 5.11
N HIS D 86 -23.78 -3.36 4.23
CA HIS D 86 -23.58 -1.93 3.95
C HIS D 86 -24.84 -1.20 3.46
N ALA D 87 -25.75 -1.93 2.83
CA ALA D 87 -27.05 -1.38 2.44
C ALA D 87 -27.98 -1.09 3.64
N HIS D 88 -27.55 -1.44 4.85
CA HIS D 88 -28.30 -1.12 6.07
C HIS D 88 -27.61 -0.09 6.95
N ARG D 89 -26.28 0.05 6.80
CA ARG D 89 -25.44 0.84 7.74
C ARG D 89 -26.04 2.19 8.09
N ASP D 90 -26.07 2.46 9.40
CA ASP D 90 -26.54 3.73 9.96
C ASP D 90 -28.02 4.05 9.68
N ARG D 91 -28.78 3.04 9.26
CA ARG D 91 -30.24 3.13 9.12
C ARG D 91 -30.91 1.98 9.91
N GLY D 92 -32.23 2.03 10.06
CA GLY D 92 -32.98 0.94 10.72
C GLY D 92 -32.64 0.77 12.19
N ILE D 93 -32.53 -0.48 12.64
CA ILE D 93 -32.06 -0.76 14.00
C ILE D 93 -30.74 -1.52 14.06
N ILE D 94 -30.71 -2.73 13.50
CA ILE D 94 -29.59 -3.67 13.69
C ILE D 94 -28.19 -3.09 13.42
N PHE D 95 -28.02 -2.45 12.27
CA PHE D 95 -26.71 -1.99 11.82
C PHE D 95 -26.59 -0.46 11.93
N ASN D 96 -27.43 0.12 12.77
CA ASN D 96 -27.49 1.57 12.95
C ASN D 96 -26.57 2.07 14.07
N ASN D 97 -25.44 2.63 13.68
CA ASN D 97 -24.48 3.25 14.59
C ASN D 97 -24.68 4.77 14.59
N GLY D 98 -25.76 5.22 13.95
CA GLY D 98 -26.01 6.65 13.76
C GLY D 98 -26.79 7.39 14.84
N PRO D 99 -27.11 8.68 14.57
CA PRO D 99 -27.88 9.49 15.52
C PRO D 99 -29.38 9.14 15.52
N THR D 100 -29.80 8.39 14.51
CA THR D 100 -31.21 7.97 14.37
C THR D 100 -31.54 6.70 15.16
N TRP D 101 -30.51 5.96 15.60
CA TRP D 101 -30.73 4.67 16.26
C TRP D 101 -31.64 4.73 17.49
N LYS D 102 -31.32 5.63 18.42
CA LYS D 102 -31.99 5.70 19.72
C LYS D 102 -33.52 5.82 19.61
N ASP D 103 -33.99 6.72 18.76
CA ASP D 103 -35.42 6.99 18.59
C ASP D 103 -36.13 6.02 17.64
N ILE D 104 -35.40 5.46 16.68
CA ILE D 104 -35.97 4.44 15.79
C ILE D 104 -36.20 3.14 16.54
N ARG D 105 -35.25 2.79 17.41
CA ARG D 105 -35.36 1.60 18.24
C ARG D 105 -36.49 1.72 19.26
N ARG D 106 -36.49 2.82 20.03
CA ARG D 106 -37.51 3.06 21.07
C ARG D 106 -38.92 2.95 20.52
N PHE D 107 -39.15 3.58 19.37
CA PHE D 107 -40.46 3.52 18.70
C PHE D 107 -40.81 2.11 18.25
N SER D 108 -39.83 1.38 17.70
CA SER D 108 -40.03 -0.01 17.28
C SER D 108 -40.33 -0.97 18.43
N LEU D 109 -39.72 -0.76 19.59
CA LEU D 109 -40.00 -1.58 20.78
C LEU D 109 -41.41 -1.38 21.35
N THR D 110 -41.83 -0.13 21.44
CA THR D 110 -43.17 0.24 21.90
C THR D 110 -44.24 -0.32 20.95
N THR D 111 -44.03 -0.14 19.66
CA THR D 111 -44.95 -0.66 18.64
C THR D 111 -45.03 -2.19 18.69
N LEU D 112 -43.89 -2.88 18.74
CA LEU D 112 -43.87 -4.35 18.91
C LEU D 112 -44.57 -4.80 20.21
N ARG D 113 -44.41 -4.03 21.27
CA ARG D 113 -45.11 -4.30 22.53
C ARG D 113 -46.62 -4.08 22.35
N ASN D 114 -47.00 -3.00 21.68
CA ASN D 114 -48.41 -2.72 21.38
C ASN D 114 -49.05 -3.88 20.63
N TYR D 115 -48.38 -4.35 19.57
CA TYR D 115 -48.85 -5.51 18.80
C TYR D 115 -48.61 -6.84 19.51
N GLY D 116 -47.92 -6.81 20.64
CA GLY D 116 -47.71 -8.00 21.47
C GLY D 116 -48.79 -8.26 22.51
N MET D 117 -49.39 -7.18 23.03
CA MET D 117 -50.40 -7.24 24.08
C MET D 117 -51.82 -7.40 23.52
N GLY D 118 -52.78 -7.64 24.42
CA GLY D 118 -54.19 -7.68 24.04
C GLY D 118 -54.70 -9.06 23.63
N LYS D 119 -55.98 -9.11 23.26
CA LYS D 119 -56.64 -10.36 22.88
C LYS D 119 -56.05 -10.92 21.59
N GLN D 120 -55.72 -10.02 20.66
CA GLN D 120 -55.08 -10.39 19.39
C GLN D 120 -53.55 -10.19 19.45
N GLY D 121 -52.96 -10.36 20.64
CA GLY D 121 -51.52 -10.17 20.86
C GLY D 121 -50.64 -11.28 20.32
N ASN D 122 -49.41 -11.37 20.83
CA ASN D 122 -48.42 -12.36 20.36
C ASN D 122 -48.80 -13.82 20.59
N GLU D 123 -49.33 -14.12 21.77
CA GLU D 123 -49.76 -15.48 22.10
C GLU D 123 -50.79 -15.96 21.09
N SER D 124 -51.80 -15.12 20.85
CA SER D 124 -52.85 -15.35 19.86
C SER D 124 -52.26 -15.59 18.46
N ARG D 125 -51.49 -14.63 17.99
CA ARG D 125 -50.76 -14.71 16.73
C ARG D 125 -50.07 -16.07 16.53
N ILE D 126 -49.23 -16.45 17.48
CA ILE D 126 -48.46 -17.71 17.44
C ILE D 126 -49.35 -18.96 17.51
N GLN D 127 -50.48 -18.85 18.21
CA GLN D 127 -51.41 -19.98 18.36
C GLN D 127 -52.13 -20.37 17.06
N ARG D 128 -52.64 -19.38 16.32
CA ARG D 128 -53.33 -19.68 15.06
C ARG D 128 -52.33 -20.11 13.99
N GLU D 129 -51.12 -19.55 14.07
CA GLU D 129 -50.03 -19.88 13.17
C GLU D 129 -49.55 -21.31 13.38
N ALA D 130 -49.71 -21.81 14.60
CA ALA D 130 -49.45 -23.21 14.93
C ALA D 130 -50.48 -24.16 14.30
N HIS D 131 -51.64 -23.63 13.92
CA HIS D 131 -52.61 -24.40 13.16
C HIS D 131 -51.98 -24.80 11.82
N PHE D 132 -51.58 -23.80 11.04
CA PHE D 132 -50.92 -24.01 9.74
C PHE D 132 -49.67 -24.89 9.81
N LEU D 133 -48.87 -24.72 10.86
CA LEU D 133 -47.67 -25.53 11.05
C LEU D 133 -47.97 -27.00 11.28
N LEU D 134 -48.95 -27.30 12.12
CA LEU D 134 -49.37 -28.68 12.40
C LEU D 134 -49.94 -29.36 11.16
N GLU D 135 -50.75 -28.63 10.40
CA GLU D 135 -51.31 -29.12 9.14
C GLU D 135 -50.20 -29.45 8.12
N ALA D 136 -49.23 -28.56 7.99
CA ALA D 136 -48.10 -28.76 7.07
C ALA D 136 -47.26 -29.98 7.45
N LEU D 137 -47.09 -30.21 8.75
CA LEU D 137 -46.41 -31.40 9.24
C LEU D 137 -47.23 -32.67 8.97
N ARG D 138 -48.56 -32.55 8.95
CA ARG D 138 -49.46 -33.65 8.60
C ARG D 138 -49.27 -34.10 7.17
N LYS D 139 -49.33 -33.14 6.24
CA LYS D 139 -49.19 -33.38 4.79
C LYS D 139 -47.88 -34.04 4.34
N THR D 140 -46.98 -34.30 5.29
CA THR D 140 -45.73 -35.02 5.02
C THR D 140 -45.91 -36.53 5.21
N GLN D 141 -47.08 -36.90 5.76
CA GLN D 141 -47.53 -38.31 5.83
C GLN D 141 -46.58 -39.25 6.58
N GLY D 142 -45.73 -38.68 7.43
CA GLY D 142 -44.76 -39.50 8.17
C GLY D 142 -43.58 -39.93 7.31
N GLN D 143 -43.46 -39.32 6.13
CA GLN D 143 -42.32 -39.59 5.23
C GLN D 143 -41.17 -38.60 5.48
N PRO D 144 -39.92 -38.99 5.16
CA PRO D 144 -38.77 -38.10 5.36
C PRO D 144 -38.91 -36.74 4.66
N PHE D 145 -38.53 -35.68 5.35
CA PHE D 145 -38.49 -34.34 4.78
C PHE D 145 -37.39 -33.49 5.40
N ASP D 146 -37.08 -32.37 4.77
CA ASP D 146 -36.15 -31.40 5.35
C ASP D 146 -36.96 -30.31 6.06
N PRO D 147 -36.82 -30.21 7.40
CA PRO D 147 -37.61 -29.28 8.23
C PRO D 147 -37.32 -27.82 7.94
N THR D 148 -36.12 -27.56 7.42
CA THR D 148 -35.59 -26.21 7.21
C THR D 148 -36.63 -25.20 6.73
N PHE D 149 -37.28 -25.48 5.60
CA PHE D 149 -38.22 -24.53 5.00
C PHE D 149 -39.70 -24.87 5.26
N LEU D 150 -39.93 -25.86 6.11
CA LEU D 150 -41.26 -26.12 6.66
C LEU D 150 -41.44 -25.36 7.99
N ILE D 151 -40.64 -25.72 8.99
CA ILE D 151 -40.77 -25.12 10.31
C ILE D 151 -40.44 -23.60 10.34
N GLY D 152 -39.59 -23.14 9.42
CA GLY D 152 -39.26 -21.71 9.30
C GLY D 152 -40.42 -20.80 8.90
N CYS D 153 -41.47 -21.40 8.33
CA CYS D 153 -42.67 -20.67 7.90
C CYS D 153 -43.44 -20.04 9.06
N ALA D 154 -43.51 -20.74 10.19
CA ALA D 154 -44.24 -20.26 11.36
C ALA D 154 -43.71 -18.94 11.94
N PRO D 155 -42.43 -18.90 12.38
CA PRO D 155 -41.91 -17.60 12.82
C PRO D 155 -42.03 -16.54 11.73
N CYS D 156 -41.85 -16.96 10.47
CA CYS D 156 -41.88 -16.02 9.34
C CYS D 156 -43.25 -15.37 9.13
N ASN D 157 -44.30 -16.20 9.14
CA ASN D 157 -45.69 -15.71 9.14
C ASN D 157 -45.99 -14.80 10.32
N VAL D 158 -45.56 -15.19 11.52
CA VAL D 158 -45.78 -14.39 12.72
C VAL D 158 -45.25 -12.97 12.56
N ILE D 159 -43.97 -12.81 12.21
CA ILE D 159 -43.43 -11.47 12.05
C ILE D 159 -44.01 -10.74 10.82
N ALA D 160 -44.50 -11.51 9.84
CA ALA D 160 -45.17 -10.93 8.67
C ALA D 160 -46.49 -10.23 9.05
N ASP D 161 -47.22 -10.80 10.01
CA ASP D 161 -48.45 -10.19 10.49
C ASP D 161 -48.19 -8.83 11.14
N ILE D 162 -47.21 -8.78 12.06
CA ILE D 162 -46.85 -7.53 12.75
C ILE D 162 -46.37 -6.46 11.75
N LEU D 163 -45.64 -6.88 10.73
CA LEU D 163 -45.02 -5.96 9.80
C LEU D 163 -45.92 -5.55 8.63
N PHE D 164 -46.62 -6.52 8.04
CA PHE D 164 -47.37 -6.30 6.80
C PHE D 164 -48.86 -6.65 6.90
N ARG D 165 -49.27 -7.21 8.04
CA ARG D 165 -50.59 -7.85 8.20
C ARG D 165 -50.78 -8.93 7.12
N LYS D 166 -49.66 -9.47 6.64
CA LYS D 166 -49.68 -10.48 5.57
C LYS D 166 -49.59 -11.89 6.15
N HIS D 167 -50.27 -12.83 5.50
CA HIS D 167 -50.07 -14.26 5.74
C HIS D 167 -49.71 -14.91 4.41
N PHE D 168 -48.93 -15.98 4.49
CA PHE D 168 -48.42 -16.69 3.32
C PHE D 168 -48.83 -18.16 3.32
N ASP D 169 -49.05 -18.69 2.11
CA ASP D 169 -49.10 -20.12 1.86
C ASP D 169 -47.71 -20.71 2.15
N TYR D 170 -47.67 -21.94 2.67
CA TYR D 170 -46.39 -22.56 3.07
C TYR D 170 -45.43 -22.91 1.92
N ASN D 171 -45.95 -22.85 0.69
CA ASN D 171 -45.11 -22.91 -0.51
C ASN D 171 -45.48 -21.91 -1.62
N ASP D 172 -45.88 -20.71 -1.21
CA ASP D 172 -45.93 -19.54 -2.09
C ASP D 172 -44.48 -19.27 -2.53
N GLU D 173 -44.31 -18.90 -3.80
CA GLU D 173 -42.99 -18.79 -4.42
C GLU D 173 -42.14 -17.70 -3.77
N LYS D 174 -42.72 -16.51 -3.63
CA LYS D 174 -42.07 -15.36 -3.00
C LYS D 174 -41.63 -15.67 -1.57
N PHE D 175 -42.45 -16.47 -0.89
CA PHE D 175 -42.25 -16.82 0.51
C PHE D 175 -41.04 -17.73 0.70
N LEU D 176 -41.01 -18.83 -0.04
CA LEU D 176 -39.87 -19.74 -0.01
C LEU D 176 -38.58 -19.01 -0.38
N ARG D 177 -38.67 -18.09 -1.34
CA ARG D 177 -37.52 -17.28 -1.79
C ARG D 177 -36.91 -16.42 -0.68
N LEU D 178 -37.75 -15.67 0.02
CA LEU D 178 -37.31 -14.86 1.17
C LEU D 178 -36.66 -15.72 2.25
N MET D 179 -37.30 -16.84 2.57
CA MET D 179 -36.75 -17.75 3.57
C MET D 179 -35.45 -18.39 3.10
N TYR D 180 -35.31 -18.59 1.80
CA TYR D 180 -34.10 -19.12 1.21
C TYR D 180 -32.98 -18.12 1.37
N LEU D 181 -33.29 -16.85 1.17
CA LEU D 181 -32.29 -15.78 1.27
C LEU D 181 -31.86 -15.58 2.72
N PHE D 182 -32.83 -15.62 3.63
CA PHE D 182 -32.57 -15.58 5.06
C PHE D 182 -31.63 -16.73 5.51
N ASN D 183 -31.96 -17.95 5.10
CA ASN D 183 -31.18 -19.13 5.41
C ASN D 183 -29.77 -19.13 4.80
N GLU D 184 -29.63 -18.61 3.59
CA GLU D 184 -28.34 -18.55 2.89
C GLU D 184 -27.41 -17.51 3.48
N ASN D 185 -27.98 -16.38 3.89
CA ASN D 185 -27.21 -15.31 4.50
C ASN D 185 -26.62 -15.68 5.85
N PHE D 186 -27.43 -16.27 6.73
CA PHE D 186 -27.00 -16.70 8.06
C PHE D 186 -25.90 -17.76 7.93
N HIS D 187 -26.11 -18.69 7.00
CA HIS D 187 -25.17 -19.77 6.67
C HIS D 187 -23.84 -19.22 6.20
N LEU D 188 -23.88 -18.37 5.18
CA LEU D 188 -22.67 -17.81 4.57
C LEU D 188 -21.92 -16.84 5.50
N LEU D 189 -22.67 -16.02 6.24
CA LEU D 189 -22.11 -15.14 7.29
C LEU D 189 -21.44 -15.90 8.44
N SER D 190 -21.59 -17.23 8.44
CA SER D 190 -20.91 -18.09 9.41
C SER D 190 -19.75 -18.91 8.81
N THR D 191 -19.34 -18.56 7.58
CA THR D 191 -18.24 -19.25 6.89
C THR D 191 -16.95 -18.44 6.95
N PRO D 192 -15.79 -19.11 6.91
CA PRO D 192 -14.47 -18.45 6.94
C PRO D 192 -14.26 -17.34 5.89
N TRP D 193 -14.69 -17.55 4.66
CA TRP D 193 -14.54 -16.52 3.61
C TRP D 193 -15.22 -15.18 3.97
N LEU D 194 -16.47 -15.24 4.40
CA LEU D 194 -17.18 -14.05 4.86
C LEU D 194 -16.64 -13.43 6.14
N GLN D 195 -15.97 -14.22 6.97
CA GLN D 195 -15.31 -13.68 8.16
C GLN D 195 -14.11 -12.87 7.71
N LEU D 196 -13.41 -13.38 6.70
CA LEU D 196 -12.28 -12.66 6.12
C LEU D 196 -12.72 -11.36 5.43
N TYR D 197 -13.78 -11.45 4.63
CA TYR D 197 -14.33 -10.26 3.98
C TYR D 197 -14.78 -9.16 4.96
N ASN D 198 -15.48 -9.54 6.02
CA ASN D 198 -15.93 -8.63 7.08
C ASN D 198 -14.78 -7.77 7.62
N ASN D 199 -13.58 -8.33 7.63
CA ASN D 199 -12.42 -7.67 8.24
C ASN D 199 -11.43 -7.08 7.23
N PHE D 200 -11.58 -7.44 5.97
CA PHE D 200 -10.80 -6.87 4.87
C PHE D 200 -11.70 -6.51 3.71
N PRO D 201 -12.69 -5.63 3.92
CA PRO D 201 -13.50 -5.19 2.80
C PRO D 201 -12.71 -4.53 1.63
N SER D 202 -11.78 -3.64 1.95
CA SER D 202 -11.00 -2.95 0.89
C SER D 202 -10.26 -3.89 -0.08
N PHE D 203 -9.56 -4.89 0.46
CA PHE D 203 -8.77 -5.83 -0.35
C PHE D 203 -9.60 -6.79 -1.17
N LEU D 204 -10.78 -7.14 -0.66
CA LEU D 204 -11.50 -8.32 -1.10
C LEU D 204 -12.81 -8.07 -1.85
N HIS D 205 -13.41 -6.89 -1.69
CA HIS D 205 -14.77 -6.66 -2.18
C HIS D 205 -14.99 -6.93 -3.67
N TYR D 206 -14.02 -6.55 -4.51
CA TYR D 206 -14.18 -6.69 -5.97
C TYR D 206 -13.54 -7.95 -6.58
N LEU D 207 -13.27 -8.95 -5.73
CA LEU D 207 -12.82 -10.26 -6.20
C LEU D 207 -14.03 -11.22 -6.28
N PRO D 208 -13.90 -12.35 -6.99
CA PRO D 208 -14.97 -13.34 -6.88
C PRO D 208 -15.09 -13.93 -5.46
N GLY D 209 -16.27 -14.46 -5.15
CA GLY D 209 -16.48 -15.09 -3.86
C GLY D 209 -17.89 -14.98 -3.35
N SER D 210 -18.20 -15.77 -2.33
CA SER D 210 -19.55 -15.88 -1.80
C SER D 210 -20.03 -14.62 -1.09
N HIS D 211 -19.11 -13.69 -0.80
CA HIS D 211 -19.46 -12.38 -0.26
C HIS D 211 -20.35 -11.56 -1.21
N ARG D 212 -20.23 -11.82 -2.52
CA ARG D 212 -21.07 -11.19 -3.57
C ARG D 212 -22.51 -11.67 -3.48
N LYS D 213 -22.68 -12.96 -3.24
CA LYS D 213 -23.97 -13.61 -3.09
C LYS D 213 -24.73 -13.07 -1.87
N VAL D 214 -24.03 -12.87 -0.75
CA VAL D 214 -24.65 -12.30 0.45
C VAL D 214 -25.12 -10.87 0.15
N ILE D 215 -24.21 -10.04 -0.36
CA ILE D 215 -24.52 -8.66 -0.74
C ILE D 215 -25.73 -8.60 -1.68
N LYS D 216 -25.76 -9.51 -2.65
CA LYS D 216 -26.87 -9.62 -3.60
C LYS D 216 -28.16 -9.98 -2.86
N ASN D 217 -28.06 -10.94 -1.95
CA ASN D 217 -29.21 -11.40 -1.17
C ASN D 217 -29.81 -10.32 -0.28
N VAL D 218 -28.94 -9.53 0.34
CA VAL D 218 -29.38 -8.43 1.20
C VAL D 218 -30.20 -7.41 0.38
N ALA D 219 -29.68 -7.02 -0.78
CA ALA D 219 -30.35 -6.05 -1.65
C ALA D 219 -31.72 -6.56 -2.11
N GLU D 220 -31.80 -7.85 -2.40
CA GLU D 220 -33.04 -8.49 -2.84
C GLU D 220 -34.13 -8.41 -1.75
N VAL D 221 -33.77 -8.81 -0.53
CA VAL D 221 -34.66 -8.65 0.63
C VAL D 221 -35.08 -7.18 0.81
N LYS D 222 -34.10 -6.28 0.73
CA LYS D 222 -34.34 -4.85 0.89
C LYS D 222 -35.29 -4.30 -0.18
N GLU D 223 -35.23 -4.88 -1.38
CA GLU D 223 -36.06 -4.48 -2.52
C GLU D 223 -37.52 -4.96 -2.39
N TYR D 224 -37.71 -6.23 -2.06
CA TYR D 224 -39.03 -6.75 -1.73
C TYR D 224 -39.70 -5.89 -0.65
N VAL D 225 -38.94 -5.57 0.40
CA VAL D 225 -39.47 -4.74 1.49
C VAL D 225 -39.72 -3.30 1.02
N SER D 226 -38.87 -2.80 0.12
CA SER D 226 -39.03 -1.45 -0.47
C SER D 226 -40.34 -1.29 -1.24
N GLU D 227 -40.77 -2.35 -1.93
CA GLU D 227 -42.04 -2.36 -2.66
C GLU D 227 -43.22 -2.31 -1.68
N ARG D 228 -43.20 -3.17 -0.67
CA ARG D 228 -44.27 -3.22 0.32
C ARG D 228 -44.44 -1.90 1.07
N VAL D 229 -43.32 -1.26 1.41
CA VAL D 229 -43.34 0.05 2.07
C VAL D 229 -43.95 1.12 1.16
N LYS D 230 -43.67 1.01 -0.15
CA LYS D 230 -44.21 1.92 -1.17
C LYS D 230 -45.71 1.72 -1.40
N GLU D 231 -46.13 0.45 -1.40
CA GLU D 231 -47.55 0.09 -1.47
C GLU D 231 -48.30 0.67 -0.27
N HIS D 232 -47.75 0.44 0.93
CA HIS D 232 -48.29 0.92 2.19
C HIS D 232 -48.43 2.45 2.23
N HIS D 233 -47.53 3.18 1.54
CA HIS D 233 -47.57 4.65 1.48
C HIS D 233 -48.75 5.17 0.66
N GLN D 234 -49.03 4.50 -0.46
CA GLN D 234 -50.18 4.85 -1.31
C GLN D 234 -51.52 4.73 -0.58
N SER D 235 -51.78 3.55 0.00
CA SER D 235 -53.07 3.25 0.63
C SER D 235 -53.11 3.54 2.13
N LEU D 236 -52.30 4.51 2.58
CA LEU D 236 -52.15 4.83 3.99
C LEU D 236 -53.38 5.50 4.61
N ASP D 237 -53.72 5.06 5.82
CA ASP D 237 -54.85 5.59 6.59
C ASP D 237 -54.32 6.12 7.93
N PRO D 238 -53.93 7.40 7.99
CA PRO D 238 -53.34 7.99 9.20
C PRO D 238 -54.16 7.83 10.49
N ASN D 239 -55.31 7.17 10.42
CA ASN D 239 -56.19 6.99 11.58
C ASN D 239 -56.54 5.53 11.91
N CYS D 240 -56.39 4.65 10.92
CA CYS D 240 -56.53 3.19 11.12
C CYS D 240 -55.29 2.39 10.69
N PRO D 241 -54.18 2.44 11.48
CA PRO D 241 -52.99 1.63 11.19
C PRO D 241 -53.26 0.13 11.18
N ARG D 242 -52.61 -0.57 10.25
CA ARG D 242 -52.87 -1.99 9.97
C ARG D 242 -51.74 -2.91 10.45
N ASP D 243 -50.54 -2.36 10.53
CA ASP D 243 -49.33 -3.11 10.88
C ASP D 243 -48.20 -2.16 11.30
N LEU D 244 -46.98 -2.70 11.46
CA LEU D 244 -45.83 -1.92 11.94
C LEU D 244 -45.30 -0.92 10.91
N THR D 245 -45.41 -1.24 9.63
CA THR D 245 -44.99 -0.32 8.56
C THR D 245 -45.81 0.98 8.56
N ASP D 246 -47.14 0.85 8.66
CA ASP D 246 -48.05 2.00 8.79
C ASP D 246 -47.62 2.94 9.90
N CYS D 247 -47.39 2.39 11.09
CA CYS D 247 -47.04 3.18 12.27
C CYS D 247 -45.79 4.04 12.05
N LEU D 248 -44.84 3.52 11.27
CA LEU D 248 -43.61 4.25 10.95
C LEU D 248 -43.87 5.37 9.93
N LEU D 249 -44.77 5.10 9.00
CA LEU D 249 -45.16 6.06 7.96
C LEU D 249 -45.94 7.25 8.53
N VAL D 250 -46.83 6.97 9.48
CA VAL D 250 -47.57 8.02 10.19
C VAL D 250 -46.59 8.90 10.96
N GLU D 251 -45.62 8.27 11.62
CA GLU D 251 -44.59 8.96 12.39
C GLU D 251 -43.66 9.76 11.48
N MET D 252 -43.57 9.38 10.20
CA MET D 252 -42.81 10.12 9.20
C MET D 252 -43.51 11.41 8.77
N GLU D 253 -44.84 11.35 8.62
CA GLU D 253 -45.66 12.51 8.25
C GLU D 253 -45.75 13.51 9.41
N LYS D 254 -45.71 13.01 10.63
CA LYS D 254 -45.75 13.85 11.84
C LYS D 254 -44.60 14.84 11.96
N GLU D 255 -43.49 14.58 11.26
CA GLU D 255 -42.28 15.41 11.40
C GLU D 255 -41.84 16.12 10.11
N LYS D 256 -42.72 16.18 9.11
CA LYS D 256 -42.41 16.80 7.82
C LYS D 256 -42.02 18.28 7.93
N HIS D 257 -42.44 18.92 9.02
CA HIS D 257 -42.13 20.33 9.28
C HIS D 257 -41.16 20.51 10.47
N SER D 258 -40.40 19.45 10.77
CA SER D 258 -39.44 19.46 11.89
C SER D 258 -38.01 19.74 11.44
N ALA D 259 -37.18 20.19 12.38
CA ALA D 259 -35.77 20.48 12.13
C ALA D 259 -34.97 19.19 11.87
N GLU D 260 -34.96 18.30 12.87
CA GLU D 260 -34.19 17.05 12.80
C GLU D 260 -35.04 15.91 12.23
N ARG D 261 -34.62 15.37 11.08
CA ARG D 261 -35.36 14.30 10.39
C ARG D 261 -34.90 12.91 10.84
N LEU D 262 -35.86 12.06 11.21
CA LEU D 262 -35.58 10.70 11.66
C LEU D 262 -35.96 9.65 10.63
N TYR D 263 -37.03 9.88 9.89
CA TYR D 263 -37.62 8.85 9.02
C TYR D 263 -37.57 9.16 7.53
N THR D 264 -36.83 8.33 6.79
CA THR D 264 -36.78 8.34 5.34
C THR D 264 -37.49 7.09 4.84
N MET D 265 -37.88 7.08 3.56
CA MET D 265 -38.48 5.90 2.94
C MET D 265 -37.49 4.72 2.93
N ASP D 266 -36.20 5.05 2.75
CA ASP D 266 -35.13 4.08 2.81
C ASP D 266 -34.90 3.62 4.24
N GLY D 267 -34.82 4.58 5.16
CA GLY D 267 -34.68 4.30 6.59
C GLY D 267 -35.76 3.39 7.12
N ILE D 268 -36.94 3.44 6.50
CA ILE D 268 -38.08 2.63 6.91
C ILE D 268 -38.02 1.21 6.34
N THR D 269 -37.65 1.04 5.07
CA THR D 269 -37.53 -0.31 4.51
C THR D 269 -36.37 -1.08 5.18
N VAL D 270 -35.31 -0.37 5.54
CA VAL D 270 -34.19 -0.94 6.29
C VAL D 270 -34.64 -1.39 7.71
N THR D 271 -35.39 -0.52 8.40
CA THR D 271 -35.98 -0.87 9.70
C THR D 271 -36.85 -2.14 9.62
N VAL D 272 -37.69 -2.22 8.58
CA VAL D 272 -38.61 -3.35 8.40
C VAL D 272 -37.91 -4.64 7.94
N ALA D 273 -36.96 -4.51 7.01
CA ALA D 273 -36.17 -5.64 6.56
C ALA D 273 -35.41 -6.27 7.74
N ASP D 274 -34.84 -5.43 8.61
CA ASP D 274 -34.19 -5.86 9.84
C ASP D 274 -35.06 -6.81 10.64
N LEU D 275 -36.27 -6.37 10.95
CA LEU D 275 -37.21 -7.12 11.77
C LEU D 275 -37.69 -8.40 11.10
N PHE D 276 -37.81 -8.32 9.78
CA PHE D 276 -38.31 -9.41 8.97
C PHE D 276 -37.28 -10.54 8.96
N PHE D 277 -36.02 -10.19 8.74
CA PHE D 277 -34.90 -11.13 8.80
C PHE D 277 -34.70 -11.62 10.25
N ALA D 278 -34.55 -10.70 11.18
CA ALA D 278 -34.28 -11.08 12.56
C ALA D 278 -35.42 -11.87 13.20
N GLY D 279 -36.65 -11.60 12.78
CA GLY D 279 -37.84 -12.27 13.31
C GLY D 279 -38.02 -13.70 12.83
N THR D 280 -37.46 -13.99 11.66
CA THR D 280 -37.55 -15.32 11.07
C THR D 280 -36.39 -16.23 11.48
N GLU D 281 -35.16 -15.78 11.20
CA GLU D 281 -34.03 -16.70 11.04
C GLU D 281 -33.49 -17.38 12.30
N THR D 282 -33.31 -16.60 13.36
CA THR D 282 -32.79 -17.15 14.61
C THR D 282 -33.75 -18.15 15.28
N THR D 283 -35.04 -17.79 15.35
CA THR D 283 -36.07 -18.69 15.87
C THR D 283 -36.16 -19.99 15.05
N SER D 284 -36.20 -19.82 13.72
CA SER D 284 -36.21 -20.96 12.81
C SER D 284 -35.02 -21.90 13.05
N THR D 285 -33.82 -21.33 13.13
CA THR D 285 -32.63 -22.12 13.39
C THR D 285 -32.68 -22.81 14.76
N THR D 286 -33.16 -22.07 15.78
CA THR D 286 -33.23 -22.60 17.15
C THR D 286 -34.15 -23.82 17.24
N LEU D 287 -35.36 -23.69 16.68
CA LEU D 287 -36.32 -24.79 16.59
C LEU D 287 -35.69 -25.98 15.86
N ARG D 288 -35.11 -25.70 14.69
CA ARG D 288 -34.47 -26.75 13.90
C ARG D 288 -33.40 -27.49 14.70
N TYR D 289 -32.53 -26.72 15.36
CA TYR D 289 -31.48 -27.28 16.20
C TYR D 289 -32.09 -28.06 17.37
N GLY D 290 -33.15 -27.50 17.94
CA GLY D 290 -33.91 -28.18 18.98
C GLY D 290 -34.38 -29.58 18.65
N LEU D 291 -34.94 -29.77 17.46
CA LEU D 291 -35.42 -31.09 17.02
C LEU D 291 -34.30 -32.11 16.86
N LEU D 292 -33.16 -31.67 16.30
CA LEU D 292 -31.96 -32.51 16.17
C LEU D 292 -31.44 -32.95 17.53
N ILE D 293 -31.42 -32.04 18.50
CA ILE D 293 -30.97 -32.37 19.85
C ILE D 293 -31.88 -33.44 20.48
N LEU D 294 -33.19 -33.20 20.42
CA LEU D 294 -34.17 -34.14 20.96
C LEU D 294 -34.08 -35.53 20.32
N MET D 295 -33.82 -35.58 19.02
CA MET D 295 -33.65 -36.87 18.35
C MET D 295 -32.39 -37.60 18.79
N LYS D 296 -31.38 -36.88 19.26
CA LYS D 296 -30.19 -37.51 19.80
C LYS D 296 -30.48 -38.07 21.18
N TYR D 297 -31.42 -37.44 21.89
CA TYR D 297 -31.77 -37.86 23.25
C TYR D 297 -33.25 -38.23 23.37
N PRO D 298 -33.60 -39.46 22.93
CA PRO D 298 -35.02 -39.88 22.96
C PRO D 298 -35.58 -40.00 24.37
N GLU D 299 -34.72 -40.20 25.37
CA GLU D 299 -35.15 -40.20 26.77
C GLU D 299 -35.62 -38.80 27.20
N ILE D 300 -35.10 -37.76 26.56
CA ILE D 300 -35.50 -36.39 26.88
C ILE D 300 -36.83 -36.04 26.20
N GLU D 301 -36.95 -36.37 24.91
CA GLU D 301 -38.21 -36.19 24.18
C GLU D 301 -39.40 -36.92 24.86
N GLU D 302 -39.13 -38.10 25.40
CA GLU D 302 -40.15 -38.88 26.10
C GLU D 302 -40.65 -38.20 27.39
N LYS D 303 -39.74 -37.73 28.24
CA LYS D 303 -40.13 -36.98 29.45
C LYS D 303 -40.91 -35.72 29.10
N LEU D 304 -40.60 -35.15 27.93
CA LEU D 304 -41.34 -34.01 27.41
C LEU D 304 -42.77 -34.37 27.00
N HIS D 305 -42.94 -35.54 26.38
CA HIS D 305 -44.29 -36.01 25.99
C HIS D 305 -45.14 -36.30 27.21
N GLU D 306 -44.54 -36.92 28.22
CA GLU D 306 -45.21 -37.16 29.50
C GLU D 306 -45.79 -35.87 30.09
N GLU D 307 -44.95 -34.83 30.17
CA GLU D 307 -45.33 -33.54 30.75
C GLU D 307 -46.39 -32.81 29.93
N ILE D 308 -46.28 -32.85 28.61
CA ILE D 308 -47.25 -32.21 27.73
C ILE D 308 -48.63 -32.84 27.91
N ASP D 309 -48.67 -34.17 28.00
CA ASP D 309 -49.92 -34.91 28.11
C ASP D 309 -50.52 -34.78 29.51
N ARG D 310 -49.66 -34.75 30.53
CA ARG D 310 -50.11 -34.57 31.90
C ARG D 310 -50.69 -33.18 32.14
N VAL D 311 -50.04 -32.16 31.58
CA VAL D 311 -50.41 -30.75 31.83
C VAL D 311 -51.37 -30.17 30.79
N ILE D 312 -51.02 -30.27 29.52
CA ILE D 312 -51.82 -29.63 28.48
C ILE D 312 -52.97 -30.51 27.98
N GLY D 313 -52.72 -31.81 27.87
CA GLY D 313 -53.64 -32.73 27.20
C GLY D 313 -53.39 -32.79 25.70
N PRO D 314 -54.13 -33.66 24.98
CA PRO D 314 -53.83 -33.90 23.58
C PRO D 314 -54.44 -32.90 22.60
N SER D 315 -55.40 -32.09 23.05
CA SER D 315 -56.18 -31.26 22.13
C SER D 315 -55.99 -29.77 22.31
N ARG D 316 -55.98 -29.30 23.56
CA ARG D 316 -55.91 -27.86 23.81
C ARG D 316 -54.61 -27.31 23.28
N ILE D 317 -54.69 -26.19 22.58
CA ILE D 317 -53.51 -25.48 22.09
C ILE D 317 -52.69 -24.95 23.29
N PRO D 318 -51.34 -25.07 23.22
CA PRO D 318 -50.51 -24.55 24.29
C PRO D 318 -50.69 -23.05 24.48
N ALA D 319 -50.47 -22.60 25.72
CA ALA D 319 -50.53 -21.19 26.09
C ALA D 319 -49.25 -20.84 26.87
N ILE D 320 -48.83 -19.58 26.81
CA ILE D 320 -47.58 -19.17 27.48
C ILE D 320 -47.56 -19.45 29.01
N LYS D 321 -48.72 -19.41 29.66
CA LYS D 321 -48.79 -19.67 31.12
C LYS D 321 -48.51 -21.14 31.45
N ASP D 322 -48.65 -22.02 30.46
CA ASP D 322 -48.29 -23.42 30.62
C ASP D 322 -46.83 -23.59 31.06
N ARG D 323 -45.97 -22.64 30.69
CA ARG D 323 -44.57 -22.65 31.11
C ARG D 323 -44.42 -22.81 32.62
N GLN D 324 -45.25 -22.06 33.36
CA GLN D 324 -45.21 -22.02 34.82
C GLN D 324 -45.43 -23.39 35.47
N GLU D 325 -46.19 -24.25 34.78
CA GLU D 325 -46.54 -25.59 35.29
C GLU D 325 -45.78 -26.73 34.59
N MET D 326 -44.86 -26.38 33.68
CA MET D 326 -44.09 -27.38 32.93
C MET D 326 -42.57 -27.23 33.15
N PRO D 327 -42.09 -27.49 34.39
CA PRO D 327 -40.69 -27.24 34.70
C PRO D 327 -39.69 -27.87 33.73
N TYR D 328 -40.02 -29.06 33.23
CA TYR D 328 -39.08 -29.80 32.38
C TYR D 328 -38.95 -29.23 30.96
N MET D 329 -40.07 -28.87 30.34
CA MET D 329 -40.05 -28.20 29.05
C MET D 329 -39.39 -26.81 29.11
N ASP D 330 -39.62 -26.09 30.21
CA ASP D 330 -39.03 -24.79 30.47
C ASP D 330 -37.51 -24.91 30.50
N ALA D 331 -37.02 -25.92 31.22
CA ALA D 331 -35.60 -26.20 31.31
C ALA D 331 -35.01 -26.59 29.96
N VAL D 332 -35.75 -27.39 29.20
CA VAL D 332 -35.31 -27.89 27.89
C VAL D 332 -35.18 -26.75 26.90
N VAL D 333 -36.14 -25.84 26.92
CA VAL D 333 -36.16 -24.70 25.98
C VAL D 333 -35.02 -23.71 26.31
N HIS D 334 -34.76 -23.53 27.60
CA HIS D 334 -33.60 -22.80 28.07
C HIS D 334 -32.29 -23.50 27.64
N GLU D 335 -32.22 -24.83 27.84
CA GLU D 335 -31.00 -25.57 27.54
C GLU D 335 -30.64 -25.63 26.05
N ILE D 336 -31.65 -25.73 25.18
CA ILE D 336 -31.45 -25.59 23.74
C ILE D 336 -30.74 -24.26 23.42
N GLN D 337 -31.28 -23.16 23.92
CA GLN D 337 -30.74 -21.83 23.63
C GLN D 337 -29.33 -21.60 24.21
N ARG D 338 -29.08 -22.13 25.40
CA ARG D 338 -27.76 -22.02 26.02
C ARG D 338 -26.71 -22.87 25.29
N PHE D 339 -27.08 -24.13 25.02
CA PHE D 339 -26.22 -25.13 24.38
C PHE D 339 -25.75 -24.74 22.99
N ILE D 340 -26.65 -24.16 22.19
CA ILE D 340 -26.34 -23.92 20.78
C ILE D 340 -25.54 -22.65 20.53
N THR D 341 -25.50 -21.77 21.53
CA THR D 341 -24.84 -20.45 21.45
C THR D 341 -25.02 -19.87 20.05
N LEU D 342 -26.27 -19.65 19.68
CA LEU D 342 -26.63 -19.31 18.28
C LEU D 342 -25.89 -18.12 17.69
N VAL D 343 -25.68 -17.09 18.52
CA VAL D 343 -24.91 -15.91 18.12
C VAL D 343 -23.71 -15.78 19.08
N PRO D 344 -22.70 -16.66 18.89
CA PRO D 344 -21.73 -16.93 19.94
C PRO D 344 -20.83 -15.73 20.30
N SER D 345 -20.61 -14.83 19.34
CA SER D 345 -19.78 -13.64 19.57
C SER D 345 -20.59 -12.36 19.70
N ASN D 346 -21.91 -12.51 19.83
CA ASN D 346 -22.82 -11.37 19.89
C ASN D 346 -22.82 -10.63 18.54
N LEU D 347 -23.47 -9.47 18.52
CA LEU D 347 -23.24 -8.49 17.49
C LEU D 347 -22.18 -7.54 18.02
N PRO D 348 -21.25 -7.11 17.15
CA PRO D 348 -20.16 -6.24 17.56
C PRO D 348 -20.66 -4.86 18.01
N HIS D 349 -20.20 -4.42 19.17
CA HIS D 349 -20.49 -3.09 19.68
C HIS D 349 -19.37 -2.13 19.26
N GLU D 350 -19.50 -0.86 19.64
CA GLU D 350 -18.48 0.16 19.34
C GLU D 350 -18.44 1.20 20.45
N ALA D 351 -17.22 1.62 20.79
CA ALA D 351 -17.01 2.68 21.76
C ALA D 351 -17.46 4.02 21.17
N THR D 352 -18.39 4.65 21.86
CA THR D 352 -19.00 5.90 21.41
C THR D 352 -18.11 7.10 21.73
N ARG D 353 -17.21 6.92 22.69
CA ARG D 353 -16.26 7.95 23.12
C ARG D 353 -15.05 7.28 23.77
N ASP D 354 -13.97 8.04 23.96
CA ASP D 354 -12.82 7.53 24.72
C ASP D 354 -13.29 7.10 26.13
N THR D 355 -12.95 5.88 26.49
CA THR D 355 -13.46 5.26 27.71
C THR D 355 -12.33 4.55 28.39
N ILE D 356 -12.27 4.65 29.72
CA ILE D 356 -11.29 3.92 30.51
C ILE D 356 -11.99 2.79 31.27
N PHE D 357 -11.70 1.57 30.85
CA PHE D 357 -12.39 0.38 31.28
C PHE D 357 -11.41 -0.52 32.02
N ARG D 358 -11.68 -0.76 33.30
CA ARG D 358 -10.76 -1.50 34.17
C ARG D 358 -9.34 -0.93 34.12
N GLY D 359 -9.24 0.39 33.93
CA GLY D 359 -7.97 1.07 33.84
C GLY D 359 -7.24 0.97 32.51
N TYR D 360 -7.91 0.44 31.50
CA TYR D 360 -7.37 0.42 30.14
C TYR D 360 -8.09 1.44 29.27
N LEU D 361 -7.35 2.11 28.40
CA LEU D 361 -7.95 3.00 27.42
C LEU D 361 -8.59 2.22 26.29
N ILE D 362 -9.84 2.52 26.02
CA ILE D 362 -10.56 2.01 24.88
C ILE D 362 -11.03 3.24 24.12
N PRO D 363 -10.31 3.58 23.01
CA PRO D 363 -10.52 4.81 22.22
C PRO D 363 -11.83 4.79 21.45
N LYS D 364 -12.37 5.96 21.13
CA LYS D 364 -13.60 6.07 20.33
C LYS D 364 -13.43 5.37 18.97
N GLY D 365 -14.47 4.65 18.54
CA GLY D 365 -14.45 3.93 17.27
C GLY D 365 -13.94 2.49 17.35
N THR D 366 -13.44 2.09 18.52
CA THR D 366 -13.00 0.71 18.72
C THR D 366 -14.20 -0.23 18.69
N VAL D 367 -14.04 -1.35 17.98
CA VAL D 367 -15.02 -2.42 17.97
C VAL D 367 -14.98 -3.07 19.34
N VAL D 368 -16.16 -3.27 19.92
CA VAL D 368 -16.26 -3.89 21.23
C VAL D 368 -17.10 -5.17 21.14
N VAL D 369 -16.51 -6.31 21.52
CA VAL D 369 -17.15 -7.62 21.35
C VAL D 369 -17.49 -8.24 22.69
N PRO D 370 -18.77 -8.15 23.11
CA PRO D 370 -19.10 -8.76 24.38
C PRO D 370 -19.59 -10.19 24.13
N THR D 371 -18.63 -11.09 24.19
CA THR D 371 -18.77 -12.49 23.86
C THR D 371 -19.94 -13.13 24.63
N LEU D 372 -20.78 -13.88 23.93
CA LEU D 372 -21.93 -14.54 24.57
C LEU D 372 -21.68 -16.01 24.95
N ASP D 373 -21.04 -16.78 24.05
CA ASP D 373 -20.74 -18.19 24.37
C ASP D 373 -20.00 -18.36 25.71
N SER D 374 -19.11 -17.42 26.02
CA SER D 374 -18.29 -17.46 27.22
C SER D 374 -19.15 -17.32 28.48
N VAL D 375 -20.33 -16.73 28.31
CA VAL D 375 -21.31 -16.61 29.39
C VAL D 375 -22.18 -17.87 29.45
N LEU D 376 -22.68 -18.31 28.30
CA LEU D 376 -23.54 -19.47 28.21
C LEU D 376 -22.80 -20.76 28.56
N TYR D 377 -21.47 -20.73 28.44
CA TYR D 377 -20.65 -21.91 28.74
C TYR D 377 -19.82 -21.79 30.03
N ASP D 378 -20.18 -20.85 30.91
CA ASP D 378 -19.52 -20.73 32.22
C ASP D 378 -19.53 -22.07 32.99
N ASN D 379 -18.34 -22.59 33.30
CA ASN D 379 -18.28 -23.93 33.93
C ASN D 379 -18.62 -24.00 35.43
N GLN D 380 -18.64 -22.85 36.11
CA GLN D 380 -19.14 -22.82 37.48
C GLN D 380 -20.68 -22.86 37.50
N GLU D 381 -21.32 -21.98 36.74
CA GLU D 381 -22.77 -21.87 36.71
C GLU D 381 -23.37 -23.08 36.03
N PHE D 382 -22.68 -23.59 35.01
CA PHE D 382 -23.18 -24.73 34.25
C PHE D 382 -22.16 -25.87 34.17
N PRO D 383 -21.98 -26.63 35.27
CA PRO D 383 -20.97 -27.69 35.23
C PRO D 383 -21.15 -28.62 34.02
N ASP D 384 -20.05 -28.95 33.35
CA ASP D 384 -20.07 -29.61 32.06
C ASP D 384 -20.90 -28.79 31.06
N PRO D 385 -20.45 -27.56 30.77
CA PRO D 385 -21.23 -26.68 29.90
C PRO D 385 -21.28 -27.18 28.45
N GLU D 386 -20.30 -27.98 28.04
CA GLU D 386 -20.27 -28.53 26.68
C GLU D 386 -21.35 -29.60 26.46
N LYS D 387 -21.96 -30.06 27.54
CA LYS D 387 -23.02 -31.07 27.48
C LYS D 387 -24.42 -30.47 27.50
N PHE D 388 -25.29 -31.02 26.64
CA PHE D 388 -26.72 -30.70 26.69
C PHE D 388 -27.34 -31.44 27.87
N LYS D 389 -27.73 -30.69 28.90
CA LYS D 389 -28.38 -31.25 30.09
C LYS D 389 -29.50 -30.33 30.58
N PRO D 390 -30.76 -30.78 30.50
CA PRO D 390 -31.90 -29.99 31.04
C PRO D 390 -31.73 -29.61 32.52
N GLU D 391 -30.97 -30.38 33.27
CA GLU D 391 -30.72 -30.09 34.69
C GLU D 391 -29.79 -28.89 34.92
N HIS D 392 -29.15 -28.39 33.87
CA HIS D 392 -28.50 -27.07 33.94
C HIS D 392 -29.52 -26.03 34.40
N PHE D 393 -30.79 -26.27 34.06
CA PHE D 393 -31.90 -25.42 34.46
C PHE D 393 -32.96 -26.09 35.37
N LEU D 394 -32.54 -27.11 36.13
CA LEU D 394 -33.41 -27.72 37.12
C LEU D 394 -32.78 -27.73 38.52
N ASN D 395 -33.58 -27.46 39.53
CA ASN D 395 -33.07 -27.44 40.91
C ASN D 395 -33.30 -28.76 41.69
N GLU D 396 -33.40 -28.62 43.01
CA GLU D 396 -33.52 -29.75 43.93
C GLU D 396 -34.92 -30.36 43.84
N ASN D 397 -35.93 -29.49 43.77
CA ASN D 397 -37.34 -29.88 43.76
C ASN D 397 -37.82 -30.45 42.42
N GLY D 398 -36.91 -30.49 41.43
CA GLY D 398 -37.28 -30.84 40.05
C GLY D 398 -37.90 -29.65 39.33
N LYS D 399 -37.87 -28.48 39.98
CA LYS D 399 -38.46 -27.27 39.41
C LYS D 399 -37.42 -26.48 38.62
N PHE D 400 -37.89 -25.52 37.82
CA PHE D 400 -37.02 -24.68 37.01
C PHE D 400 -36.01 -23.91 37.86
N LYS D 401 -34.76 -23.93 37.40
CA LYS D 401 -33.69 -23.22 38.08
C LYS D 401 -33.27 -22.01 37.24
N TYR D 402 -33.68 -20.83 37.69
CA TYR D 402 -33.33 -19.59 37.03
C TYR D 402 -31.82 -19.32 37.06
N SER D 403 -31.31 -18.73 35.99
CA SER D 403 -29.92 -18.30 35.90
C SER D 403 -29.80 -16.95 35.20
N ASP D 404 -28.99 -16.05 35.75
CA ASP D 404 -28.66 -14.78 35.11
C ASP D 404 -27.64 -14.98 33.96
N TYR D 405 -26.99 -16.15 33.93
CA TYR D 405 -26.00 -16.47 32.90
C TYR D 405 -26.70 -16.89 31.59
N PHE D 406 -28.03 -17.04 31.67
CA PHE D 406 -28.85 -17.26 30.50
C PHE D 406 -28.96 -15.93 29.74
N LYS D 407 -28.06 -15.73 28.79
CA LYS D 407 -27.90 -14.47 28.06
C LYS D 407 -27.77 -14.64 26.53
N PRO D 408 -28.63 -15.50 25.92
CA PRO D 408 -28.52 -15.73 24.48
C PRO D 408 -29.00 -14.52 23.67
N PHE D 409 -29.68 -13.58 24.32
CA PHE D 409 -30.20 -12.39 23.63
C PHE D 409 -29.40 -11.15 23.99
N SER D 410 -28.23 -11.35 24.59
CA SER D 410 -27.46 -10.25 25.14
C SER D 410 -28.28 -9.54 26.25
N THR D 411 -27.80 -8.36 26.63
CA THR D 411 -28.40 -7.56 27.71
C THR D 411 -27.96 -6.11 27.50
N GLY D 412 -28.55 -5.16 28.24
CA GLY D 412 -28.18 -3.76 28.11
C GLY D 412 -28.89 -3.02 26.98
N LYS D 413 -28.25 -1.98 26.46
CA LYS D 413 -28.94 -1.04 25.56
C LYS D 413 -29.25 -1.54 24.16
N ARG D 414 -28.50 -2.53 23.67
CA ARG D 414 -28.79 -3.11 22.35
C ARG D 414 -29.37 -4.52 22.44
N VAL D 415 -29.87 -4.89 23.62
CA VAL D 415 -30.50 -6.21 23.83
C VAL D 415 -31.45 -6.54 22.68
N CYS D 416 -31.46 -7.80 22.25
CA CYS D 416 -32.26 -8.22 21.11
C CYS D 416 -33.67 -7.64 21.21
N ALA D 417 -34.12 -6.98 20.15
CA ALA D 417 -35.41 -6.28 20.18
C ALA D 417 -36.61 -7.23 20.12
N GLY D 418 -36.37 -8.48 19.77
CA GLY D 418 -37.42 -9.49 19.76
C GLY D 418 -37.29 -10.62 20.78
N GLU D 419 -36.65 -10.36 21.91
CA GLU D 419 -36.45 -11.41 22.93
C GLU D 419 -37.78 -12.01 23.39
N GLY D 420 -38.68 -11.14 23.84
CA GLY D 420 -40.02 -11.54 24.29
C GLY D 420 -40.73 -12.41 23.27
N LEU D 421 -40.75 -11.96 22.01
CA LEU D 421 -41.38 -12.71 20.93
C LEU D 421 -40.75 -14.08 20.67
N ALA D 422 -39.42 -14.12 20.54
CA ALA D 422 -38.69 -15.37 20.26
C ALA D 422 -38.89 -16.43 21.36
N ARG D 423 -38.78 -16.02 22.62
CA ARG D 423 -38.95 -16.95 23.74
C ARG D 423 -40.36 -17.58 23.80
N MET D 424 -41.37 -16.77 23.48
CA MET D 424 -42.74 -17.27 23.38
C MET D 424 -42.90 -18.21 22.19
N GLU D 425 -42.23 -17.91 21.08
CA GLU D 425 -42.30 -18.76 19.88
C GLU D 425 -41.67 -20.12 20.13
N LEU D 426 -40.51 -20.14 20.76
CA LEU D 426 -39.84 -21.39 21.08
C LEU D 426 -40.71 -22.29 21.94
N PHE D 427 -41.22 -21.74 23.04
CA PHE D 427 -42.00 -22.54 23.97
C PHE D 427 -43.30 -23.12 23.38
N LEU D 428 -44.12 -22.26 22.80
CA LEU D 428 -45.43 -22.65 22.27
C LEU D 428 -45.31 -23.63 21.10
N LEU D 429 -44.38 -23.34 20.19
CA LEU D 429 -44.25 -24.14 18.98
C LEU D 429 -43.69 -25.54 19.28
N LEU D 430 -42.71 -25.62 20.17
CA LEU D 430 -42.14 -26.91 20.56
C LEU D 430 -43.19 -27.75 21.30
N CYS D 431 -43.96 -27.08 22.16
CA CYS D 431 -45.10 -27.69 22.86
C CYS D 431 -46.12 -28.21 21.83
N ALA D 432 -46.44 -27.37 20.84
CA ALA D 432 -47.37 -27.72 19.77
C ALA D 432 -46.92 -28.93 18.94
N ILE D 433 -45.65 -28.92 18.54
CA ILE D 433 -45.06 -29.99 17.71
C ILE D 433 -45.08 -31.34 18.43
N LEU D 434 -44.66 -31.36 19.69
CA LEU D 434 -44.53 -32.61 20.42
C LEU D 434 -45.85 -33.09 21.00
N GLN D 435 -46.84 -32.20 21.07
CA GLN D 435 -48.20 -32.55 21.47
C GLN D 435 -48.81 -33.50 20.41
N HIS D 436 -48.57 -33.18 19.15
CA HIS D 436 -49.19 -33.90 18.05
C HIS D 436 -48.27 -34.91 17.35
N PHE D 437 -46.96 -34.78 17.50
CA PHE D 437 -46.01 -35.64 16.79
C PHE D 437 -44.87 -36.22 17.62
N ASN D 438 -44.53 -37.49 17.35
CA ASN D 438 -43.24 -38.05 17.77
C ASN D 438 -42.20 -37.74 16.70
N LEU D 439 -40.94 -37.60 17.12
CA LEU D 439 -39.82 -37.33 16.22
C LEU D 439 -39.15 -38.63 15.74
N LYS D 440 -38.90 -38.74 14.44
CA LYS D 440 -38.21 -39.94 13.93
C LYS D 440 -36.97 -39.61 13.10
N PRO D 441 -35.78 -40.00 13.59
CA PRO D 441 -34.54 -39.79 12.85
C PRO D 441 -34.34 -40.87 11.78
N LEU D 442 -33.46 -40.58 10.81
CA LEU D 442 -33.09 -41.53 9.76
C LEU D 442 -31.78 -42.23 10.10
N VAL D 443 -31.09 -41.74 11.12
CA VAL D 443 -29.92 -42.42 11.65
C VAL D 443 -30.19 -42.82 13.09
N ASP D 444 -29.23 -43.50 13.72
CA ASP D 444 -29.35 -43.83 15.12
C ASP D 444 -28.94 -42.63 15.96
N PRO D 445 -29.67 -42.39 17.06
CA PRO D 445 -29.36 -41.30 18.00
C PRO D 445 -27.87 -41.15 18.31
N LYS D 446 -27.20 -42.28 18.60
CA LYS D 446 -25.79 -42.26 18.95
C LYS D 446 -24.85 -41.87 17.80
N ASP D 447 -25.36 -41.84 16.57
CA ASP D 447 -24.61 -41.40 15.39
C ASP D 447 -24.93 -39.94 15.04
N ILE D 448 -25.57 -39.24 15.97
CA ILE D 448 -25.91 -37.84 15.76
C ILE D 448 -24.79 -36.94 16.29
N ASP D 449 -24.27 -36.10 15.41
CA ASP D 449 -23.28 -35.08 15.77
C ASP D 449 -24.04 -33.77 15.92
N LEU D 450 -23.96 -33.19 17.12
CA LEU D 450 -24.60 -31.91 17.39
C LEU D 450 -23.71 -30.70 17.08
N SER D 451 -22.42 -30.94 16.85
CA SER D 451 -21.47 -29.89 16.52
C SER D 451 -21.95 -29.06 15.31
N PRO D 452 -21.88 -27.72 15.43
CA PRO D 452 -22.21 -26.85 14.30
C PRO D 452 -21.33 -27.14 13.09
N ILE D 453 -21.89 -27.01 11.90
CA ILE D 453 -21.14 -27.30 10.68
C ILE D 453 -20.33 -26.07 10.26
N HIS D 454 -20.80 -24.90 10.69
CA HIS D 454 -20.12 -23.60 10.49
C HIS D 454 -20.25 -22.73 11.74
N ILE D 455 -19.19 -21.97 12.05
CA ILE D 455 -19.17 -21.07 13.19
C ILE D 455 -18.63 -19.70 12.78
N GLY D 456 -19.46 -18.68 12.94
CA GLY D 456 -19.10 -17.29 12.66
C GLY D 456 -20.02 -16.30 13.35
N PHE D 457 -20.89 -15.65 12.57
CA PHE D 457 -21.91 -14.76 13.13
C PHE D 457 -22.92 -15.61 13.88
N GLY D 458 -23.19 -16.78 13.32
CA GLY D 458 -24.03 -17.80 13.94
C GLY D 458 -23.35 -19.14 14.16
N CYS D 459 -24.04 -20.04 14.84
CA CYS D 459 -23.67 -21.45 14.90
C CYS D 459 -24.70 -22.23 14.06
N ILE D 460 -24.22 -22.88 13.00
CA ILE D 460 -25.10 -23.53 12.02
C ILE D 460 -25.22 -25.04 12.24
N PRO D 461 -26.46 -25.54 12.46
CA PRO D 461 -26.69 -26.97 12.66
C PRO D 461 -26.41 -27.81 11.41
N PRO D 462 -26.03 -29.08 11.59
CA PRO D 462 -25.94 -29.96 10.44
C PRO D 462 -27.26 -30.06 9.68
N ARG D 463 -27.17 -30.29 8.37
CA ARG D 463 -28.33 -30.60 7.55
C ARG D 463 -28.83 -31.98 7.94
N TYR D 464 -30.14 -32.15 7.99
CA TYR D 464 -30.72 -33.44 8.36
C TYR D 464 -32.14 -33.57 7.85
N LYS D 465 -32.59 -34.82 7.74
CA LYS D 465 -33.97 -35.10 7.39
C LYS D 465 -34.58 -35.85 8.57
N LEU D 466 -35.91 -35.81 8.67
CA LEU D 466 -36.63 -36.63 9.65
C LEU D 466 -38.06 -36.92 9.24
N CYS D 467 -38.69 -37.84 9.98
CA CYS D 467 -40.13 -38.04 9.93
C CYS D 467 -40.76 -37.51 11.22
N VAL D 468 -42.02 -37.07 11.11
CA VAL D 468 -42.86 -36.82 12.28
C VAL D 468 -44.07 -37.76 12.27
N ILE D 469 -44.24 -38.50 13.36
CA ILE D 469 -45.31 -39.50 13.48
C ILE D 469 -46.44 -39.01 14.39
N PRO D 470 -47.67 -38.86 13.83
CA PRO D 470 -48.82 -38.37 14.63
C PRO D 470 -49.08 -39.23 15.86
N ARG D 471 -49.47 -38.58 16.95
CA ARG D 471 -49.71 -39.27 18.23
C ARG D 471 -51.21 -39.54 18.45
N SER D 472 -52.06 -38.88 17.68
CA SER D 472 -53.49 -38.90 17.96
C SER D 472 -54.28 -40.04 17.31
N HIS D 473 -54.31 -40.08 15.97
CA HIS D 473 -55.17 -41.00 15.18
C HIS D 473 -56.66 -40.68 15.36
C1 GLC E . 45.66 22.34 -9.67
C2 GLC E . 45.33 21.90 -11.09
C3 GLC E . 46.49 21.17 -11.72
C4 GLC E . 47.73 22.05 -11.70
C5 GLC E . 48.02 22.45 -10.28
C6 GLC E . 49.15 23.47 -10.15
O2 GLC E . 44.30 20.92 -10.97
O3 GLC E . 46.16 21.10 -13.15
O4 GLC E . 48.82 21.26 -12.27
O5 GLC E . 46.84 23.13 -9.79
O6 GLC E . 49.77 23.45 -8.81
C1 FRU E . 43.93 20.34 -7.89
C2 FRU E . 45.26 21.03 -7.65
C3 FRU E . 46.02 20.27 -6.57
C4 FRU E . 46.92 21.37 -5.98
C5 FRU E . 45.95 22.55 -5.93
C6 FRU E . 46.64 23.88 -5.92
O1 FRU E . 43.22 20.55 -6.64
O2 FRU E . 45.95 21.13 -8.92
O3 FRU E . 46.87 19.33 -7.24
O4 FRU E . 47.29 21.07 -4.62
O5 FRU E . 45.20 22.42 -7.17
O6 FRU E . 47.37 24.01 -7.20
C1 GLC F . -10.83 -19.02 -0.29
C2 GLC F . -11.05 -19.65 -1.67
C3 GLC F . -9.81 -20.40 -2.25
C4 GLC F . -8.63 -19.49 -2.15
C5 GLC F . -8.43 -19.11 -0.68
C6 GLC F . -7.20 -18.20 -0.56
O2 GLC F . -12.02 -20.69 -1.62
O3 GLC F . -9.98 -20.55 -3.69
O4 GLC F . -7.52 -20.23 -2.73
O5 GLC F . -9.59 -18.24 -0.38
O6 GLC F . -6.57 -18.34 0.82
C1 FRU F . -12.68 -20.78 1.55
C2 FRU F . -11.28 -20.21 1.84
C3 FRU F . -10.50 -21.05 2.84
C4 FRU F . -9.49 -20.02 3.33
C5 FRU F . -10.41 -18.83 3.59
C6 FRU F . -9.71 -17.51 3.61
O1 FRU F . -12.95 -21.59 2.74
O2 FRU F . -10.52 -20.11 0.61
O3 FRU F . -9.81 -22.12 2.15
O4 FRU F . -8.88 -20.46 4.58
O5 FRU F . -11.34 -18.90 2.47
O6 FRU F . -8.93 -17.42 2.36
C1 GLC G . -36.01 33.66 -17.38
C2 GLC G . -35.68 34.43 -16.09
C3 GLC G . -36.91 34.95 -15.30
C4 GLC G . -37.82 35.67 -16.28
C5 GLC G . -38.17 34.76 -17.44
C6 GLC G . -39.12 35.45 -18.39
O2 GLC G . -35.04 33.50 -15.21
O3 GLC G . -36.42 35.95 -14.35
O4 GLC G . -39.04 35.97 -15.56
O5 GLC G . -36.91 34.51 -18.16
O6 GLC G . -39.83 34.43 -19.20
C1 FRU G . -35.10 30.82 -16.68
C2 FRU G . -36.24 31.24 -17.59
C3 FRU G . -37.32 30.16 -17.80
C4 FRU G . -38.03 30.75 -19.03
C5 FRU G . -36.84 30.98 -19.90
C6 FRU G . -37.06 31.98 -21.00
O1 FRU G . -34.24 30.11 -17.58
O2 FRU G . -36.73 32.49 -17.01
O3 FRU G . -38.27 30.20 -16.73
O4 FRU G . -38.87 29.76 -19.63
O5 FRU G . -35.81 31.46 -18.96
O6 FRU G . -37.81 33.17 -20.54
C1 GLC H . 4.94 -14.36 16.28
C2 GLC H . 5.34 -13.63 17.54
C3 GLC H . 4.12 -13.12 18.33
C4 GLC H . 3.22 -12.29 17.43
C5 GLC H . 2.84 -13.15 16.23
C6 GLC H . 1.93 -12.40 15.27
O2 GLC H . 5.87 -14.59 18.44
O3 GLC H . 4.66 -12.26 19.38
O4 GLC H . 1.99 -12.03 18.16
O5 GLC H . 4.07 -13.46 15.53
O6 GLC H . 1.24 -13.34 14.38
C1 FRU H . 6.07 -17.13 16.87
C2 FRU H . 4.86 -16.79 16.02
C3 FRU H . 3.84 -17.92 15.93
C4 FRU H . 3.00 -17.32 14.83
C5 FRU H . 4.07 -17.02 13.77
C6 FRU H . 3.69 -15.93 12.79
O1 FRU H . 6.66 -18.37 16.36
O2 FRU H . 4.25 -15.59 16.60
O3 FRU H . 2.99 -17.87 17.06
O4 FRU H . 2.01 -18.21 14.34
O5 FRU H . 5.15 -16.50 14.61
O6 FRU H . 3.66 -14.64 13.53
CHA HEM I . 26.08 33.24 8.48
CHB HEM I . 26.30 28.60 9.71
CHC HEM I . 21.71 27.99 8.28
CHD HEM I . 21.63 32.54 6.67
C1A HEM I . 26.53 32.04 8.99
C2A HEM I . 27.82 31.84 9.62
C3A HEM I . 27.89 30.59 9.97
C4A HEM I . 26.63 29.93 9.57
CMA HEM I . 29.07 29.90 10.67
CAA HEM I . 28.91 32.91 9.81
CBA HEM I . 28.78 33.67 11.16
CGA HEM I . 29.94 34.62 11.39
O1A HEM I . 30.34 34.84 12.56
O2A HEM I . 30.48 35.23 10.43
C1B HEM I . 25.10 28.01 9.37
C2B HEM I . 24.79 26.62 9.51
C3B HEM I . 23.50 26.42 9.11
C4B HEM I . 22.99 27.72 8.70
CMB HEM I . 25.84 25.61 10.04
CAB HEM I . 22.65 25.12 9.03
CBB HEM I . 23.06 24.03 9.65
C1C HEM I . 21.24 29.19 7.76
C2C HEM I . 19.90 29.50 7.31
C3C HEM I . 19.91 30.77 6.86
C4C HEM I . 21.23 31.26 7.01
CMC HEM I . 18.70 28.50 7.38
CAC HEM I . 18.74 31.65 6.26
CBC HEM I . 17.49 31.56 6.72
C1D HEM I . 22.81 33.13 7.01
C2D HEM I . 23.15 34.51 6.72
C3D HEM I . 24.56 34.74 7.26
C4D HEM I . 24.90 33.48 7.85
CMD HEM I . 22.24 35.52 5.96
CAD HEM I . 25.43 36.02 7.24
CBD HEM I . 25.30 36.79 8.59
CGD HEM I . 26.10 38.09 8.53
O1D HEM I . 25.75 39.10 9.24
O2D HEM I . 27.08 38.14 7.78
NA HEM I . 25.81 30.87 8.98
NB HEM I . 23.98 28.65 8.88
NC HEM I . 22.02 30.28 7.55
ND HEM I . 23.85 32.55 7.70
FE HEM I . 23.92 30.54 8.31
N1 9PL J . 25.25 29.09 4.43
C2 9PL J . 24.42 29.07 5.51
N3 9PL J . 24.76 30.08 6.32
C4 9PL J . 25.80 30.73 5.79
C5 9PL J . 26.12 30.12 4.60
C6 9PL J . 25.22 28.14 3.25
C7 9PL J . 27.22 30.49 3.63
C8 9PL J . 28.58 29.91 4.09
C9 9PL J . 28.40 28.41 4.36
O10 9PL J . 28.51 27.81 3.07
C11 9PL J . 29.27 28.68 2.22
C12 9PL J . 29.63 29.94 2.95
C13 9PL J . 29.55 31.17 2.03
C14 9PL J . 30.71 31.20 1.08
O15 9PL J . 29.57 28.42 1.06
CHA HEM K . 24.12 -27.52 -0.80
CHB HEM K . 22.55 -31.11 1.95
CHC HEM K . 26.81 -31.55 4.10
CHD HEM K . 28.40 -27.81 1.47
C1A HEM K . 23.32 -28.51 -0.28
C2A HEM K . 21.95 -28.76 -0.67
C3A HEM K . 21.51 -29.77 0.10
C4A HEM K . 22.59 -30.15 0.99
CMA HEM K . 20.13 -30.42 0.06
CAA HEM K . 21.18 -27.97 -1.76
CBA HEM K . 21.41 -28.54 -3.17
CGA HEM K . 20.57 -27.78 -4.20
O1A HEM K . 19.99 -28.43 -5.13
O2A HEM K . 20.38 -26.54 -4.12
C1B HEM K . 23.53 -31.51 2.82
C2B HEM K . 23.37 -32.52 3.85
C3B HEM K . 24.58 -32.66 4.45
C4B HEM K . 25.48 -31.71 3.81
CMB HEM K . 22.07 -33.27 4.11
CAB HEM K . 25.01 -33.60 5.59
CBB HEM K . 24.35 -34.73 5.84
C1C HEM K . 27.66 -30.63 3.50
C2C HEM K . 29.09 -30.55 3.66
C3C HEM K . 29.50 -29.51 2.93
C4C HEM K . 28.37 -28.92 2.29
CMC HEM K . 29.94 -31.55 4.51
CAC HEM K . 30.95 -28.97 2.69
CBC HEM K . 31.96 -29.21 3.51
C1D HEM K . 27.39 -27.37 0.64
C2D HEM K . 27.50 -26.23 -0.25
C3D HEM K . 26.17 -26.15 -0.96
C4D HEM K . 25.39 -27.24 -0.41
CMD HEM K . 28.71 -25.30 -0.41
CAD HEM K . 25.68 -25.13 -2.02
CBD HEM K . 25.92 -25.76 -3.42
CGD HEM K . 25.56 -24.76 -4.51
O1D HEM K . 26.19 -24.79 -5.61
O2D HEM K . 24.65 -23.90 -4.31
NA HEM K . 23.69 -29.40 0.72
NB HEM K . 24.80 -31.03 2.84
NC HEM K . 27.26 -29.60 2.67
ND HEM K . 26.12 -27.95 0.53
FE HEM K . 25.45 -29.50 1.71
N1 9PL L . 24.29 -27.02 4.98
C2 9PL L . 24.92 -28.09 4.38
N3 9PL L . 24.75 -27.95 3.07
C4 9PL L . 24.03 -26.86 2.82
C5 9PL L . 23.72 -26.28 4.02
C6 9PL L . 24.26 -26.77 6.47
C7 9PL L . 22.91 -25.02 4.21
C8 9PL L . 21.39 -25.33 4.25
C9 9PL L . 21.12 -26.47 5.27
O10 9PL L . 20.89 -25.76 6.50
C11 9PL L . 20.63 -24.37 6.24
C12 9PL L . 20.56 -24.12 4.78
C13 9PL L . 21.02 -22.70 4.37
C14 9PL L . 20.21 -21.58 4.98
O15 9PL L . 20.49 -23.50 7.09
CHA HEM M . -17.01 20.56 -34.93
CHB HEM M . -18.40 16.97 -32.01
CHC HEM M . -13.99 16.64 -29.96
CHD HEM M . -12.73 20.38 -32.69
C1A HEM M . -17.79 19.57 -34.37
C2A HEM M . -19.13 19.25 -34.71
C3A HEM M . -19.53 18.25 -33.89
C4A HEM M . -18.42 17.92 -33.03
CMA HEM M . -20.90 17.56 -33.84
CAA HEM M . -19.97 19.98 -35.76
CBA HEM M . -19.71 19.43 -37.16
CGA HEM M . -20.67 20.15 -38.08
O1A HEM M . -21.30 19.52 -38.99
O2A HEM M . -20.85 21.39 -37.91
C1B HEM M . -17.34 16.62 -31.18
C2B HEM M . -17.40 15.61 -30.11
C3B HEM M . -16.18 15.51 -29.59
C4B HEM M . -15.32 16.47 -30.26
CMB HEM M . -18.67 14.78 -29.76
CAB HEM M . -15.67 14.59 -28.46
CBB HEM M . -16.34 13.50 -28.08
C1C HEM M . -13.22 17.60 -30.58
C2C HEM M . -11.81 17.73 -30.49
C3C HEM M . -11.48 18.78 -31.24
C4C HEM M . -12.66 19.30 -31.86
CMC HEM M . -10.88 16.79 -29.64
CAC HEM M . -10.05 19.37 -31.48
CBC HEM M . -9.06 19.06 -30.60
C1D HEM M . -13.73 20.78 -33.52
C2D HEM M . -13.64 21.94 -34.40
C3D HEM M . -14.97 22.00 -35.08
C4D HEM M . -15.74 20.89 -34.54
CMD HEM M . -12.46 22.95 -34.62
CAD HEM M . -15.37 23.03 -36.15
CBD HEM M . -15.27 22.34 -37.50
CGD HEM M . -15.72 23.27 -38.59
O1D HEM M . -15.22 23.14 -39.74
O2D HEM M . -16.60 24.13 -38.34
NA HEM M . -17.38 18.76 -33.37
NB HEM M . -16.04 17.15 -31.23
NC HEM M . -13.69 18.57 -31.44
ND HEM M . -15.00 20.20 -33.63
FE HEM M . -15.54 18.64 -32.40
N1 9PL N . -16.77 21.12 -29.15
C2 9PL N . -16.16 20.06 -29.70
N3 9PL N . -16.30 20.14 -31.01
C4 9PL N . -17.00 21.22 -31.30
C5 9PL N . -17.30 21.88 -30.10
C6 9PL N . -16.76 21.41 -27.67
C7 9PL N . -18.06 23.19 -29.92
C8 9PL N . -19.57 22.98 -29.96
C9 9PL N . -19.96 21.74 -29.19
O10 9PL N . -20.20 22.26 -27.86
C11 9PL N . -20.34 23.68 -27.86
C12 9PL N . -20.38 24.12 -29.28
C13 9PL N . -19.91 25.55 -29.50
C14 9PL N . -21.04 26.53 -29.26
O15 9PL N . -20.37 24.40 -26.86
CHA HEM O . -30.14 -7.98 18.15
CHB HEM O . -30.18 -12.66 19.33
CHC HEM O . -34.77 -13.17 17.81
CHD HEM O . -34.62 -8.57 16.39
C1A HEM O . -29.77 -9.19 18.67
C2A HEM O . -28.51 -9.50 19.36
C3A HEM O . -28.52 -10.79 19.68
C4A HEM O . -29.77 -11.34 19.22
CMA HEM O . -27.44 -11.61 20.39
CAA HEM O . -27.38 -8.48 19.59
CBA HEM O . -27.56 -7.69 20.91
CGA HEM O . -26.31 -6.82 21.09
O1A HEM O . -25.87 -6.57 22.25
O2A HEM O . -25.75 -6.34 20.07
C1B HEM O . -31.41 -13.18 18.98
C2B HEM O . -31.78 -14.60 19.10
C3B HEM O . -33.06 -14.74 18.71
C4B HEM O . -33.51 -13.42 18.29
CMB HEM O . -30.82 -15.70 19.64
CAB HEM O . -33.96 -16.00 18.66
CBB HEM O . -33.56 -17.21 19.02
C1C HEM O . -35.17 -11.94 17.32
C2C HEM O . -36.49 -11.56 16.91
C3C HEM O . -36.42 -10.27 16.51
C4C HEM O . -35.07 -9.82 16.69
CMC HEM O . -37.74 -12.54 16.97
CAC HEM O . -37.56 -9.35 15.98
CBC HEM O . -38.84 -9.79 15.86
C1D HEM O . -33.43 -7.99 16.72
C2D HEM O . -33.09 -6.61 16.42
C3D HEM O . -31.68 -6.42 16.95
C4D HEM O . -31.33 -7.71 17.52
CMD HEM O . -33.96 -5.53 15.68
CAD HEM O . -30.87 -5.12 16.89
CBD HEM O . -30.86 -4.49 18.26
CGD HEM O . -30.07 -3.22 18.19
O1D HEM O . -30.43 -2.27 18.95
O2D HEM O . -29.09 -3.17 17.39
NA HEM O . -30.49 -10.31 18.62
NB HEM O . -32.48 -12.48 18.45
NC HEM O . -34.34 -10.85 17.17
ND HEM O . -32.37 -8.61 17.36
FE HEM O . -32.44 -10.64 17.91
N1 9PL P . -31.05 -12.05 14.04
C2 9PL P . -31.87 -12.08 15.14
N3 9PL P . -31.49 -11.12 15.98
C4 9PL P . -30.44 -10.47 15.46
C5 9PL P . -30.15 -11.06 14.21
C6 9PL P . -31.20 -12.96 12.87
C7 9PL P . -29.04 -10.67 13.24
C8 9PL P . -27.72 -11.28 13.67
C9 9PL P . -27.87 -12.71 14.10
O10 9PL P . -27.79 -13.39 12.81
C11 9PL P . -27.13 -12.59 11.83
C12 9PL P . -26.72 -11.33 12.49
C13 9PL P . -26.81 -10.16 11.52
C14 9PL P . -25.43 -9.95 10.96
O15 9PL P . -26.97 -12.88 10.66
#